data_3ONT
# 
_entry.id   3ONT 
# 
_audit_conform.dict_name       mmcif_pdbx.dic 
_audit_conform.dict_version    5.397 
_audit_conform.dict_location   http://mmcif.pdb.org/dictionaries/ascii/mmcif_pdbx.dic 
# 
loop_
_database_2.database_id 
_database_2.database_code 
_database_2.pdbx_database_accession 
_database_2.pdbx_DOI 
PDB   3ONT         pdb_00003ont 10.2210/pdb3ont/pdb 
RCSB  RCSB061349   ?            ?                   
WWPDB D_1000061349 ?            ?                   
# 
loop_
_pdbx_audit_revision_history.ordinal 
_pdbx_audit_revision_history.data_content_type 
_pdbx_audit_revision_history.major_revision 
_pdbx_audit_revision_history.minor_revision 
_pdbx_audit_revision_history.revision_date 
1 'Structure model' 1 0 2011-01-19 
2 'Structure model' 1 1 2011-07-13 
3 'Structure model' 1 2 2024-10-30 
# 
_pdbx_audit_revision_details.ordinal             1 
_pdbx_audit_revision_details.revision_ordinal    1 
_pdbx_audit_revision_details.data_content_type   'Structure model' 
_pdbx_audit_revision_details.provider            repository 
_pdbx_audit_revision_details.type                'Initial release' 
_pdbx_audit_revision_details.description         ? 
_pdbx_audit_revision_details.details             ? 
# 
loop_
_pdbx_audit_revision_group.ordinal 
_pdbx_audit_revision_group.revision_ordinal 
_pdbx_audit_revision_group.data_content_type 
_pdbx_audit_revision_group.group 
1 2 'Structure model' 'Version format compliance' 
2 3 'Structure model' 'Data collection'           
3 3 'Structure model' 'Database references'       
4 3 'Structure model' 'Derived calculations'      
5 3 'Structure model' 'Structure summary'         
# 
loop_
_pdbx_audit_revision_category.ordinal 
_pdbx_audit_revision_category.revision_ordinal 
_pdbx_audit_revision_category.data_content_type 
_pdbx_audit_revision_category.category 
1 3 'Structure model' chem_comp_atom            
2 3 'Structure model' chem_comp_bond            
3 3 'Structure model' database_2                
4 3 'Structure model' pdbx_entry_details        
5 3 'Structure model' pdbx_modification_feature 
6 3 'Structure model' struct_conn               
7 3 'Structure model' struct_ref_seq_dif        
# 
loop_
_pdbx_audit_revision_item.ordinal 
_pdbx_audit_revision_item.revision_ordinal 
_pdbx_audit_revision_item.data_content_type 
_pdbx_audit_revision_item.item 
1 3 'Structure model' '_database_2.pdbx_DOI'                
2 3 'Structure model' '_database_2.pdbx_database_accession' 
3 3 'Structure model' '_struct_conn.pdbx_leaving_atom_flag' 
4 3 'Structure model' '_struct_ref_seq_dif.details'         
# 
_pdbx_database_status.status_code                     REL 
_pdbx_database_status.entry_id                        3ONT 
_pdbx_database_status.recvd_initial_deposition_date   2010-08-30 
_pdbx_database_status.deposit_site                    RCSB 
_pdbx_database_status.process_site                    RCSB 
_pdbx_database_status.status_code_sf                  REL 
_pdbx_database_status.status_code_mr                  ? 
_pdbx_database_status.SG_entry                        ? 
_pdbx_database_status.status_code_cs                  ? 
_pdbx_database_status.pdb_format_compatible           Y 
_pdbx_database_status.status_code_nmr_data            ? 
_pdbx_database_status.methods_development_category    ? 
# 
loop_
_audit_author.name 
_audit_author.pdbx_ordinal 
'Colbert, C.L.'   1 
'Kwon, H.J.'      2 
'Deisenhofer, J.' 3 
# 
_citation.id                        primary 
_citation.title                     'Crystal structure of Spot 14, a modulator of fatty acid synthesis.' 
_citation.journal_abbrev            Proc.Natl.Acad.Sci.USA 
_citation.journal_volume            107 
_citation.page_first                18820 
_citation.page_last                 18825 
_citation.year                      2010 
_citation.journal_id_ASTM           PNASA6 
_citation.country                   US 
_citation.journal_id_ISSN           0027-8424 
_citation.journal_id_CSD            0040 
_citation.book_publisher            ? 
_citation.pdbx_database_id_PubMed   20952656 
_citation.pdbx_database_id_DOI      10.1073/pnas.1012736107 
# 
loop_
_citation_author.citation_id 
_citation_author.name 
_citation_author.ordinal 
_citation_author.identifier_ORCID 
primary 'Colbert, C.L.'   1  ? 
primary 'Kim, C.W.'       2  ? 
primary 'Moon, Y.A.'      3  ? 
primary 'Henry, L.'       4  ? 
primary 'Palnitkar, M.'   5  ? 
primary 'McKean, W.B.'    6  ? 
primary 'Fitzgerald, K.'  7  ? 
primary 'Deisenhofer, J.' 8  ? 
primary 'Horton, J.D.'    9  ? 
primary 'Kwon, H.J.'      10 ? 
# 
loop_
_entity.id 
_entity.type 
_entity.src_method 
_entity.pdbx_description 
_entity.formula_weight 
_entity.pdbx_number_of_molecules 
_entity.pdbx_ec 
_entity.pdbx_mutation 
_entity.pdbx_fragment 
_entity.details 
1 polymer man 'Spot 14 protein' 17538.828 1 ? ? ? ? 
2 water   nat water             18.015    6 ? ? ? ? 
# 
_entity_name_com.entity_id   1 
_entity_name_com.name        'Thyroid hormone-inducible hepatic protein, SPOT14, S14' 
# 
_entity_poly.entity_id                      1 
_entity_poly.type                           'polypeptide(L)' 
_entity_poly.nstd_linkage                   no 
_entity_poly.nstd_monomer                   yes 
_entity_poly.pdbx_seq_one_letter_code       
;GS(MSE)QVLTKRYPKNCLLTV(MSE)DRYSAVVRN(MSE)EQVV(MSE)IPSLLRDVQLSGPGGSVQDGAPDLYTYFT
(MSE)LKSICVEVDHGLLPREEWQAKVAGNETSEAENDAAETEEAEEDRISEELDLEAQFHLHFCSLHHILTHLTRKAQE
VTRKYQE(MSE)TGQVL
;
_entity_poly.pdbx_seq_one_letter_code_can   
;GSMQVLTKRYPKNCLLTVMDRYSAVVRNMEQVVMIPSLLRDVQLSGPGGSVQDGAPDLYTYFTMLKSICVEVDHGLLPRE
EWQAKVAGNETSEAENDAAETEEAEEDRISEELDLEAQFHLHFCSLHHILTHLTRKAQEVTRKYQEMTGQVL
;
_entity_poly.pdbx_strand_id                 A 
_entity_poly.pdbx_target_identifier         ? 
# 
_pdbx_entity_nonpoly.entity_id   2 
_pdbx_entity_nonpoly.name        water 
_pdbx_entity_nonpoly.comp_id     HOH 
# 
loop_
_entity_poly_seq.entity_id 
_entity_poly_seq.num 
_entity_poly_seq.mon_id 
_entity_poly_seq.hetero 
1 1   GLY n 
1 2   SER n 
1 3   MSE n 
1 4   GLN n 
1 5   VAL n 
1 6   LEU n 
1 7   THR n 
1 8   LYS n 
1 9   ARG n 
1 10  TYR n 
1 11  PRO n 
1 12  LYS n 
1 13  ASN n 
1 14  CYS n 
1 15  LEU n 
1 16  LEU n 
1 17  THR n 
1 18  VAL n 
1 19  MSE n 
1 20  ASP n 
1 21  ARG n 
1 22  TYR n 
1 23  SER n 
1 24  ALA n 
1 25  VAL n 
1 26  VAL n 
1 27  ARG n 
1 28  ASN n 
1 29  MSE n 
1 30  GLU n 
1 31  GLN n 
1 32  VAL n 
1 33  VAL n 
1 34  MSE n 
1 35  ILE n 
1 36  PRO n 
1 37  SER n 
1 38  LEU n 
1 39  LEU n 
1 40  ARG n 
1 41  ASP n 
1 42  VAL n 
1 43  GLN n 
1 44  LEU n 
1 45  SER n 
1 46  GLY n 
1 47  PRO n 
1 48  GLY n 
1 49  GLY n 
1 50  SER n 
1 51  VAL n 
1 52  GLN n 
1 53  ASP n 
1 54  GLY n 
1 55  ALA n 
1 56  PRO n 
1 57  ASP n 
1 58  LEU n 
1 59  TYR n 
1 60  THR n 
1 61  TYR n 
1 62  PHE n 
1 63  THR n 
1 64  MSE n 
1 65  LEU n 
1 66  LYS n 
1 67  SER n 
1 68  ILE n 
1 69  CYS n 
1 70  VAL n 
1 71  GLU n 
1 72  VAL n 
1 73  ASP n 
1 74  HIS n 
1 75  GLY n 
1 76  LEU n 
1 77  LEU n 
1 78  PRO n 
1 79  ARG n 
1 80  GLU n 
1 81  GLU n 
1 82  TRP n 
1 83  GLN n 
1 84  ALA n 
1 85  LYS n 
1 86  VAL n 
1 87  ALA n 
1 88  GLY n 
1 89  ASN n 
1 90  GLU n 
1 91  THR n 
1 92  SER n 
1 93  GLU n 
1 94  ALA n 
1 95  GLU n 
1 96  ASN n 
1 97  ASP n 
1 98  ALA n 
1 99  ALA n 
1 100 GLU n 
1 101 THR n 
1 102 GLU n 
1 103 GLU n 
1 104 ALA n 
1 105 GLU n 
1 106 GLU n 
1 107 ASP n 
1 108 ARG n 
1 109 ILE n 
1 110 SER n 
1 111 GLU n 
1 112 GLU n 
1 113 LEU n 
1 114 ASP n 
1 115 LEU n 
1 116 GLU n 
1 117 ALA n 
1 118 GLN n 
1 119 PHE n 
1 120 HIS n 
1 121 LEU n 
1 122 HIS n 
1 123 PHE n 
1 124 CYS n 
1 125 SER n 
1 126 LEU n 
1 127 HIS n 
1 128 HIS n 
1 129 ILE n 
1 130 LEU n 
1 131 THR n 
1 132 HIS n 
1 133 LEU n 
1 134 THR n 
1 135 ARG n 
1 136 LYS n 
1 137 ALA n 
1 138 GLN n 
1 139 GLU n 
1 140 VAL n 
1 141 THR n 
1 142 ARG n 
1 143 LYS n 
1 144 TYR n 
1 145 GLN n 
1 146 GLU n 
1 147 MSE n 
1 148 THR n 
1 149 GLY n 
1 150 GLN n 
1 151 VAL n 
1 152 LEU n 
# 
_entity_src_gen.entity_id                          1 
_entity_src_gen.pdbx_src_id                        1 
_entity_src_gen.pdbx_alt_source_flag               sample 
_entity_src_gen.pdbx_seq_type                      ? 
_entity_src_gen.pdbx_beg_seq_num                   ? 
_entity_src_gen.pdbx_end_seq_num                   ? 
_entity_src_gen.gene_src_common_name               mouse 
_entity_src_gen.gene_src_genus                     ? 
_entity_src_gen.pdbx_gene_src_gene                 'S14, spot14, Thrsp' 
_entity_src_gen.gene_src_species                   ? 
_entity_src_gen.gene_src_strain                    ? 
_entity_src_gen.gene_src_tissue                    ? 
_entity_src_gen.gene_src_tissue_fraction           ? 
_entity_src_gen.gene_src_details                   ? 
_entity_src_gen.pdbx_gene_src_fragment             ? 
_entity_src_gen.pdbx_gene_src_scientific_name      'Mus musculus' 
_entity_src_gen.pdbx_gene_src_ncbi_taxonomy_id     10090 
_entity_src_gen.pdbx_gene_src_variant              ? 
_entity_src_gen.pdbx_gene_src_cell_line            ? 
_entity_src_gen.pdbx_gene_src_atcc                 ? 
_entity_src_gen.pdbx_gene_src_organ                ? 
_entity_src_gen.pdbx_gene_src_organelle            ? 
_entity_src_gen.pdbx_gene_src_cell                 ? 
_entity_src_gen.pdbx_gene_src_cellular_location    ? 
_entity_src_gen.host_org_common_name               ? 
_entity_src_gen.pdbx_host_org_scientific_name      'Escherichia coli' 
_entity_src_gen.pdbx_host_org_ncbi_taxonomy_id     562 
_entity_src_gen.host_org_genus                     ? 
_entity_src_gen.pdbx_host_org_gene                 ? 
_entity_src_gen.pdbx_host_org_organ                ? 
_entity_src_gen.host_org_species                   ? 
_entity_src_gen.pdbx_host_org_tissue               ? 
_entity_src_gen.pdbx_host_org_tissue_fraction      ? 
_entity_src_gen.pdbx_host_org_strain               'BL21(DE3)' 
_entity_src_gen.pdbx_host_org_variant              ? 
_entity_src_gen.pdbx_host_org_cell_line            ? 
_entity_src_gen.pdbx_host_org_atcc                 ? 
_entity_src_gen.pdbx_host_org_culture_collection   ? 
_entity_src_gen.pdbx_host_org_cell                 ? 
_entity_src_gen.pdbx_host_org_organelle            ? 
_entity_src_gen.pdbx_host_org_cellular_location    ? 
_entity_src_gen.pdbx_host_org_vector_type          plasmid 
_entity_src_gen.pdbx_host_org_vector               ? 
_entity_src_gen.host_org_details                   ? 
_entity_src_gen.expression_system_id               ? 
_entity_src_gen.plasmid_name                       ? 
_entity_src_gen.plasmid_details                    ? 
_entity_src_gen.pdbx_description                   ? 
# 
loop_
_chem_comp.id 
_chem_comp.type 
_chem_comp.mon_nstd_flag 
_chem_comp.name 
_chem_comp.pdbx_synonyms 
_chem_comp.formula 
_chem_comp.formula_weight 
ALA 'L-peptide linking' y ALANINE          ? 'C3 H7 N O2'     89.093  
ARG 'L-peptide linking' y ARGININE         ? 'C6 H15 N4 O2 1' 175.209 
ASN 'L-peptide linking' y ASPARAGINE       ? 'C4 H8 N2 O3'    132.118 
ASP 'L-peptide linking' y 'ASPARTIC ACID'  ? 'C4 H7 N O4'     133.103 
CYS 'L-peptide linking' y CYSTEINE         ? 'C3 H7 N O2 S'   121.158 
GLN 'L-peptide linking' y GLUTAMINE        ? 'C5 H10 N2 O3'   146.144 
GLU 'L-peptide linking' y 'GLUTAMIC ACID'  ? 'C5 H9 N O4'     147.129 
GLY 'peptide linking'   y GLYCINE          ? 'C2 H5 N O2'     75.067  
HIS 'L-peptide linking' y HISTIDINE        ? 'C6 H10 N3 O2 1' 156.162 
HOH non-polymer         . WATER            ? 'H2 O'           18.015  
ILE 'L-peptide linking' y ISOLEUCINE       ? 'C6 H13 N O2'    131.173 
LEU 'L-peptide linking' y LEUCINE          ? 'C6 H13 N O2'    131.173 
LYS 'L-peptide linking' y LYSINE           ? 'C6 H15 N2 O2 1' 147.195 
MSE 'L-peptide linking' n SELENOMETHIONINE ? 'C5 H11 N O2 Se' 196.106 
PHE 'L-peptide linking' y PHENYLALANINE    ? 'C9 H11 N O2'    165.189 
PRO 'L-peptide linking' y PROLINE          ? 'C5 H9 N O2'     115.130 
SER 'L-peptide linking' y SERINE           ? 'C3 H7 N O3'     105.093 
THR 'L-peptide linking' y THREONINE        ? 'C4 H9 N O3'     119.119 
TRP 'L-peptide linking' y TRYPTOPHAN       ? 'C11 H12 N2 O2'  204.225 
TYR 'L-peptide linking' y TYROSINE         ? 'C9 H11 N O3'    181.189 
VAL 'L-peptide linking' y VALINE           ? 'C5 H11 N O2'    117.146 
# 
loop_
_pdbx_poly_seq_scheme.asym_id 
_pdbx_poly_seq_scheme.entity_id 
_pdbx_poly_seq_scheme.seq_id 
_pdbx_poly_seq_scheme.mon_id 
_pdbx_poly_seq_scheme.ndb_seq_num 
_pdbx_poly_seq_scheme.pdb_seq_num 
_pdbx_poly_seq_scheme.auth_seq_num 
_pdbx_poly_seq_scheme.pdb_mon_id 
_pdbx_poly_seq_scheme.auth_mon_id 
_pdbx_poly_seq_scheme.pdb_strand_id 
_pdbx_poly_seq_scheme.pdb_ins_code 
_pdbx_poly_seq_scheme.hetero 
A 1 1   GLY 1   -1  ?   ?   ?   A . n 
A 1 2   SER 2   0   ?   ?   ?   A . n 
A 1 3   MSE 3   1   ?   ?   ?   A . n 
A 1 4   GLN 4   2   ?   ?   ?   A . n 
A 1 5   VAL 5   3   ?   ?   ?   A . n 
A 1 6   LEU 6   4   ?   ?   ?   A . n 
A 1 7   THR 7   5   ?   ?   ?   A . n 
A 1 8   LYS 8   6   ?   ?   ?   A . n 
A 1 9   ARG 9   7   ?   ?   ?   A . n 
A 1 10  TYR 10  8   8   TYR TYR A . n 
A 1 11  PRO 11  9   9   PRO PRO A . n 
A 1 12  LYS 12  10  10  LYS LYS A . n 
A 1 13  ASN 13  11  11  ASN ASN A . n 
A 1 14  CYS 14  12  12  CYS CYS A . n 
A 1 15  LEU 15  13  13  LEU LEU A . n 
A 1 16  LEU 16  14  14  LEU LEU A . n 
A 1 17  THR 17  15  15  THR THR A . n 
A 1 18  VAL 18  16  16  VAL VAL A . n 
A 1 19  MSE 19  17  17  MSE MSE A . n 
A 1 20  ASP 20  18  18  ASP ASP A . n 
A 1 21  ARG 21  19  19  ARG ARG A . n 
A 1 22  TYR 22  20  20  TYR TYR A . n 
A 1 23  SER 23  21  21  SER SER A . n 
A 1 24  ALA 24  22  22  ALA ALA A . n 
A 1 25  VAL 25  23  23  VAL VAL A . n 
A 1 26  VAL 26  24  24  VAL VAL A . n 
A 1 27  ARG 27  25  25  ARG ARG A . n 
A 1 28  ASN 28  26  26  ASN ASN A . n 
A 1 29  MSE 29  27  27  MSE MSE A . n 
A 1 30  GLU 30  28  28  GLU GLU A . n 
A 1 31  GLN 31  29  29  GLN GLN A . n 
A 1 32  VAL 32  30  30  VAL VAL A . n 
A 1 33  VAL 33  31  31  VAL VAL A . n 
A 1 34  MSE 34  32  32  MSE MSE A . n 
A 1 35  ILE 35  33  33  ILE ILE A . n 
A 1 36  PRO 36  34  34  PRO PRO A . n 
A 1 37  SER 37  35  35  SER SER A . n 
A 1 38  LEU 38  36  36  LEU LEU A . n 
A 1 39  LEU 39  37  37  LEU LEU A . n 
A 1 40  ARG 40  38  38  ARG ARG A . n 
A 1 41  ASP 41  39  39  ASP ASP A . n 
A 1 42  VAL 42  40  40  VAL VAL A . n 
A 1 43  GLN 43  41  41  GLN GLN A . n 
A 1 44  LEU 44  42  42  LEU LEU A . n 
A 1 45  SER 45  43  43  SER SER A . n 
A 1 46  GLY 46  44  44  GLY GLY A . n 
A 1 47  PRO 47  45  45  PRO PRO A . n 
A 1 48  GLY 48  46  ?   ?   ?   A . n 
A 1 49  GLY 49  47  ?   ?   ?   A . n 
A 1 50  SER 50  48  48  SER SER A . n 
A 1 51  VAL 51  49  49  VAL VAL A . n 
A 1 52  GLN 52  50  50  GLN GLN A . n 
A 1 53  ASP 53  51  51  ASP ASP A . n 
A 1 54  GLY 54  52  52  GLY GLY A . n 
A 1 55  ALA 55  53  53  ALA ALA A . n 
A 1 56  PRO 56  54  54  PRO PRO A . n 
A 1 57  ASP 57  55  55  ASP ASP A . n 
A 1 58  LEU 58  56  56  LEU LEU A . n 
A 1 59  TYR 59  57  57  TYR TYR A . n 
A 1 60  THR 60  58  58  THR THR A . n 
A 1 61  TYR 61  59  59  TYR TYR A . n 
A 1 62  PHE 62  60  60  PHE PHE A . n 
A 1 63  THR 63  61  61  THR THR A . n 
A 1 64  MSE 64  62  62  MSE MSE A . n 
A 1 65  LEU 65  63  63  LEU LEU A . n 
A 1 66  LYS 66  64  64  LYS LYS A . n 
A 1 67  SER 67  65  65  SER SER A . n 
A 1 68  ILE 68  66  66  ILE ILE A . n 
A 1 69  CYS 69  67  67  CYS CYS A . n 
A 1 70  VAL 70  68  68  VAL VAL A . n 
A 1 71  GLU 71  69  69  GLU GLU A . n 
A 1 72  VAL 72  70  70  VAL VAL A . n 
A 1 73  ASP 73  71  71  ASP ASP A . n 
A 1 74  HIS 74  72  72  HIS HIS A . n 
A 1 75  GLY 75  73  73  GLY GLY A . n 
A 1 76  LEU 76  74  74  LEU LEU A . n 
A 1 77  LEU 77  75  75  LEU LEU A . n 
A 1 78  PRO 78  76  76  PRO PRO A . n 
A 1 79  ARG 79  77  ?   ?   ?   A . n 
A 1 80  GLU 80  78  ?   ?   ?   A . n 
A 1 81  GLU 81  79  ?   ?   ?   A . n 
A 1 82  TRP 82  80  ?   ?   ?   A . n 
A 1 83  GLN 83  81  ?   ?   ?   A . n 
A 1 84  ALA 84  82  ?   ?   ?   A . n 
A 1 85  LYS 85  83  ?   ?   ?   A . n 
A 1 86  VAL 86  84  ?   ?   ?   A . n 
A 1 87  ALA 87  85  ?   ?   ?   A . n 
A 1 88  GLY 88  86  ?   ?   ?   A . n 
A 1 89  ASN 89  87  ?   ?   ?   A . n 
A 1 90  GLU 90  88  ?   ?   ?   A . n 
A 1 91  THR 91  89  ?   ?   ?   A . n 
A 1 92  SER 92  90  ?   ?   ?   A . n 
A 1 93  GLU 93  91  ?   ?   ?   A . n 
A 1 94  ALA 94  92  ?   ?   ?   A . n 
A 1 95  GLU 95  93  ?   ?   ?   A . n 
A 1 96  ASN 96  94  ?   ?   ?   A . n 
A 1 97  ASP 97  95  ?   ?   ?   A . n 
A 1 98  ALA 98  96  ?   ?   ?   A . n 
A 1 99  ALA 99  97  ?   ?   ?   A . n 
A 1 100 GLU 100 98  ?   ?   ?   A . n 
A 1 101 THR 101 99  ?   ?   ?   A . n 
A 1 102 GLU 102 100 ?   ?   ?   A . n 
A 1 103 GLU 103 101 ?   ?   ?   A . n 
A 1 104 ALA 104 102 ?   ?   ?   A . n 
A 1 105 GLU 105 103 ?   ?   ?   A . n 
A 1 106 GLU 106 104 ?   ?   ?   A . n 
A 1 107 ASP 107 105 105 ASP ASP A . n 
A 1 108 ARG 108 106 106 ARG ARG A . n 
A 1 109 ILE 109 107 107 ILE ILE A . n 
A 1 110 SER 110 108 108 SER SER A . n 
A 1 111 GLU 111 109 109 GLU GLU A . n 
A 1 112 GLU 112 110 110 GLU GLU A . n 
A 1 113 LEU 113 111 111 LEU LEU A . n 
A 1 114 ASP 114 112 112 ASP ASP A . n 
A 1 115 LEU 115 113 113 LEU LEU A . n 
A 1 116 GLU 116 114 114 GLU GLU A . n 
A 1 117 ALA 117 115 115 ALA ALA A . n 
A 1 118 GLN 118 116 116 GLN GLN A . n 
A 1 119 PHE 119 117 117 PHE PHE A . n 
A 1 120 HIS 120 118 118 HIS HIS A . n 
A 1 121 LEU 121 119 119 LEU LEU A . n 
A 1 122 HIS 122 120 120 HIS HIS A . n 
A 1 123 PHE 123 121 121 PHE PHE A . n 
A 1 124 CYS 124 122 122 CYS CYS A . n 
A 1 125 SER 125 123 123 SER SER A . n 
A 1 126 LEU 126 124 124 LEU LEU A . n 
A 1 127 HIS 127 125 125 HIS HIS A . n 
A 1 128 HIS 128 126 126 HIS HIS A . n 
A 1 129 ILE 129 127 127 ILE ILE A . n 
A 1 130 LEU 130 128 128 LEU LEU A . n 
A 1 131 THR 131 129 129 THR THR A . n 
A 1 132 HIS 132 130 130 HIS HIS A . n 
A 1 133 LEU 133 131 131 LEU LEU A . n 
A 1 134 THR 134 132 132 THR THR A . n 
A 1 135 ARG 135 133 133 ARG ARG A . n 
A 1 136 LYS 136 134 134 LYS LYS A . n 
A 1 137 ALA 137 135 135 ALA ALA A . n 
A 1 138 GLN 138 136 136 GLN GLN A . n 
A 1 139 GLU 139 137 137 GLU GLU A . n 
A 1 140 VAL 140 138 138 VAL VAL A . n 
A 1 141 THR 141 139 139 THR THR A . n 
A 1 142 ARG 142 140 140 ARG ARG A . n 
A 1 143 LYS 143 141 141 LYS LYS A . n 
A 1 144 TYR 144 142 142 TYR TYR A . n 
A 1 145 GLN 145 143 143 GLN GLN A . n 
A 1 146 GLU 146 144 144 GLU GLU A . n 
A 1 147 MSE 147 145 145 MSE MSE A . n 
A 1 148 THR 148 146 146 THR THR A . n 
A 1 149 GLY 149 147 147 GLY GLY A . n 
A 1 150 GLN 150 148 148 GLN GLN A . n 
A 1 151 VAL 151 149 149 VAL VAL A . n 
A 1 152 LEU 152 150 ?   ?   ?   A . n 
# 
loop_
_pdbx_nonpoly_scheme.asym_id 
_pdbx_nonpoly_scheme.entity_id 
_pdbx_nonpoly_scheme.mon_id 
_pdbx_nonpoly_scheme.ndb_seq_num 
_pdbx_nonpoly_scheme.pdb_seq_num 
_pdbx_nonpoly_scheme.auth_seq_num 
_pdbx_nonpoly_scheme.pdb_mon_id 
_pdbx_nonpoly_scheme.auth_mon_id 
_pdbx_nonpoly_scheme.pdb_strand_id 
_pdbx_nonpoly_scheme.pdb_ins_code 
B 2 HOH 1 151 1 HOH HOH A . 
B 2 HOH 2 152 2 HOH HOH A . 
B 2 HOH 3 153 3 HOH HOH A . 
B 2 HOH 4 154 4 HOH HOH A . 
B 2 HOH 5 155 5 HOH HOH A . 
B 2 HOH 6 156 6 HOH HOH A . 
# 
loop_
_software.name 
_software.classification 
_software.version 
_software.citation_id 
_software.pdbx_ordinal 
HKL-3000 'data collection' .        ? 1 
HKL-3000 phasing           .        ? 2 
REFMAC   refinement        5.5.0109 ? 3 
HKL-3000 'data reduction'  .        ? 4 
HKL-3000 'data scaling'    .        ? 5 
# 
_cell.entry_id           3ONT 
_cell.length_a           144.951 
_cell.length_b           144.951 
_cell.length_c           144.951 
_cell.angle_alpha        90.00 
_cell.angle_beta         90.00 
_cell.angle_gamma        90.00 
_cell.Z_PDB              48 
_cell.pdbx_unique_axis   ? 
_cell.length_a_esd       ? 
_cell.length_b_esd       ? 
_cell.length_c_esd       ? 
_cell.angle_alpha_esd    ? 
_cell.angle_beta_esd     ? 
_cell.angle_gamma_esd    ? 
# 
_symmetry.entry_id                         3ONT 
_symmetry.space_group_name_H-M             'I 4 3 2' 
_symmetry.pdbx_full_space_group_name_H-M   ? 
_symmetry.cell_setting                     ? 
_symmetry.Int_Tables_number                211 
_symmetry.space_group_name_Hall            ? 
# 
_exptl.entry_id          3ONT 
_exptl.method            'X-RAY DIFFRACTION' 
_exptl.crystals_number   1 
# 
_exptl_crystal.id                    1 
_exptl_crystal.density_meas          ? 
_exptl_crystal.density_Matthews      3.62 
_exptl_crystal.density_percent_sol   66.00 
_exptl_crystal.description           ? 
_exptl_crystal.F_000                 ? 
_exptl_crystal.preparation           ? 
# 
_exptl_crystal_grow.crystal_id      1 
_exptl_crystal_grow.method          'VAPOR DIFFUSION, HANGING DROP' 
_exptl_crystal_grow.temp            294 
_exptl_crystal_grow.temp_details    ? 
_exptl_crystal_grow.pH              6.0 
_exptl_crystal_grow.pdbx_details    
;0.100 M MES pH 6.0, 0.015 M magnesium chloride, 5% (w/v) polyethylene glycol 3000 and 30% (v/v) polyethylene glycol 200, VAPOR DIFFUSION, HANGING DROP, temperature 294K
;
_exptl_crystal_grow.pdbx_pH_range   ? 
# 
_diffrn.id                     1 
_diffrn.ambient_temp           100.0 
_diffrn.ambient_temp_details   ? 
_diffrn.crystal_id             1 
# 
_diffrn_detector.diffrn_id              1 
_diffrn_detector.detector               CCD 
_diffrn_detector.type                   'ADSC QUANTUM 315r' 
_diffrn_detector.pdbx_collection_date   2009-06-26 
_diffrn_detector.details                ? 
# 
_diffrn_radiation.diffrn_id                        1 
_diffrn_radiation.wavelength_id                    1 
_diffrn_radiation.pdbx_monochromatic_or_laue_m_l   M 
_diffrn_radiation.monochromator                    'sagittally focused Si 111 + sagittally focused Si 220' 
_diffrn_radiation.pdbx_diffrn_protocol             'SINGLE WAVELENGTH' 
_diffrn_radiation.pdbx_scattering_type             x-ray 
# 
_diffrn_radiation_wavelength.id           1 
_diffrn_radiation_wavelength.wavelength   0.9537 
_diffrn_radiation_wavelength.wt           1.0 
# 
_diffrn_source.diffrn_id                   1 
_diffrn_source.source                      SYNCHROTRON 
_diffrn_source.type                        'APS BEAMLINE 19-ID' 
_diffrn_source.pdbx_synchrotron_site       APS 
_diffrn_source.pdbx_synchrotron_beamline   19-ID 
_diffrn_source.pdbx_wavelength             ? 
_diffrn_source.pdbx_wavelength_list        0.9537 
# 
_reflns.entry_id                     3ONT 
_reflns.observed_criterion_sigma_I   0 
_reflns.observed_criterion_sigma_F   0 
_reflns.d_resolution_low             50.0 
_reflns.d_resolution_high            2.64 
_reflns.number_obs                   7919 
_reflns.number_all                   7941 
_reflns.percent_possible_obs         99.8 
_reflns.pdbx_Rmerge_I_obs            ? 
_reflns.pdbx_Rsym_value              0.063 
_reflns.pdbx_netI_over_sigmaI        14.9 
_reflns.B_iso_Wilson_estimate        92.2 
_reflns.pdbx_redundancy              9.1 
_reflns.R_free_details               ? 
_reflns.limit_h_max                  ? 
_reflns.limit_h_min                  ? 
_reflns.limit_k_max                  ? 
_reflns.limit_k_min                  ? 
_reflns.limit_l_max                  ? 
_reflns.limit_l_min                  ? 
_reflns.observed_criterion_F_max     ? 
_reflns.observed_criterion_F_min     ? 
_reflns.pdbx_chi_squared             ? 
_reflns.pdbx_scaling_rejects         ? 
_reflns.pdbx_diffrn_id               1 
_reflns.pdbx_ordinal                 1 
# 
_reflns_shell.d_res_high             2.64 
_reflns_shell.d_res_low              2.69 
_reflns_shell.percent_possible_all   100.0 
_reflns_shell.Rmerge_I_obs           ? 
_reflns_shell.pdbx_Rsym_value        0.552 
_reflns_shell.meanI_over_sigI_obs    ? 
_reflns_shell.pdbx_redundancy        7.5 
_reflns_shell.percent_possible_obs   ? 
_reflns_shell.number_unique_all      379 
_reflns_shell.number_measured_all    ? 
_reflns_shell.number_measured_obs    ? 
_reflns_shell.number_unique_obs      ? 
_reflns_shell.pdbx_chi_squared       ? 
_reflns_shell.pdbx_diffrn_id         ? 
_reflns_shell.pdbx_ordinal           1 
# 
_refine.entry_id                                 3ONT 
_refine.ls_number_reflns_obs                     7512 
_refine.ls_number_reflns_all                     7894 
_refine.pdbx_ls_sigma_I                          0.0 
_refine.pdbx_ls_sigma_F                          0.0 
_refine.pdbx_data_cutoff_high_absF               ? 
_refine.pdbx_data_cutoff_low_absF                ? 
_refine.pdbx_data_cutoff_high_rms_absF           ? 
_refine.ls_d_res_low                             38.74 
_refine.ls_d_res_high                            2.65 
_refine.ls_percent_reflns_obs                    99.76 
_refine.ls_R_factor_obs                          0.22424 
_refine.ls_R_factor_all                          0.22424 
_refine.ls_R_factor_R_work                       0.22305 
_refine.ls_R_factor_R_free                       0.24912 
_refine.ls_R_factor_R_free_error                 ? 
_refine.ls_R_factor_R_free_error_details         ? 
_refine.ls_percent_reflns_R_free                 4.6 
_refine.ls_number_reflns_R_free                  363 
_refine.ls_number_parameters                     ? 
_refine.ls_number_restraints                     ? 
_refine.occupancy_min                            ? 
_refine.occupancy_max                            ? 
_refine.correlation_coeff_Fo_to_Fc               0.935 
_refine.correlation_coeff_Fo_to_Fc_free          0.915 
_refine.B_iso_mean                               71.221 
_refine.aniso_B[1][1]                            ? 
_refine.aniso_B[2][2]                            ? 
_refine.aniso_B[3][3]                            ? 
_refine.aniso_B[1][2]                            ? 
_refine.aniso_B[1][3]                            ? 
_refine.aniso_B[2][3]                            ? 
_refine.solvent_model_details                    MASK 
_refine.solvent_model_param_ksol                 ? 
_refine.solvent_model_param_bsol                 ? 
_refine.pdbx_solvent_vdw_probe_radii             1.40 
_refine.pdbx_solvent_ion_probe_radii             0.80 
_refine.pdbx_solvent_shrinkage_radii             0.80 
_refine.pdbx_ls_cross_valid_method               THROUGHOUT 
_refine.details                                  'HYDROGENS HAVE BEEN ADDED IN THE RIDING POSITIONS' 
_refine.pdbx_starting_model                      ? 
_refine.pdbx_method_to_determine_struct          SAD 
_refine.pdbx_isotropic_thermal_model             ? 
_refine.pdbx_stereochemistry_target_values       'MAXIMUM LIKELIHOOD' 
_refine.pdbx_stereochem_target_val_spec_case     ? 
_refine.pdbx_R_Free_selection_details            RANDOM 
_refine.pdbx_overall_ESU_R_Free                  0.233 
_refine.overall_SU_ML                            0.172 
_refine.overall_SU_B                             18.171 
_refine.overall_SU_R_Cruickshank_DPI             ? 
_refine.ls_redundancy_reflns_obs                 ? 
_refine.B_iso_min                                ? 
_refine.B_iso_max                                ? 
_refine.overall_SU_R_free                        ? 
_refine.ls_wR_factor_R_free                      ? 
_refine.ls_wR_factor_R_work                      ? 
_refine.overall_FOM_free_R_set                   ? 
_refine.overall_FOM_work_R_set                   ? 
_refine.pdbx_overall_phase_error                 ? 
_refine.pdbx_refine_id                           'X-RAY DIFFRACTION' 
_refine.pdbx_overall_ESU_R                       ? 
_refine.pdbx_diffrn_id                           1 
_refine.pdbx_TLS_residual_ADP_flag               ? 
_refine.pdbx_overall_SU_R_free_Cruickshank_DPI   ? 
_refine.pdbx_overall_SU_R_Blow_DPI               ? 
_refine.pdbx_overall_SU_R_free_Blow_DPI          ? 
# 
_refine_hist.pdbx_refine_id                   'X-RAY DIFFRACTION' 
_refine_hist.cycle_id                         LAST 
_refine_hist.pdbx_number_atoms_protein        902 
_refine_hist.pdbx_number_atoms_nucleic_acid   0 
_refine_hist.pdbx_number_atoms_ligand         0 
_refine_hist.number_atoms_solvent             6 
_refine_hist.number_atoms_total               908 
_refine_hist.d_res_high                       2.65 
_refine_hist.d_res_low                        38.74 
# 
loop_
_refine_ls_restr.type 
_refine_ls_restr.dev_ideal 
_refine_ls_restr.dev_ideal_target 
_refine_ls_restr.weight 
_refine_ls_restr.number 
_refine_ls_restr.pdbx_refine_id 
_refine_ls_restr.pdbx_restraint_function 
r_bond_refined_d       0.013  0.022  ? 918  'X-RAY DIFFRACTION' ? 
r_angle_refined_deg    1.389  1.971  ? 1241 'X-RAY DIFFRACTION' ? 
r_dihedral_angle_1_deg 5.730  5.000  ? 109  'X-RAY DIFFRACTION' ? 
r_dihedral_angle_2_deg 32.436 23.953 ? 43   'X-RAY DIFFRACTION' ? 
r_dihedral_angle_3_deg 19.522 15.000 ? 166  'X-RAY DIFFRACTION' ? 
r_dihedral_angle_4_deg 20.240 15.000 ? 6    'X-RAY DIFFRACTION' ? 
r_chiral_restr         0.114  0.200  ? 145  'X-RAY DIFFRACTION' ? 
r_gen_planes_refined   0.008  0.021  ? 675  'X-RAY DIFFRACTION' ? 
r_mcbond_it            1.460  2.000  ? 558  'X-RAY DIFFRACTION' ? 
r_mcangle_it           2.701  3.000  ? 908  'X-RAY DIFFRACTION' ? 
r_scbond_it            1.837  3.000  ? 360  'X-RAY DIFFRACTION' ? 
r_scangle_it           2.587  3.000  ? 333  'X-RAY DIFFRACTION' ? 
# 
_refine_ls_shell.pdbx_total_number_of_bins_used   20 
_refine_ls_shell.d_res_high                       2.648 
_refine_ls_shell.d_res_low                        2.717 
_refine_ls_shell.number_reflns_R_work             528 
_refine_ls_shell.R_factor_R_work                  0.330 
_refine_ls_shell.percent_reflns_obs               99.65 
_refine_ls_shell.R_factor_R_free                  0.297 
_refine_ls_shell.R_factor_R_free_error            ? 
_refine_ls_shell.percent_reflns_R_free            ? 
_refine_ls_shell.number_reflns_R_free             36 
_refine_ls_shell.number_reflns_all                ? 
_refine_ls_shell.R_factor_all                     ? 
_refine_ls_shell.number_reflns_obs                ? 
_refine_ls_shell.redundancy_reflns_obs            ? 
_refine_ls_shell.pdbx_refine_id                   'X-RAY DIFFRACTION' 
# 
_struct.entry_id                  3ONT 
_struct.title                     'The Crystal Structure of Spot14, a modulator of lipogenesis' 
_struct.pdbx_model_details        ? 
_struct.pdbx_CASP_flag            ? 
_struct.pdbx_model_type_details   ? 
# 
_struct_keywords.entry_id        3ONT 
_struct_keywords.pdbx_keywords   'UNKNOWN FUNCTION' 
_struct_keywords.text            'alpha-helical, helical bundle, unknown function' 
# 
loop_
_struct_asym.id 
_struct_asym.pdbx_blank_PDB_chainid_flag 
_struct_asym.pdbx_modified 
_struct_asym.entity_id 
_struct_asym.details 
A N N 1 ? 
B N N 2 ? 
# 
_struct_ref.id                         1 
_struct_ref.db_name                    UNP 
_struct_ref.db_code                    THRSP_MOUSE 
_struct_ref.pdbx_db_accession          Q62264 
_struct_ref.entity_id                  1 
_struct_ref.pdbx_seq_one_letter_code   
;MQVLTKRYPKNCLLTVMDRYSAVVRNMEQVVMIPSLLRDVQLSGPGGSVQDGAPDLYTYFTMLKSICVEVDHGLLPREEW
QAKVAGNETSEAENDAAETEEAEEDRISEELDLEAQFHLHFCSLHHILTHLTRKAQEVTRKYQEMTGQVL
;
_struct_ref.pdbx_align_begin           1 
_struct_ref.pdbx_db_isoform            ? 
# 
_struct_ref_seq.align_id                      1 
_struct_ref_seq.ref_id                        1 
_struct_ref_seq.pdbx_PDB_id_code              3ONT 
_struct_ref_seq.pdbx_strand_id                A 
_struct_ref_seq.seq_align_beg                 3 
_struct_ref_seq.pdbx_seq_align_beg_ins_code   ? 
_struct_ref_seq.seq_align_end                 152 
_struct_ref_seq.pdbx_seq_align_end_ins_code   ? 
_struct_ref_seq.pdbx_db_accession             Q62264 
_struct_ref_seq.db_align_beg                  1 
_struct_ref_seq.pdbx_db_align_beg_ins_code    ? 
_struct_ref_seq.db_align_end                  150 
_struct_ref_seq.pdbx_db_align_end_ins_code    ? 
_struct_ref_seq.pdbx_auth_seq_align_beg       1 
_struct_ref_seq.pdbx_auth_seq_align_end       150 
# 
loop_
_struct_ref_seq_dif.align_id 
_struct_ref_seq_dif.pdbx_pdb_id_code 
_struct_ref_seq_dif.mon_id 
_struct_ref_seq_dif.pdbx_pdb_strand_id 
_struct_ref_seq_dif.seq_num 
_struct_ref_seq_dif.pdbx_pdb_ins_code 
_struct_ref_seq_dif.pdbx_seq_db_name 
_struct_ref_seq_dif.pdbx_seq_db_accession_code 
_struct_ref_seq_dif.db_mon_id 
_struct_ref_seq_dif.pdbx_seq_db_seq_num 
_struct_ref_seq_dif.details 
_struct_ref_seq_dif.pdbx_auth_seq_num 
_struct_ref_seq_dif.pdbx_ordinal 
1 3ONT GLY A 1 ? UNP Q62264 ? ? 'expression tag' -1 1 
1 3ONT SER A 2 ? UNP Q62264 ? ? 'expression tag' 0  2 
# 
_pdbx_struct_assembly.id                   1 
_pdbx_struct_assembly.details              author_and_software_defined_assembly 
_pdbx_struct_assembly.method_details       PISA 
_pdbx_struct_assembly.oligomeric_details   dimeric 
_pdbx_struct_assembly.oligomeric_count     2 
# 
loop_
_pdbx_struct_assembly_prop.biol_id 
_pdbx_struct_assembly_prop.type 
_pdbx_struct_assembly_prop.value 
_pdbx_struct_assembly_prop.details 
1 'ABSA (A^2)' 5290  ? 
1 MORE         -59   ? 
1 'SSA (A^2)'  12580 ? 
# 
_pdbx_struct_assembly_gen.assembly_id       1 
_pdbx_struct_assembly_gen.oper_expression   1,2 
_pdbx_struct_assembly_gen.asym_id_list      A,B 
# 
loop_
_pdbx_struct_oper_list.id 
_pdbx_struct_oper_list.type 
_pdbx_struct_oper_list.name 
_pdbx_struct_oper_list.symmetry_operation 
_pdbx_struct_oper_list.matrix[1][1] 
_pdbx_struct_oper_list.matrix[1][2] 
_pdbx_struct_oper_list.matrix[1][3] 
_pdbx_struct_oper_list.vector[1] 
_pdbx_struct_oper_list.matrix[2][1] 
_pdbx_struct_oper_list.matrix[2][2] 
_pdbx_struct_oper_list.matrix[2][3] 
_pdbx_struct_oper_list.vector[2] 
_pdbx_struct_oper_list.matrix[3][1] 
_pdbx_struct_oper_list.matrix[3][2] 
_pdbx_struct_oper_list.matrix[3][3] 
_pdbx_struct_oper_list.vector[3] 
1 'identity operation'         1_555  x,y,z                1.0000000000  0.0000000000 0.0000000000  0.0000000000  0.0000000000 1.0000000000 0.0000000000  0.0000000000  0.0000000000  0.0000000000  1.0000000000  0.0000000000  
2 'crystal symmetry operation' 43_555 -x+1/2,-z+1/2,-y+1/2 -0.9239604377 0.2972768263 -0.2406732185 12.0180078646 0.2972768263 0.1622043683 -0.9409124462 -7.8339768313 -0.2406732185 -0.9409124462 -0.2382439305 -5.8794066125 
# 
_struct_biol.id        1 
_struct_biol.details   ? 
# 
loop_
_struct_conf.conf_type_id 
_struct_conf.id 
_struct_conf.pdbx_PDB_helix_id 
_struct_conf.beg_label_comp_id 
_struct_conf.beg_label_asym_id 
_struct_conf.beg_label_seq_id 
_struct_conf.pdbx_beg_PDB_ins_code 
_struct_conf.end_label_comp_id 
_struct_conf.end_label_asym_id 
_struct_conf.end_label_seq_id 
_struct_conf.pdbx_end_PDB_ins_code 
_struct_conf.beg_auth_comp_id 
_struct_conf.beg_auth_asym_id 
_struct_conf.beg_auth_seq_id 
_struct_conf.end_auth_comp_id 
_struct_conf.end_auth_asym_id 
_struct_conf.end_auth_seq_id 
_struct_conf.pdbx_PDB_helix_class 
_struct_conf.details 
_struct_conf.pdbx_PDB_helix_length 
HELX_P HELX_P1 1 CYS A 14  ? VAL A 33  ? CYS A 12  VAL A 31  1 ? 20 
HELX_P HELX_P2 2 ILE A 35  ? ARG A 40  ? ILE A 33  ARG A 38  5 ? 6  
HELX_P HELX_P3 3 ASP A 57  ? HIS A 74  ? ASP A 55  HIS A 72  1 ? 18 
HELX_P HELX_P4 4 ILE A 109 ? ASP A 114 ? ILE A 107 ASP A 112 1 ? 6  
HELX_P HELX_P5 5 ASP A 114 ? THR A 148 ? ASP A 112 THR A 146 1 ? 35 
# 
_struct_conf_type.id          HELX_P 
_struct_conf_type.criteria    ? 
_struct_conf_type.reference   ? 
# 
loop_
_struct_conn.id 
_struct_conn.conn_type_id 
_struct_conn.pdbx_leaving_atom_flag 
_struct_conn.pdbx_PDB_id 
_struct_conn.ptnr1_label_asym_id 
_struct_conn.ptnr1_label_comp_id 
_struct_conn.ptnr1_label_seq_id 
_struct_conn.ptnr1_label_atom_id 
_struct_conn.pdbx_ptnr1_label_alt_id 
_struct_conn.pdbx_ptnr1_PDB_ins_code 
_struct_conn.pdbx_ptnr1_standard_comp_id 
_struct_conn.ptnr1_symmetry 
_struct_conn.ptnr2_label_asym_id 
_struct_conn.ptnr2_label_comp_id 
_struct_conn.ptnr2_label_seq_id 
_struct_conn.ptnr2_label_atom_id 
_struct_conn.pdbx_ptnr2_label_alt_id 
_struct_conn.pdbx_ptnr2_PDB_ins_code 
_struct_conn.ptnr1_auth_asym_id 
_struct_conn.ptnr1_auth_comp_id 
_struct_conn.ptnr1_auth_seq_id 
_struct_conn.ptnr2_auth_asym_id 
_struct_conn.ptnr2_auth_comp_id 
_struct_conn.ptnr2_auth_seq_id 
_struct_conn.ptnr2_symmetry 
_struct_conn.pdbx_ptnr3_label_atom_id 
_struct_conn.pdbx_ptnr3_label_seq_id 
_struct_conn.pdbx_ptnr3_label_comp_id 
_struct_conn.pdbx_ptnr3_label_asym_id 
_struct_conn.pdbx_ptnr3_label_alt_id 
_struct_conn.pdbx_ptnr3_PDB_ins_code 
_struct_conn.details 
_struct_conn.pdbx_dist_value 
_struct_conn.pdbx_value_order 
_struct_conn.pdbx_role 
covale1  covale both ? A VAL 18  C ? ? ? 1_555 A MSE 19  N ? ? A VAL 16  A MSE 17  1_555 ? ? ? ? ? ? ? 1.335 ? ? 
covale2  covale both ? A MSE 19  C ? ? ? 1_555 A ASP 20  N ? ? A MSE 17  A ASP 18  1_555 ? ? ? ? ? ? ? 1.327 ? ? 
covale3  covale both ? A ASN 28  C ? ? ? 1_555 A MSE 29  N ? ? A ASN 26  A MSE 27  1_555 ? ? ? ? ? ? ? 1.338 ? ? 
covale4  covale both ? A MSE 29  C ? ? ? 1_555 A GLU 30  N ? ? A MSE 27  A GLU 28  1_555 ? ? ? ? ? ? ? 1.328 ? ? 
covale5  covale both ? A VAL 33  C ? ? ? 1_555 A MSE 34  N ? ? A VAL 31  A MSE 32  1_555 ? ? ? ? ? ? ? 1.326 ? ? 
covale6  covale both ? A MSE 34  C ? ? ? 1_555 A ILE 35  N ? ? A MSE 32  A ILE 33  1_555 ? ? ? ? ? ? ? 1.338 ? ? 
covale7  covale both ? A THR 63  C ? ? ? 1_555 A MSE 64  N ? ? A THR 61  A MSE 62  1_555 ? ? ? ? ? ? ? 1.329 ? ? 
covale8  covale both ? A MSE 64  C ? ? ? 1_555 A LEU 65  N ? ? A MSE 62  A LEU 63  1_555 ? ? ? ? ? ? ? 1.332 ? ? 
covale9  covale both ? A GLU 146 C ? ? ? 1_555 A MSE 147 N ? ? A GLU 144 A MSE 145 1_555 ? ? ? ? ? ? ? 1.333 ? ? 
covale10 covale both ? A MSE 147 C ? ? ? 1_555 A THR 148 N ? ? A MSE 145 A THR 146 1_555 ? ? ? ? ? ? ? 1.321 ? ? 
# 
_struct_conn_type.id          covale 
_struct_conn_type.criteria    ? 
_struct_conn_type.reference   ? 
# 
loop_
_pdbx_modification_feature.ordinal 
_pdbx_modification_feature.label_comp_id 
_pdbx_modification_feature.label_asym_id 
_pdbx_modification_feature.label_seq_id 
_pdbx_modification_feature.label_alt_id 
_pdbx_modification_feature.modified_residue_label_comp_id 
_pdbx_modification_feature.modified_residue_label_asym_id 
_pdbx_modification_feature.modified_residue_label_seq_id 
_pdbx_modification_feature.modified_residue_label_alt_id 
_pdbx_modification_feature.auth_comp_id 
_pdbx_modification_feature.auth_asym_id 
_pdbx_modification_feature.auth_seq_id 
_pdbx_modification_feature.PDB_ins_code 
_pdbx_modification_feature.symmetry 
_pdbx_modification_feature.modified_residue_auth_comp_id 
_pdbx_modification_feature.modified_residue_auth_asym_id 
_pdbx_modification_feature.modified_residue_auth_seq_id 
_pdbx_modification_feature.modified_residue_PDB_ins_code 
_pdbx_modification_feature.modified_residue_symmetry 
_pdbx_modification_feature.comp_id_linking_atom 
_pdbx_modification_feature.modified_residue_id_linking_atom 
_pdbx_modification_feature.modified_residue_id 
_pdbx_modification_feature.ref_pcm_id 
_pdbx_modification_feature.ref_comp_id 
_pdbx_modification_feature.type 
_pdbx_modification_feature.category 
1 MSE A 19  ? . . . . MSE A 17  ? 1_555 . . . . . . . MET 1 MSE Selenomethionine 'Named protein modification' 
2 MSE A 29  ? . . . . MSE A 27  ? 1_555 . . . . . . . MET 1 MSE Selenomethionine 'Named protein modification' 
3 MSE A 34  ? . . . . MSE A 32  ? 1_555 . . . . . . . MET 1 MSE Selenomethionine 'Named protein modification' 
4 MSE A 64  ? . . . . MSE A 62  ? 1_555 . . . . . . . MET 1 MSE Selenomethionine 'Named protein modification' 
5 MSE A 147 ? . . . . MSE A 145 ? 1_555 . . . . . . . MET 1 MSE Selenomethionine 'Named protein modification' 
# 
_pdbx_entry_details.entry_id                   3ONT 
_pdbx_entry_details.compound_details           ? 
_pdbx_entry_details.source_details             ? 
_pdbx_entry_details.nonpolymer_details         ? 
_pdbx_entry_details.sequence_details           ? 
_pdbx_entry_details.has_ligand_of_interest     ? 
_pdbx_entry_details.has_protein_modification   Y 
# 
loop_
_pdbx_validate_torsion.id 
_pdbx_validate_torsion.PDB_model_num 
_pdbx_validate_torsion.auth_comp_id 
_pdbx_validate_torsion.auth_asym_id 
_pdbx_validate_torsion.auth_seq_id 
_pdbx_validate_torsion.PDB_ins_code 
_pdbx_validate_torsion.label_alt_id 
_pdbx_validate_torsion.phi 
_pdbx_validate_torsion.psi 
1 1 ASP A 55  ? ? -129.19 -169.73 
2 1 LEU A 74  ? ? 71.14   83.55   
3 1 ARG A 106 ? ? -89.71  48.95   
# 
loop_
_pdbx_struct_mod_residue.id 
_pdbx_struct_mod_residue.label_asym_id 
_pdbx_struct_mod_residue.label_comp_id 
_pdbx_struct_mod_residue.label_seq_id 
_pdbx_struct_mod_residue.auth_asym_id 
_pdbx_struct_mod_residue.auth_comp_id 
_pdbx_struct_mod_residue.auth_seq_id 
_pdbx_struct_mod_residue.PDB_ins_code 
_pdbx_struct_mod_residue.parent_comp_id 
_pdbx_struct_mod_residue.details 
1 A MSE 19  A MSE 17  ? MET SELENOMETHIONINE 
2 A MSE 29  A MSE 27  ? MET SELENOMETHIONINE 
3 A MSE 34  A MSE 32  ? MET SELENOMETHIONINE 
4 A MSE 64  A MSE 62  ? MET SELENOMETHIONINE 
5 A MSE 147 A MSE 145 ? MET SELENOMETHIONINE 
# 
loop_
_pdbx_refine_tls.pdbx_refine_id 
_pdbx_refine_tls.id 
_pdbx_refine_tls.details 
_pdbx_refine_tls.method 
_pdbx_refine_tls.origin_x 
_pdbx_refine_tls.origin_y 
_pdbx_refine_tls.origin_z 
_pdbx_refine_tls.T[1][1] 
_pdbx_refine_tls.T[2][2] 
_pdbx_refine_tls.T[3][3] 
_pdbx_refine_tls.T[1][2] 
_pdbx_refine_tls.T[1][3] 
_pdbx_refine_tls.T[2][3] 
_pdbx_refine_tls.L[1][1] 
_pdbx_refine_tls.L[2][2] 
_pdbx_refine_tls.L[3][3] 
_pdbx_refine_tls.L[1][2] 
_pdbx_refine_tls.L[1][3] 
_pdbx_refine_tls.L[2][3] 
_pdbx_refine_tls.S[1][1] 
_pdbx_refine_tls.S[1][2] 
_pdbx_refine_tls.S[1][3] 
_pdbx_refine_tls.S[2][1] 
_pdbx_refine_tls.S[2][2] 
_pdbx_refine_tls.S[2][3] 
_pdbx_refine_tls.S[3][1] 
_pdbx_refine_tls.S[3][2] 
_pdbx_refine_tls.S[3][3] 
'X-RAY DIFFRACTION' 1 ? refined -10.1433 5.2454  -4.2387 0.3022 0.2922 0.3180 0.0646 0.0924 0.0394 6.2079  1.2385 3.9291 -2.6969 -3.4113 1.7085 0.1225 0.2094  0.2279 -0.0436 -0.1648 -0.0431 0.2088  0.1722 0.0424  
'X-RAY DIFFRACTION' 2 ? refined -8.2233  3.9216  4.9447  0.3103 0.3008 0.3417 0.0404 0.0926 0.0221 11.0255 1.4915 1.7698 -3.4208 -4.4104 1.3270 0.0425 -0.6125 0.0689 0.0771  -0.0432 -0.0325 -0.0032 0.2781 0.0008  
'X-RAY DIFFRACTION' 3 ? refined 14.1518  -6.3730 0.4529  0.3379 0.2492 0.3458 0.0459 0.0949 0.0112 16.6097 0.5770 1.7910 -2.5273 -4.9561 0.5963 0.3124 -0.7393 0.3084 0.0675  -0.0153 -0.0409 -0.1921 0.2482 -0.2971 
# 
loop_
_pdbx_refine_tls_group.pdbx_refine_id 
_pdbx_refine_tls_group.id 
_pdbx_refine_tls_group.refine_tls_id 
_pdbx_refine_tls_group.beg_auth_asym_id 
_pdbx_refine_tls_group.beg_auth_seq_id 
_pdbx_refine_tls_group.beg_label_asym_id 
_pdbx_refine_tls_group.beg_label_seq_id 
_pdbx_refine_tls_group.end_auth_asym_id 
_pdbx_refine_tls_group.end_auth_seq_id 
_pdbx_refine_tls_group.end_label_asym_id 
_pdbx_refine_tls_group.end_label_seq_id 
_pdbx_refine_tls_group.selection 
_pdbx_refine_tls_group.selection_details 
'X-RAY DIFFRACTION' 1 1 A 8   ? ? A 45  ? ? ? ? 
'X-RAY DIFFRACTION' 2 2 A 49  ? ? A 76  ? ? ? ? 
'X-RAY DIFFRACTION' 3 3 A 105 ? ? A 149 ? ? ? ? 
# 
loop_
_pdbx_unobs_or_zero_occ_residues.id 
_pdbx_unobs_or_zero_occ_residues.PDB_model_num 
_pdbx_unobs_or_zero_occ_residues.polymer_flag 
_pdbx_unobs_or_zero_occ_residues.occupancy_flag 
_pdbx_unobs_or_zero_occ_residues.auth_asym_id 
_pdbx_unobs_or_zero_occ_residues.auth_comp_id 
_pdbx_unobs_or_zero_occ_residues.auth_seq_id 
_pdbx_unobs_or_zero_occ_residues.PDB_ins_code 
_pdbx_unobs_or_zero_occ_residues.label_asym_id 
_pdbx_unobs_or_zero_occ_residues.label_comp_id 
_pdbx_unobs_or_zero_occ_residues.label_seq_id 
1  1 Y 1 A GLY -1  ? A GLY 1   
2  1 Y 1 A SER 0   ? A SER 2   
3  1 Y 1 A MSE 1   ? A MSE 3   
4  1 Y 1 A GLN 2   ? A GLN 4   
5  1 Y 1 A VAL 3   ? A VAL 5   
6  1 Y 1 A LEU 4   ? A LEU 6   
7  1 Y 1 A THR 5   ? A THR 7   
8  1 Y 1 A LYS 6   ? A LYS 8   
9  1 Y 1 A ARG 7   ? A ARG 9   
10 1 Y 1 A GLY 46  ? A GLY 48  
11 1 Y 1 A GLY 47  ? A GLY 49  
12 1 Y 1 A ARG 77  ? A ARG 79  
13 1 Y 1 A GLU 78  ? A GLU 80  
14 1 Y 1 A GLU 79  ? A GLU 81  
15 1 Y 1 A TRP 80  ? A TRP 82  
16 1 Y 1 A GLN 81  ? A GLN 83  
17 1 Y 1 A ALA 82  ? A ALA 84  
18 1 Y 1 A LYS 83  ? A LYS 85  
19 1 Y 1 A VAL 84  ? A VAL 86  
20 1 Y 1 A ALA 85  ? A ALA 87  
21 1 Y 1 A GLY 86  ? A GLY 88  
22 1 Y 1 A ASN 87  ? A ASN 89  
23 1 Y 1 A GLU 88  ? A GLU 90  
24 1 Y 1 A THR 89  ? A THR 91  
25 1 Y 1 A SER 90  ? A SER 92  
26 1 Y 1 A GLU 91  ? A GLU 93  
27 1 Y 1 A ALA 92  ? A ALA 94  
28 1 Y 1 A GLU 93  ? A GLU 95  
29 1 Y 1 A ASN 94  ? A ASN 96  
30 1 Y 1 A ASP 95  ? A ASP 97  
31 1 Y 1 A ALA 96  ? A ALA 98  
32 1 Y 1 A ALA 97  ? A ALA 99  
33 1 Y 1 A GLU 98  ? A GLU 100 
34 1 Y 1 A THR 99  ? A THR 101 
35 1 Y 1 A GLU 100 ? A GLU 102 
36 1 Y 1 A GLU 101 ? A GLU 103 
37 1 Y 1 A ALA 102 ? A ALA 104 
38 1 Y 1 A GLU 103 ? A GLU 105 
39 1 Y 1 A GLU 104 ? A GLU 106 
40 1 Y 1 A LEU 150 ? A LEU 152 
# 
loop_
_chem_comp_atom.comp_id 
_chem_comp_atom.atom_id 
_chem_comp_atom.type_symbol 
_chem_comp_atom.pdbx_aromatic_flag 
_chem_comp_atom.pdbx_stereo_config 
_chem_comp_atom.pdbx_ordinal 
ALA N    N  N N 1   
ALA CA   C  N S 2   
ALA C    C  N N 3   
ALA O    O  N N 4   
ALA CB   C  N N 5   
ALA OXT  O  N N 6   
ALA H    H  N N 7   
ALA H2   H  N N 8   
ALA HA   H  N N 9   
ALA HB1  H  N N 10  
ALA HB2  H  N N 11  
ALA HB3  H  N N 12  
ALA HXT  H  N N 13  
ARG N    N  N N 14  
ARG CA   C  N S 15  
ARG C    C  N N 16  
ARG O    O  N N 17  
ARG CB   C  N N 18  
ARG CG   C  N N 19  
ARG CD   C  N N 20  
ARG NE   N  N N 21  
ARG CZ   C  N N 22  
ARG NH1  N  N N 23  
ARG NH2  N  N N 24  
ARG OXT  O  N N 25  
ARG H    H  N N 26  
ARG H2   H  N N 27  
ARG HA   H  N N 28  
ARG HB2  H  N N 29  
ARG HB3  H  N N 30  
ARG HG2  H  N N 31  
ARG HG3  H  N N 32  
ARG HD2  H  N N 33  
ARG HD3  H  N N 34  
ARG HE   H  N N 35  
ARG HH11 H  N N 36  
ARG HH12 H  N N 37  
ARG HH21 H  N N 38  
ARG HH22 H  N N 39  
ARG HXT  H  N N 40  
ASN N    N  N N 41  
ASN CA   C  N S 42  
ASN C    C  N N 43  
ASN O    O  N N 44  
ASN CB   C  N N 45  
ASN CG   C  N N 46  
ASN OD1  O  N N 47  
ASN ND2  N  N N 48  
ASN OXT  O  N N 49  
ASN H    H  N N 50  
ASN H2   H  N N 51  
ASN HA   H  N N 52  
ASN HB2  H  N N 53  
ASN HB3  H  N N 54  
ASN HD21 H  N N 55  
ASN HD22 H  N N 56  
ASN HXT  H  N N 57  
ASP N    N  N N 58  
ASP CA   C  N S 59  
ASP C    C  N N 60  
ASP O    O  N N 61  
ASP CB   C  N N 62  
ASP CG   C  N N 63  
ASP OD1  O  N N 64  
ASP OD2  O  N N 65  
ASP OXT  O  N N 66  
ASP H    H  N N 67  
ASP H2   H  N N 68  
ASP HA   H  N N 69  
ASP HB2  H  N N 70  
ASP HB3  H  N N 71  
ASP HD2  H  N N 72  
ASP HXT  H  N N 73  
CYS N    N  N N 74  
CYS CA   C  N R 75  
CYS C    C  N N 76  
CYS O    O  N N 77  
CYS CB   C  N N 78  
CYS SG   S  N N 79  
CYS OXT  O  N N 80  
CYS H    H  N N 81  
CYS H2   H  N N 82  
CYS HA   H  N N 83  
CYS HB2  H  N N 84  
CYS HB3  H  N N 85  
CYS HG   H  N N 86  
CYS HXT  H  N N 87  
GLN N    N  N N 88  
GLN CA   C  N S 89  
GLN C    C  N N 90  
GLN O    O  N N 91  
GLN CB   C  N N 92  
GLN CG   C  N N 93  
GLN CD   C  N N 94  
GLN OE1  O  N N 95  
GLN NE2  N  N N 96  
GLN OXT  O  N N 97  
GLN H    H  N N 98  
GLN H2   H  N N 99  
GLN HA   H  N N 100 
GLN HB2  H  N N 101 
GLN HB3  H  N N 102 
GLN HG2  H  N N 103 
GLN HG3  H  N N 104 
GLN HE21 H  N N 105 
GLN HE22 H  N N 106 
GLN HXT  H  N N 107 
GLU N    N  N N 108 
GLU CA   C  N S 109 
GLU C    C  N N 110 
GLU O    O  N N 111 
GLU CB   C  N N 112 
GLU CG   C  N N 113 
GLU CD   C  N N 114 
GLU OE1  O  N N 115 
GLU OE2  O  N N 116 
GLU OXT  O  N N 117 
GLU H    H  N N 118 
GLU H2   H  N N 119 
GLU HA   H  N N 120 
GLU HB2  H  N N 121 
GLU HB3  H  N N 122 
GLU HG2  H  N N 123 
GLU HG3  H  N N 124 
GLU HE2  H  N N 125 
GLU HXT  H  N N 126 
GLY N    N  N N 127 
GLY CA   C  N N 128 
GLY C    C  N N 129 
GLY O    O  N N 130 
GLY OXT  O  N N 131 
GLY H    H  N N 132 
GLY H2   H  N N 133 
GLY HA2  H  N N 134 
GLY HA3  H  N N 135 
GLY HXT  H  N N 136 
HIS N    N  N N 137 
HIS CA   C  N S 138 
HIS C    C  N N 139 
HIS O    O  N N 140 
HIS CB   C  N N 141 
HIS CG   C  Y N 142 
HIS ND1  N  Y N 143 
HIS CD2  C  Y N 144 
HIS CE1  C  Y N 145 
HIS NE2  N  Y N 146 
HIS OXT  O  N N 147 
HIS H    H  N N 148 
HIS H2   H  N N 149 
HIS HA   H  N N 150 
HIS HB2  H  N N 151 
HIS HB3  H  N N 152 
HIS HD1  H  N N 153 
HIS HD2  H  N N 154 
HIS HE1  H  N N 155 
HIS HE2  H  N N 156 
HIS HXT  H  N N 157 
HOH O    O  N N 158 
HOH H1   H  N N 159 
HOH H2   H  N N 160 
ILE N    N  N N 161 
ILE CA   C  N S 162 
ILE C    C  N N 163 
ILE O    O  N N 164 
ILE CB   C  N S 165 
ILE CG1  C  N N 166 
ILE CG2  C  N N 167 
ILE CD1  C  N N 168 
ILE OXT  O  N N 169 
ILE H    H  N N 170 
ILE H2   H  N N 171 
ILE HA   H  N N 172 
ILE HB   H  N N 173 
ILE HG12 H  N N 174 
ILE HG13 H  N N 175 
ILE HG21 H  N N 176 
ILE HG22 H  N N 177 
ILE HG23 H  N N 178 
ILE HD11 H  N N 179 
ILE HD12 H  N N 180 
ILE HD13 H  N N 181 
ILE HXT  H  N N 182 
LEU N    N  N N 183 
LEU CA   C  N S 184 
LEU C    C  N N 185 
LEU O    O  N N 186 
LEU CB   C  N N 187 
LEU CG   C  N N 188 
LEU CD1  C  N N 189 
LEU CD2  C  N N 190 
LEU OXT  O  N N 191 
LEU H    H  N N 192 
LEU H2   H  N N 193 
LEU HA   H  N N 194 
LEU HB2  H  N N 195 
LEU HB3  H  N N 196 
LEU HG   H  N N 197 
LEU HD11 H  N N 198 
LEU HD12 H  N N 199 
LEU HD13 H  N N 200 
LEU HD21 H  N N 201 
LEU HD22 H  N N 202 
LEU HD23 H  N N 203 
LEU HXT  H  N N 204 
LYS N    N  N N 205 
LYS CA   C  N S 206 
LYS C    C  N N 207 
LYS O    O  N N 208 
LYS CB   C  N N 209 
LYS CG   C  N N 210 
LYS CD   C  N N 211 
LYS CE   C  N N 212 
LYS NZ   N  N N 213 
LYS OXT  O  N N 214 
LYS H    H  N N 215 
LYS H2   H  N N 216 
LYS HA   H  N N 217 
LYS HB2  H  N N 218 
LYS HB3  H  N N 219 
LYS HG2  H  N N 220 
LYS HG3  H  N N 221 
LYS HD2  H  N N 222 
LYS HD3  H  N N 223 
LYS HE2  H  N N 224 
LYS HE3  H  N N 225 
LYS HZ1  H  N N 226 
LYS HZ2  H  N N 227 
LYS HZ3  H  N N 228 
LYS HXT  H  N N 229 
MSE N    N  N N 230 
MSE CA   C  N S 231 
MSE C    C  N N 232 
MSE O    O  N N 233 
MSE OXT  O  N N 234 
MSE CB   C  N N 235 
MSE CG   C  N N 236 
MSE SE   SE N N 237 
MSE CE   C  N N 238 
MSE H    H  N N 239 
MSE H2   H  N N 240 
MSE HA   H  N N 241 
MSE HXT  H  N N 242 
MSE HB2  H  N N 243 
MSE HB3  H  N N 244 
MSE HG2  H  N N 245 
MSE HG3  H  N N 246 
MSE HE1  H  N N 247 
MSE HE2  H  N N 248 
MSE HE3  H  N N 249 
PHE N    N  N N 250 
PHE CA   C  N S 251 
PHE C    C  N N 252 
PHE O    O  N N 253 
PHE CB   C  N N 254 
PHE CG   C  Y N 255 
PHE CD1  C  Y N 256 
PHE CD2  C  Y N 257 
PHE CE1  C  Y N 258 
PHE CE2  C  Y N 259 
PHE CZ   C  Y N 260 
PHE OXT  O  N N 261 
PHE H    H  N N 262 
PHE H2   H  N N 263 
PHE HA   H  N N 264 
PHE HB2  H  N N 265 
PHE HB3  H  N N 266 
PHE HD1  H  N N 267 
PHE HD2  H  N N 268 
PHE HE1  H  N N 269 
PHE HE2  H  N N 270 
PHE HZ   H  N N 271 
PHE HXT  H  N N 272 
PRO N    N  N N 273 
PRO CA   C  N S 274 
PRO C    C  N N 275 
PRO O    O  N N 276 
PRO CB   C  N N 277 
PRO CG   C  N N 278 
PRO CD   C  N N 279 
PRO OXT  O  N N 280 
PRO H    H  N N 281 
PRO HA   H  N N 282 
PRO HB2  H  N N 283 
PRO HB3  H  N N 284 
PRO HG2  H  N N 285 
PRO HG3  H  N N 286 
PRO HD2  H  N N 287 
PRO HD3  H  N N 288 
PRO HXT  H  N N 289 
SER N    N  N N 290 
SER CA   C  N S 291 
SER C    C  N N 292 
SER O    O  N N 293 
SER CB   C  N N 294 
SER OG   O  N N 295 
SER OXT  O  N N 296 
SER H    H  N N 297 
SER H2   H  N N 298 
SER HA   H  N N 299 
SER HB2  H  N N 300 
SER HB3  H  N N 301 
SER HG   H  N N 302 
SER HXT  H  N N 303 
THR N    N  N N 304 
THR CA   C  N S 305 
THR C    C  N N 306 
THR O    O  N N 307 
THR CB   C  N R 308 
THR OG1  O  N N 309 
THR CG2  C  N N 310 
THR OXT  O  N N 311 
THR H    H  N N 312 
THR H2   H  N N 313 
THR HA   H  N N 314 
THR HB   H  N N 315 
THR HG1  H  N N 316 
THR HG21 H  N N 317 
THR HG22 H  N N 318 
THR HG23 H  N N 319 
THR HXT  H  N N 320 
TRP N    N  N N 321 
TRP CA   C  N S 322 
TRP C    C  N N 323 
TRP O    O  N N 324 
TRP CB   C  N N 325 
TRP CG   C  Y N 326 
TRP CD1  C  Y N 327 
TRP CD2  C  Y N 328 
TRP NE1  N  Y N 329 
TRP CE2  C  Y N 330 
TRP CE3  C  Y N 331 
TRP CZ2  C  Y N 332 
TRP CZ3  C  Y N 333 
TRP CH2  C  Y N 334 
TRP OXT  O  N N 335 
TRP H    H  N N 336 
TRP H2   H  N N 337 
TRP HA   H  N N 338 
TRP HB2  H  N N 339 
TRP HB3  H  N N 340 
TRP HD1  H  N N 341 
TRP HE1  H  N N 342 
TRP HE3  H  N N 343 
TRP HZ2  H  N N 344 
TRP HZ3  H  N N 345 
TRP HH2  H  N N 346 
TRP HXT  H  N N 347 
TYR N    N  N N 348 
TYR CA   C  N S 349 
TYR C    C  N N 350 
TYR O    O  N N 351 
TYR CB   C  N N 352 
TYR CG   C  Y N 353 
TYR CD1  C  Y N 354 
TYR CD2  C  Y N 355 
TYR CE1  C  Y N 356 
TYR CE2  C  Y N 357 
TYR CZ   C  Y N 358 
TYR OH   O  N N 359 
TYR OXT  O  N N 360 
TYR H    H  N N 361 
TYR H2   H  N N 362 
TYR HA   H  N N 363 
TYR HB2  H  N N 364 
TYR HB3  H  N N 365 
TYR HD1  H  N N 366 
TYR HD2  H  N N 367 
TYR HE1  H  N N 368 
TYR HE2  H  N N 369 
TYR HH   H  N N 370 
TYR HXT  H  N N 371 
VAL N    N  N N 372 
VAL CA   C  N S 373 
VAL C    C  N N 374 
VAL O    O  N N 375 
VAL CB   C  N N 376 
VAL CG1  C  N N 377 
VAL CG2  C  N N 378 
VAL OXT  O  N N 379 
VAL H    H  N N 380 
VAL H2   H  N N 381 
VAL HA   H  N N 382 
VAL HB   H  N N 383 
VAL HG11 H  N N 384 
VAL HG12 H  N N 385 
VAL HG13 H  N N 386 
VAL HG21 H  N N 387 
VAL HG22 H  N N 388 
VAL HG23 H  N N 389 
VAL HXT  H  N N 390 
# 
loop_
_chem_comp_bond.comp_id 
_chem_comp_bond.atom_id_1 
_chem_comp_bond.atom_id_2 
_chem_comp_bond.value_order 
_chem_comp_bond.pdbx_aromatic_flag 
_chem_comp_bond.pdbx_stereo_config 
_chem_comp_bond.pdbx_ordinal 
ALA N   CA   sing N N 1   
ALA N   H    sing N N 2   
ALA N   H2   sing N N 3   
ALA CA  C    sing N N 4   
ALA CA  CB   sing N N 5   
ALA CA  HA   sing N N 6   
ALA C   O    doub N N 7   
ALA C   OXT  sing N N 8   
ALA CB  HB1  sing N N 9   
ALA CB  HB2  sing N N 10  
ALA CB  HB3  sing N N 11  
ALA OXT HXT  sing N N 12  
ARG N   CA   sing N N 13  
ARG N   H    sing N N 14  
ARG N   H2   sing N N 15  
ARG CA  C    sing N N 16  
ARG CA  CB   sing N N 17  
ARG CA  HA   sing N N 18  
ARG C   O    doub N N 19  
ARG C   OXT  sing N N 20  
ARG CB  CG   sing N N 21  
ARG CB  HB2  sing N N 22  
ARG CB  HB3  sing N N 23  
ARG CG  CD   sing N N 24  
ARG CG  HG2  sing N N 25  
ARG CG  HG3  sing N N 26  
ARG CD  NE   sing N N 27  
ARG CD  HD2  sing N N 28  
ARG CD  HD3  sing N N 29  
ARG NE  CZ   sing N N 30  
ARG NE  HE   sing N N 31  
ARG CZ  NH1  sing N N 32  
ARG CZ  NH2  doub N N 33  
ARG NH1 HH11 sing N N 34  
ARG NH1 HH12 sing N N 35  
ARG NH2 HH21 sing N N 36  
ARG NH2 HH22 sing N N 37  
ARG OXT HXT  sing N N 38  
ASN N   CA   sing N N 39  
ASN N   H    sing N N 40  
ASN N   H2   sing N N 41  
ASN CA  C    sing N N 42  
ASN CA  CB   sing N N 43  
ASN CA  HA   sing N N 44  
ASN C   O    doub N N 45  
ASN C   OXT  sing N N 46  
ASN CB  CG   sing N N 47  
ASN CB  HB2  sing N N 48  
ASN CB  HB3  sing N N 49  
ASN CG  OD1  doub N N 50  
ASN CG  ND2  sing N N 51  
ASN ND2 HD21 sing N N 52  
ASN ND2 HD22 sing N N 53  
ASN OXT HXT  sing N N 54  
ASP N   CA   sing N N 55  
ASP N   H    sing N N 56  
ASP N   H2   sing N N 57  
ASP CA  C    sing N N 58  
ASP CA  CB   sing N N 59  
ASP CA  HA   sing N N 60  
ASP C   O    doub N N 61  
ASP C   OXT  sing N N 62  
ASP CB  CG   sing N N 63  
ASP CB  HB2  sing N N 64  
ASP CB  HB3  sing N N 65  
ASP CG  OD1  doub N N 66  
ASP CG  OD2  sing N N 67  
ASP OD2 HD2  sing N N 68  
ASP OXT HXT  sing N N 69  
CYS N   CA   sing N N 70  
CYS N   H    sing N N 71  
CYS N   H2   sing N N 72  
CYS CA  C    sing N N 73  
CYS CA  CB   sing N N 74  
CYS CA  HA   sing N N 75  
CYS C   O    doub N N 76  
CYS C   OXT  sing N N 77  
CYS CB  SG   sing N N 78  
CYS CB  HB2  sing N N 79  
CYS CB  HB3  sing N N 80  
CYS SG  HG   sing N N 81  
CYS OXT HXT  sing N N 82  
GLN N   CA   sing N N 83  
GLN N   H    sing N N 84  
GLN N   H2   sing N N 85  
GLN CA  C    sing N N 86  
GLN CA  CB   sing N N 87  
GLN CA  HA   sing N N 88  
GLN C   O    doub N N 89  
GLN C   OXT  sing N N 90  
GLN CB  CG   sing N N 91  
GLN CB  HB2  sing N N 92  
GLN CB  HB3  sing N N 93  
GLN CG  CD   sing N N 94  
GLN CG  HG2  sing N N 95  
GLN CG  HG3  sing N N 96  
GLN CD  OE1  doub N N 97  
GLN CD  NE2  sing N N 98  
GLN NE2 HE21 sing N N 99  
GLN NE2 HE22 sing N N 100 
GLN OXT HXT  sing N N 101 
GLU N   CA   sing N N 102 
GLU N   H    sing N N 103 
GLU N   H2   sing N N 104 
GLU CA  C    sing N N 105 
GLU CA  CB   sing N N 106 
GLU CA  HA   sing N N 107 
GLU C   O    doub N N 108 
GLU C   OXT  sing N N 109 
GLU CB  CG   sing N N 110 
GLU CB  HB2  sing N N 111 
GLU CB  HB3  sing N N 112 
GLU CG  CD   sing N N 113 
GLU CG  HG2  sing N N 114 
GLU CG  HG3  sing N N 115 
GLU CD  OE1  doub N N 116 
GLU CD  OE2  sing N N 117 
GLU OE2 HE2  sing N N 118 
GLU OXT HXT  sing N N 119 
GLY N   CA   sing N N 120 
GLY N   H    sing N N 121 
GLY N   H2   sing N N 122 
GLY CA  C    sing N N 123 
GLY CA  HA2  sing N N 124 
GLY CA  HA3  sing N N 125 
GLY C   O    doub N N 126 
GLY C   OXT  sing N N 127 
GLY OXT HXT  sing N N 128 
HIS N   CA   sing N N 129 
HIS N   H    sing N N 130 
HIS N   H2   sing N N 131 
HIS CA  C    sing N N 132 
HIS CA  CB   sing N N 133 
HIS CA  HA   sing N N 134 
HIS C   O    doub N N 135 
HIS C   OXT  sing N N 136 
HIS CB  CG   sing N N 137 
HIS CB  HB2  sing N N 138 
HIS CB  HB3  sing N N 139 
HIS CG  ND1  sing Y N 140 
HIS CG  CD2  doub Y N 141 
HIS ND1 CE1  doub Y N 142 
HIS ND1 HD1  sing N N 143 
HIS CD2 NE2  sing Y N 144 
HIS CD2 HD2  sing N N 145 
HIS CE1 NE2  sing Y N 146 
HIS CE1 HE1  sing N N 147 
HIS NE2 HE2  sing N N 148 
HIS OXT HXT  sing N N 149 
HOH O   H1   sing N N 150 
HOH O   H2   sing N N 151 
ILE N   CA   sing N N 152 
ILE N   H    sing N N 153 
ILE N   H2   sing N N 154 
ILE CA  C    sing N N 155 
ILE CA  CB   sing N N 156 
ILE CA  HA   sing N N 157 
ILE C   O    doub N N 158 
ILE C   OXT  sing N N 159 
ILE CB  CG1  sing N N 160 
ILE CB  CG2  sing N N 161 
ILE CB  HB   sing N N 162 
ILE CG1 CD1  sing N N 163 
ILE CG1 HG12 sing N N 164 
ILE CG1 HG13 sing N N 165 
ILE CG2 HG21 sing N N 166 
ILE CG2 HG22 sing N N 167 
ILE CG2 HG23 sing N N 168 
ILE CD1 HD11 sing N N 169 
ILE CD1 HD12 sing N N 170 
ILE CD1 HD13 sing N N 171 
ILE OXT HXT  sing N N 172 
LEU N   CA   sing N N 173 
LEU N   H    sing N N 174 
LEU N   H2   sing N N 175 
LEU CA  C    sing N N 176 
LEU CA  CB   sing N N 177 
LEU CA  HA   sing N N 178 
LEU C   O    doub N N 179 
LEU C   OXT  sing N N 180 
LEU CB  CG   sing N N 181 
LEU CB  HB2  sing N N 182 
LEU CB  HB3  sing N N 183 
LEU CG  CD1  sing N N 184 
LEU CG  CD2  sing N N 185 
LEU CG  HG   sing N N 186 
LEU CD1 HD11 sing N N 187 
LEU CD1 HD12 sing N N 188 
LEU CD1 HD13 sing N N 189 
LEU CD2 HD21 sing N N 190 
LEU CD2 HD22 sing N N 191 
LEU CD2 HD23 sing N N 192 
LEU OXT HXT  sing N N 193 
LYS N   CA   sing N N 194 
LYS N   H    sing N N 195 
LYS N   H2   sing N N 196 
LYS CA  C    sing N N 197 
LYS CA  CB   sing N N 198 
LYS CA  HA   sing N N 199 
LYS C   O    doub N N 200 
LYS C   OXT  sing N N 201 
LYS CB  CG   sing N N 202 
LYS CB  HB2  sing N N 203 
LYS CB  HB3  sing N N 204 
LYS CG  CD   sing N N 205 
LYS CG  HG2  sing N N 206 
LYS CG  HG3  sing N N 207 
LYS CD  CE   sing N N 208 
LYS CD  HD2  sing N N 209 
LYS CD  HD3  sing N N 210 
LYS CE  NZ   sing N N 211 
LYS CE  HE2  sing N N 212 
LYS CE  HE3  sing N N 213 
LYS NZ  HZ1  sing N N 214 
LYS NZ  HZ2  sing N N 215 
LYS NZ  HZ3  sing N N 216 
LYS OXT HXT  sing N N 217 
MSE N   CA   sing N N 218 
MSE N   H    sing N N 219 
MSE N   H2   sing N N 220 
MSE CA  C    sing N N 221 
MSE CA  CB   sing N N 222 
MSE CA  HA   sing N N 223 
MSE C   O    doub N N 224 
MSE C   OXT  sing N N 225 
MSE OXT HXT  sing N N 226 
MSE CB  CG   sing N N 227 
MSE CB  HB2  sing N N 228 
MSE CB  HB3  sing N N 229 
MSE CG  SE   sing N N 230 
MSE CG  HG2  sing N N 231 
MSE CG  HG3  sing N N 232 
MSE SE  CE   sing N N 233 
MSE CE  HE1  sing N N 234 
MSE CE  HE2  sing N N 235 
MSE CE  HE3  sing N N 236 
PHE N   CA   sing N N 237 
PHE N   H    sing N N 238 
PHE N   H2   sing N N 239 
PHE CA  C    sing N N 240 
PHE CA  CB   sing N N 241 
PHE CA  HA   sing N N 242 
PHE C   O    doub N N 243 
PHE C   OXT  sing N N 244 
PHE CB  CG   sing N N 245 
PHE CB  HB2  sing N N 246 
PHE CB  HB3  sing N N 247 
PHE CG  CD1  doub Y N 248 
PHE CG  CD2  sing Y N 249 
PHE CD1 CE1  sing Y N 250 
PHE CD1 HD1  sing N N 251 
PHE CD2 CE2  doub Y N 252 
PHE CD2 HD2  sing N N 253 
PHE CE1 CZ   doub Y N 254 
PHE CE1 HE1  sing N N 255 
PHE CE2 CZ   sing Y N 256 
PHE CE2 HE2  sing N N 257 
PHE CZ  HZ   sing N N 258 
PHE OXT HXT  sing N N 259 
PRO N   CA   sing N N 260 
PRO N   CD   sing N N 261 
PRO N   H    sing N N 262 
PRO CA  C    sing N N 263 
PRO CA  CB   sing N N 264 
PRO CA  HA   sing N N 265 
PRO C   O    doub N N 266 
PRO C   OXT  sing N N 267 
PRO CB  CG   sing N N 268 
PRO CB  HB2  sing N N 269 
PRO CB  HB3  sing N N 270 
PRO CG  CD   sing N N 271 
PRO CG  HG2  sing N N 272 
PRO CG  HG3  sing N N 273 
PRO CD  HD2  sing N N 274 
PRO CD  HD3  sing N N 275 
PRO OXT HXT  sing N N 276 
SER N   CA   sing N N 277 
SER N   H    sing N N 278 
SER N   H2   sing N N 279 
SER CA  C    sing N N 280 
SER CA  CB   sing N N 281 
SER CA  HA   sing N N 282 
SER C   O    doub N N 283 
SER C   OXT  sing N N 284 
SER CB  OG   sing N N 285 
SER CB  HB2  sing N N 286 
SER CB  HB3  sing N N 287 
SER OG  HG   sing N N 288 
SER OXT HXT  sing N N 289 
THR N   CA   sing N N 290 
THR N   H    sing N N 291 
THR N   H2   sing N N 292 
THR CA  C    sing N N 293 
THR CA  CB   sing N N 294 
THR CA  HA   sing N N 295 
THR C   O    doub N N 296 
THR C   OXT  sing N N 297 
THR CB  OG1  sing N N 298 
THR CB  CG2  sing N N 299 
THR CB  HB   sing N N 300 
THR OG1 HG1  sing N N 301 
THR CG2 HG21 sing N N 302 
THR CG2 HG22 sing N N 303 
THR CG2 HG23 sing N N 304 
THR OXT HXT  sing N N 305 
TRP N   CA   sing N N 306 
TRP N   H    sing N N 307 
TRP N   H2   sing N N 308 
TRP CA  C    sing N N 309 
TRP CA  CB   sing N N 310 
TRP CA  HA   sing N N 311 
TRP C   O    doub N N 312 
TRP C   OXT  sing N N 313 
TRP CB  CG   sing N N 314 
TRP CB  HB2  sing N N 315 
TRP CB  HB3  sing N N 316 
TRP CG  CD1  doub Y N 317 
TRP CG  CD2  sing Y N 318 
TRP CD1 NE1  sing Y N 319 
TRP CD1 HD1  sing N N 320 
TRP CD2 CE2  doub Y N 321 
TRP CD2 CE3  sing Y N 322 
TRP NE1 CE2  sing Y N 323 
TRP NE1 HE1  sing N N 324 
TRP CE2 CZ2  sing Y N 325 
TRP CE3 CZ3  doub Y N 326 
TRP CE3 HE3  sing N N 327 
TRP CZ2 CH2  doub Y N 328 
TRP CZ2 HZ2  sing N N 329 
TRP CZ3 CH2  sing Y N 330 
TRP CZ3 HZ3  sing N N 331 
TRP CH2 HH2  sing N N 332 
TRP OXT HXT  sing N N 333 
TYR N   CA   sing N N 334 
TYR N   H    sing N N 335 
TYR N   H2   sing N N 336 
TYR CA  C    sing N N 337 
TYR CA  CB   sing N N 338 
TYR CA  HA   sing N N 339 
TYR C   O    doub N N 340 
TYR C   OXT  sing N N 341 
TYR CB  CG   sing N N 342 
TYR CB  HB2  sing N N 343 
TYR CB  HB3  sing N N 344 
TYR CG  CD1  doub Y N 345 
TYR CG  CD2  sing Y N 346 
TYR CD1 CE1  sing Y N 347 
TYR CD1 HD1  sing N N 348 
TYR CD2 CE2  doub Y N 349 
TYR CD2 HD2  sing N N 350 
TYR CE1 CZ   doub Y N 351 
TYR CE1 HE1  sing N N 352 
TYR CE2 CZ   sing Y N 353 
TYR CE2 HE2  sing N N 354 
TYR CZ  OH   sing N N 355 
TYR OH  HH   sing N N 356 
TYR OXT HXT  sing N N 357 
VAL N   CA   sing N N 358 
VAL N   H    sing N N 359 
VAL N   H2   sing N N 360 
VAL CA  C    sing N N 361 
VAL CA  CB   sing N N 362 
VAL CA  HA   sing N N 363 
VAL C   O    doub N N 364 
VAL C   OXT  sing N N 365 
VAL CB  CG1  sing N N 366 
VAL CB  CG2  sing N N 367 
VAL CB  HB   sing N N 368 
VAL CG1 HG11 sing N N 369 
VAL CG1 HG12 sing N N 370 
VAL CG1 HG13 sing N N 371 
VAL CG2 HG21 sing N N 372 
VAL CG2 HG22 sing N N 373 
VAL CG2 HG23 sing N N 374 
VAL OXT HXT  sing N N 375 
# 
_atom_sites.entry_id                    3ONT 
_atom_sites.fract_transf_matrix[1][1]   -0.00422299 
_atom_sites.fract_transf_matrix[1][2]   0.00404439 
_atom_sites.fract_transf_matrix[1][3]   0.00366135 
_atom_sites.fract_transf_matrix[2][1]   -0.00278730 
_atom_sites.fract_transf_matrix[2][2]   0.00238068 
_atom_sites.fract_transf_matrix[2][3]   -0.00584461 
_atom_sites.fract_transf_matrix[3][1]   -0.00468972 
_atom_sites.fract_transf_matrix[3][2]   -0.00505682 
_atom_sites.fract_transf_matrix[3][3]   0.00017674 
_atom_sites.fract_transf_vector[1]      0.301985 
_atom_sites.fract_transf_vector[2]      0.064083 
_atom_sites.fract_transf_vector[3]      0.453711 
# 
loop_
_atom_type.symbol 
C  
N  
O  
S  
SE 
# 
loop_
_atom_site.group_PDB 
_atom_site.id 
_atom_site.type_symbol 
_atom_site.label_atom_id 
_atom_site.label_alt_id 
_atom_site.label_comp_id 
_atom_site.label_asym_id 
_atom_site.label_entity_id 
_atom_site.label_seq_id 
_atom_site.pdbx_PDB_ins_code 
_atom_site.Cartn_x 
_atom_site.Cartn_y 
_atom_site.Cartn_z 
_atom_site.occupancy 
_atom_site.B_iso_or_equiv 
_atom_site.pdbx_formal_charge 
_atom_site.auth_seq_id 
_atom_site.auth_comp_id 
_atom_site.auth_asym_id 
_atom_site.auth_atom_id 
_atom_site.pdbx_PDB_model_num 
ATOM   1   N  N   . TYR A 1 10  ? 7.088   1.461   -19.347 1.00 117.00 ?  8   TYR A N   1 
ATOM   2   C  CA  . TYR A 1 10  ? 6.458   0.681   -18.233 1.00 115.33 ?  8   TYR A CA  1 
ATOM   3   C  C   . TYR A 1 10  ? 5.102   0.034   -18.590 1.00 115.33 ?  8   TYR A C   1 
ATOM   4   O  O   . TYR A 1 10  ? 4.131   0.755   -18.879 1.00 115.80 ?  8   TYR A O   1 
ATOM   5   C  CB  . TYR A 1 10  ? 6.311   1.552   -16.981 1.00 113.64 ?  8   TYR A CB  1 
ATOM   6   C  CG  . TYR A 1 10  ? 7.561   1.641   -16.129 1.00 112.90 ?  8   TYR A CG  1 
ATOM   7   C  CD1 . TYR A 1 10  ? 7.863   2.812   -15.434 1.00 113.19 ?  8   TYR A CD1 1 
ATOM   8   C  CD2 . TYR A 1 10  ? 8.448   0.557   -16.016 1.00 112.35 ?  8   TYR A CD2 1 
ATOM   9   C  CE1 . TYR A 1 10  ? 9.014   2.900   -14.641 1.00 113.15 ?  8   TYR A CE1 1 
ATOM   10  C  CE2 . TYR A 1 10  ? 9.597   0.637   -15.228 1.00 111.98 ?  8   TYR A CE2 1 
ATOM   11  C  CZ  . TYR A 1 10  ? 9.874   1.809   -14.547 1.00 112.66 ?  8   TYR A CZ  1 
ATOM   12  O  OH  . TYR A 1 10  ? 10.996  1.896   -13.763 1.00 112.65 ?  8   TYR A OH  1 
ATOM   13  N  N   . PRO A 1 11  ? 5.027   -1.325  -18.549 1.00 115.15 ?  9   PRO A N   1 
ATOM   14  C  CA  . PRO A 1 11  ? 3.812   -2.093  -18.939 1.00 114.87 ?  9   PRO A CA  1 
ATOM   15  C  C   . PRO A 1 11  ? 2.552   -1.764  -18.117 1.00 113.06 ?  9   PRO A C   1 
ATOM   16  O  O   . PRO A 1 11  ? 2.666   -1.318  -16.970 1.00 112.15 ?  9   PRO A O   1 
ATOM   17  C  CB  . PRO A 1 11  ? 4.227   -3.561  -18.736 1.00 115.30 ?  9   PRO A CB  1 
ATOM   18  C  CG  . PRO A 1 11  ? 5.451   -3.515  -17.860 1.00 114.97 ?  9   PRO A CG  1 
ATOM   19  C  CD  . PRO A 1 11  ? 6.139   -2.219  -18.162 1.00 115.25 ?  9   PRO A CD  1 
ATOM   20  N  N   . LYS A 1 12  ? 1.372   -1.988  -18.703 1.00 112.49 ?  10  LYS A N   1 
ATOM   21  C  CA  . LYS A 1 12  ? 0.091   -1.649  -18.046 1.00 110.42 ?  10  LYS A CA  1 
ATOM   22  C  C   . LYS A 1 12  ? -0.260  -2.503  -16.810 1.00 107.54 ?  10  LYS A C   1 
ATOM   23  O  O   . LYS A 1 12  ? -1.007  -2.059  -15.927 1.00 106.80 ?  10  LYS A O   1 
ATOM   24  C  CB  . LYS A 1 12  ? -1.088  -1.614  -19.054 1.00 112.75 ?  10  LYS A CB  1 
ATOM   25  C  CG  . LYS A 1 12  ? -1.169  -2.762  -20.112 1.00 116.14 ?  10  LYS A CG  1 
ATOM   26  C  CD  . LYS A 1 12  ? -1.597  -4.155  -19.555 1.00 116.94 ?  10  LYS A CD  1 
ATOM   27  C  CE  . LYS A 1 12  ? -2.883  -4.134  -18.691 1.00 116.70 ?  10  LYS A CE  1 
ATOM   28  N  NZ  . LYS A 1 12  ? -4.112  -3.734  -19.432 1.00 117.42 ?  10  LYS A NZ  1 
ATOM   29  N  N   . ASN A 1 13  ? 0.290   -3.711  -16.748 1.00 105.42 ?  11  ASN A N   1 
ATOM   30  C  CA  . ASN A 1 13  ? -0.037  -4.652  -15.680 1.00 102.53 ?  11  ASN A CA  1 
ATOM   31  C  C   . ASN A 1 13  ? 0.975   -4.662  -14.526 1.00 98.77  ?  11  ASN A C   1 
ATOM   32  O  O   . ASN A 1 13  ? 0.803   -5.420  -13.577 1.00 98.82  ?  11  ASN A O   1 
ATOM   33  C  CB  . ASN A 1 13  ? -0.232  -6.073  -16.264 1.00 105.72 ?  11  ASN A CB  1 
ATOM   34  C  CG  . ASN A 1 13  ? -0.932  -7.039  -15.291 1.00 107.06 ?  11  ASN A CG  1 
ATOM   35  O  OD1 . ASN A 1 13  ? -0.470  -8.171  -15.069 1.00 107.96 ?  11  ASN A OD1 1 
ATOM   36  N  ND2 . ASN A 1 13  ? -2.050  -6.593  -14.714 1.00 106.52 ?  11  ASN A ND2 1 
ATOM   37  N  N   . CYS A 1 14  ? 2.018   -3.831  -14.598 1.00 94.77  ?  12  CYS A N   1 
ATOM   38  C  CA  . CYS A 1 14  ? 3.063   -3.845  -13.560 1.00 91.70  ?  12  CYS A CA  1 
ATOM   39  C  C   . CYS A 1 14  ? 2.673   -3.074  -12.294 1.00 90.12  ?  12  CYS A C   1 
ATOM   40  O  O   . CYS A 1 14  ? 1.835   -2.162  -12.345 1.00 89.29  ?  12  CYS A O   1 
ATOM   41  C  CB  . CYS A 1 14  ? 4.417   -3.364  -14.094 1.00 91.33  ?  12  CYS A CB  1 
ATOM   42  S  SG  . CYS A 1 14  ? 4.725   -1.570  -14.164 1.00 87.13  ?  12  CYS A SG  1 
ATOM   43  N  N   . LEU A 1 15  ? 3.290   -3.460  -11.171 1.00 88.80  ?  13  LEU A N   1 
ATOM   44  C  CA  . LEU A 1 15  ? 3.029   -2.868  -9.855  1.00 86.57  ?  13  LEU A CA  1 
ATOM   45  C  C   . LEU A 1 15  ? 3.092   -1.339  -9.864  1.00 84.86  ?  13  LEU A C   1 
ATOM   46  O  O   . LEU A 1 15  ? 2.229   -0.666  -9.277  1.00 84.18  ?  13  LEU A O   1 
ATOM   47  C  CB  . LEU A 1 15  ? 3.987   -3.422  -8.788  1.00 87.55  ?  13  LEU A CB  1 
ATOM   48  C  CG  . LEU A 1 15  ? 3.876   -2.755  -7.405  1.00 87.50  ?  13  LEU A CG  1 
ATOM   49  C  CD1 . LEU A 1 15  ? 2.850   -3.474  -6.565  1.00 87.94  ?  13  LEU A CD1 1 
ATOM   50  C  CD2 . LEU A 1 15  ? 5.204   -2.659  -6.659  1.00 88.32  ?  13  LEU A CD2 1 
ATOM   51  N  N   . LEU A 1 16  ? 4.098   -0.790  -10.531 1.00 83.34  ?  14  LEU A N   1 
ATOM   52  C  CA  . LEU A 1 16  ? 4.267   0.648   -10.524 1.00 82.42  ?  14  LEU A CA  1 
ATOM   53  C  C   . LEU A 1 16  ? 3.155   1.407   -11.266 1.00 80.32  ?  14  LEU A C   1 
ATOM   54  O  O   . LEU A 1 16  ? 2.733   2.493   -10.844 1.00 79.42  ?  14  LEU A O   1 
ATOM   55  C  CB  . LEU A 1 16  ? 5.618   1.000   -11.091 1.00 84.78  ?  14  LEU A CB  1 
ATOM   56  C  CG  . LEU A 1 16  ? 6.290   2.087   -10.268 1.00 87.47  ?  14  LEU A CG  1 
ATOM   57  C  CD1 . LEU A 1 16  ? 7.812   1.858   -10.350 1.00 89.53  ?  14  LEU A CD1 1 
ATOM   58  C  CD2 . LEU A 1 16  ? 5.851   3.536   -10.694 1.00 87.26  ?  14  LEU A CD2 1 
ATOM   59  N  N   . THR A 1 17  ? 2.690   0.835   -12.373 1.00 78.38  ?  15  THR A N   1 
ATOM   60  C  CA  . THR A 1 17  ? 1.557   1.394   -13.096 1.00 76.12  ?  15  THR A CA  1 
ATOM   61  C  C   . THR A 1 17  ? 0.322   1.279   -12.222 1.00 73.82  ?  15  THR A C   1 
ATOM   62  O  O   . THR A 1 17  ? -0.433  2.226   -12.084 1.00 73.84  ?  15  THR A O   1 
ATOM   63  C  CB  . THR A 1 17  ? 1.370   0.707   -14.462 1.00 76.29  ?  15  THR A CB  1 
ATOM   64  O  OG1 . THR A 1 17  ? 2.350   1.226   -15.365 1.00 77.30  ?  15  THR A OG1 1 
ATOM   65  C  CG2 . THR A 1 17  ? 0.004   0.991   -15.042 1.00 76.26  ?  15  THR A CG2 1 
ATOM   66  N  N   . VAL A 1 18  ? 0.155   0.112   -11.620 1.00 72.25  ?  16  VAL A N   1 
ATOM   67  C  CA  . VAL A 1 18  ? -0.899  -0.163  -10.664 1.00 70.24  ?  16  VAL A CA  1 
ATOM   68  C  C   . VAL A 1 18  ? -0.921  0.864   -9.508  1.00 68.96  ?  16  VAL A C   1 
ATOM   69  O  O   . VAL A 1 18  ? -1.996  1.360   -9.136  1.00 66.98  ?  16  VAL A O   1 
ATOM   70  C  CB  . VAL A 1 18  ? -0.786  -1.636  -10.156 1.00 70.49  ?  16  VAL A CB  1 
ATOM   71  C  CG1 . VAL A 1 18  ? -1.253  -1.777  -8.726  1.00 70.39  ?  16  VAL A CG1 1 
ATOM   72  C  CG2 . VAL A 1 18  ? -1.572  -2.567  -11.060 1.00 71.07  ?  16  VAL A CG2 1 
HETATM 73  N  N   . MSE A 1 19  ? 0.259   1.189   -8.976  1.00 68.71  ?  17  MSE A N   1 
HETATM 74  C  CA  . MSE A 1 19  ? 0.384   2.200   -7.933  1.00 68.39  ?  17  MSE A CA  1 
HETATM 75  C  C   . MSE A 1 19  ? -0.227  3.542   -8.300  1.00 69.54  ?  17  MSE A C   1 
HETATM 76  O  O   . MSE A 1 19  ? -1.048  4.078   -7.535  1.00 69.52  ?  17  MSE A O   1 
HETATM 77  C  CB  . MSE A 1 19  ? 1.818   2.386   -7.477  1.00 68.50  ?  17  MSE A CB  1 
HETATM 78  C  CG  . MSE A 1 19  ? 2.150   1.487   -6.344  1.00 69.27  ?  17  MSE A CG  1 
HETATM 79  SE SE  . MSE A 1 19  ? 4.047   1.322   -5.966  1.00 73.84  ?  17  MSE A SE  1 
HETATM 80  C  CE  . MSE A 1 19  ? 4.408   2.918   -4.876  1.00 72.42  ?  17  MSE A CE  1 
ATOM   81  N  N   . ASP A 1 20  ? 0.122   4.114   -9.445  1.00 70.88  ?  18  ASP A N   1 
ATOM   82  C  CA  . ASP A 1 20  ? -0.491  5.410   -9.678  1.00 71.92  ?  18  ASP A CA  1 
ATOM   83  C  C   . ASP A 1 20  ? -1.865  5.409   -10.343 1.00 69.51  ?  18  ASP A C   1 
ATOM   84  O  O   . ASP A 1 20  ? -2.516  6.445   -10.376 1.00 69.35  ?  18  ASP A O   1 
ATOM   85  C  CB  . ASP A 1 20  ? 0.485   6.504   -10.158 1.00 76.16  ?  18  ASP A CB  1 
ATOM   86  C  CG  . ASP A 1 20  ? 1.043   6.244   -11.522 1.00 78.96  ?  18  ASP A CG  1 
ATOM   87  O  OD1 . ASP A 1 20  ? 0.246   6.122   -12.483 1.00 80.16  ?  18  ASP A OD1 1 
ATOM   88  O  OD2 . ASP A 1 20  ? 2.291   6.208   -11.633 1.00 81.67  ?  18  ASP A OD2 1 
ATOM   89  N  N   . ARG A 1 21  ? -2.324  4.248   -10.812 1.00 67.38  ?  19  ARG A N   1 
ATOM   90  C  CA  . ARG A 1 21  ? -3.739  4.084   -11.146 1.00 66.46  ?  19  ARG A CA  1 
ATOM   91  C  C   . ARG A 1 21  ? -4.547  4.165   -9.839  1.00 64.20  ?  19  ARG A C   1 
ATOM   92  O  O   . ARG A 1 21  ? -5.576  4.852   -9.754  1.00 63.54  ?  19  ARG A O   1 
ATOM   93  C  CB  . ARG A 1 21  ? -3.995  2.757   -11.831 1.00 68.19  ?  19  ARG A CB  1 
ATOM   94  C  CG  . ARG A 1 21  ? -5.014  2.873   -12.916 1.00 74.79  ?  19  ARG A CG  1 
ATOM   95  C  CD  . ARG A 1 21  ? -5.883  1.617   -13.059 1.00 79.07  ?  19  ARG A CD  1 
ATOM   96  N  NE  . ARG A 1 21  ? -7.231  1.980   -13.537 1.00 83.23  ?  19  ARG A NE  1 
ATOM   97  C  CZ  . ARG A 1 21  ? -8.326  1.227   -13.389 1.00 84.96  ?  19  ARG A CZ  1 
ATOM   98  N  NH1 . ARG A 1 21  ? -8.259  0.047   -12.777 1.00 85.26  ?  19  ARG A NH1 1 
ATOM   99  N  NH2 . ARG A 1 21  ? -9.500  1.664   -13.850 1.00 86.95  ?  19  ARG A NH2 1 
ATOM   100 N  N   . TYR A 1 22  ? -4.043  3.490   -8.807  1.00 61.29  ?  20  TYR A N   1 
ATOM   101 C  CA  . TYR A 1 22  ? -4.658  3.534   -7.504  1.00 58.78  ?  20  TYR A CA  1 
ATOM   102 C  C   . TYR A 1 22  ? -4.692  4.955   -6.969  1.00 59.13  ?  20  TYR A C   1 
ATOM   103 O  O   . TYR A 1 22  ? -5.750  5.445   -6.531  1.00 59.56  ?  20  TYR A O   1 
ATOM   104 C  CB  . TYR A 1 22  ? -3.930  2.628   -6.530  1.00 57.30  ?  20  TYR A CB  1 
ATOM   105 C  CG  . TYR A 1 22  ? -4.515  2.690   -5.148  1.00 55.35  ?  20  TYR A CG  1 
ATOM   106 C  CD1 . TYR A 1 22  ? -5.701  2.019   -4.841  1.00 55.10  ?  20  TYR A CD1 1 
ATOM   107 C  CD2 . TYR A 1 22  ? -3.888  3.414   -4.145  1.00 54.11  ?  20  TYR A CD2 1 
ATOM   108 C  CE1 . TYR A 1 22  ? -6.248  2.078   -3.576  1.00 53.44  ?  20  TYR A CE1 1 
ATOM   109 C  CE2 . TYR A 1 22  ? -4.421  3.461   -2.873  1.00 54.64  ?  20  TYR A CE2 1 
ATOM   110 C  CZ  . TYR A 1 22  ? -5.605  2.795   -2.602  1.00 53.37  ?  20  TYR A CZ  1 
ATOM   111 O  OH  . TYR A 1 22  ? -6.143  2.868   -1.343  1.00 54.30  ?  20  TYR A OH  1 
ATOM   112 N  N   . SER A 1 23  ? -3.539  5.615   -7.022  1.00 58.73  ?  21  SER A N   1 
ATOM   113 C  CA  . SER A 1 23  ? -3.416  6.979   -6.549  1.00 57.94  ?  21  SER A CA  1 
ATOM   114 C  C   . SER A 1 23  ? -4.349  7.925   -7.305  1.00 57.91  ?  21  SER A C   1 
ATOM   115 O  O   . SER A 1 23  ? -4.881  8.874   -6.721  1.00 58.13  ?  21  SER A O   1 
ATOM   116 C  CB  . SER A 1 23  ? -1.977  7.451   -6.699  1.00 59.33  ?  21  SER A CB  1 
ATOM   117 O  OG  . SER A 1 23  ? -1.836  8.773   -6.223  1.00 60.90  ?  21  SER A OG  1 
ATOM   118 N  N   . ALA A 1 24  ? -4.547  7.673   -8.597  1.00 57.04  ?  22  ALA A N   1 
ATOM   119 C  CA  . ALA A 1 24  ? -5.420  8.539   -9.398  1.00 57.32  ?  22  ALA A CA  1 
ATOM   120 C  C   . ALA A 1 24  ? -6.870  8.297   -8.997  1.00 56.10  ?  22  ALA A C   1 
ATOM   121 O  O   . ALA A 1 24  ? -7.627  9.235   -8.835  1.00 57.54  ?  22  ALA A O   1 
ATOM   122 C  CB  . ALA A 1 24  ? -5.228  8.312   -10.891 1.00 56.80  ?  22  ALA A CB  1 
ATOM   123 N  N   . VAL A 1 25  ? -7.246  7.039   -8.803  1.00 54.01  ?  23  VAL A N   1 
ATOM   124 C  CA  . VAL A 1 25  ? -8.617  6.726   -8.448  1.00 52.05  ?  23  VAL A CA  1 
ATOM   125 C  C   . VAL A 1 25  ? -8.957  7.266   -7.050  1.00 51.89  ?  23  VAL A C   1 
ATOM   126 O  O   . VAL A 1 25  ? -10.038 7.829   -6.827  1.00 50.75  ?  23  VAL A O   1 
ATOM   127 C  CB  . VAL A 1 25  ? -8.874  5.220   -8.576  1.00 50.92  ?  23  VAL A CB  1 
ATOM   128 C  CG1 . VAL A 1 25  ? -10.178 4.830   -7.902  1.00 49.21  ?  23  VAL A CG1 1 
ATOM   129 C  CG2 . VAL A 1 25  ? -8.916  4.850   -10.047 1.00 49.20  ?  23  VAL A CG2 1 
ATOM   130 N  N   . VAL A 1 26  ? -8.022  7.134   -6.119  1.00 51.23  ?  24  VAL A N   1 
ATOM   131 C  CA  . VAL A 1 26  ? -8.279  7.613   -4.781  1.00 51.22  ?  24  VAL A CA  1 
ATOM   132 C  C   . VAL A 1 26  ? -8.343  9.139   -4.759  1.00 53.70  ?  24  VAL A C   1 
ATOM   133 O  O   . VAL A 1 26  ? -9.201  9.700   -4.071  1.00 54.68  ?  24  VAL A O   1 
ATOM   134 C  CB  . VAL A 1 26  ? -7.270  7.058   -3.744  1.00 51.11  ?  24  VAL A CB  1 
ATOM   135 C  CG1 . VAL A 1 26  ? -7.423  7.775   -2.397  1.00 49.47  ?  24  VAL A CG1 1 
ATOM   136 C  CG2 . VAL A 1 26  ? -7.460  5.563   -3.586  1.00 48.00  ?  24  VAL A CG2 1 
ATOM   137 N  N   . ARG A 1 27  ? -7.472  9.815   -5.510  1.00 56.07  ?  25  ARG A N   1 
ATOM   138 C  CA  . ARG A 1 27  ? -7.557  11.281  -5.586  1.00 59.01  ?  25  ARG A CA  1 
ATOM   139 C  C   . ARG A 1 27  ? -8.870  11.751  -6.199  1.00 58.35  ?  25  ARG A C   1 
ATOM   140 O  O   . ARG A 1 27  ? -9.479  12.706  -5.705  1.00 58.52  ?  25  ARG A O   1 
ATOM   141 C  CB  . ARG A 1 27  ? -6.365  11.904  -6.284  1.00 63.08  ?  25  ARG A CB  1 
ATOM   142 C  CG  . ARG A 1 27  ? -5.176  12.047  -5.347  1.00 69.89  ?  25  ARG A CG  1 
ATOM   143 C  CD  . ARG A 1 27  ? -3.857  11.989  -6.120  1.00 76.04  ?  25  ARG A CD  1 
ATOM   144 N  NE  . ARG A 1 27  ? -2.695  12.088  -5.235  1.00 81.04  ?  25  ARG A NE  1 
ATOM   145 C  CZ  . ARG A 1 27  ? -2.241  13.226  -4.704  1.00 84.39  ?  25  ARG A CZ  1 
ATOM   146 N  NH1 . ARG A 1 27  ? -2.854  14.385  -4.954  1.00 85.89  ?  25  ARG A NH1 1 
ATOM   147 N  NH2 . ARG A 1 27  ? -1.172  13.200  -3.911  1.00 85.89  ?  25  ARG A NH2 1 
ATOM   148 N  N   . ASN A 1 28  ? -9.321  11.063  -7.242  1.00 56.44  ?  26  ASN A N   1 
ATOM   149 C  CA  . ASN A 1 28  ? -10.625 11.332  -7.780  1.00 57.00  ?  26  ASN A CA  1 
ATOM   150 C  C   . ASN A 1 28  ? -11.732 11.088  -6.760  1.00 57.15  ?  26  ASN A C   1 
ATOM   151 O  O   . ASN A 1 28  ? -12.687 11.886  -6.680  1.00 58.78  ?  26  ASN A O   1 
ATOM   152 C  CB  . ASN A 1 28  ? -10.907 10.519  -9.033  1.00 56.73  ?  26  ASN A CB  1 
ATOM   153 C  CG  . ASN A 1 28  ? -12.217 10.923  -9.679  1.00 58.90  ?  26  ASN A CG  1 
ATOM   154 O  OD1 . ASN A 1 28  ? -13.161 10.139  -9.728  1.00 58.15  ?  26  ASN A OD1 1 
ATOM   155 N  ND2 . ASN A 1 28  ? -12.301 12.182  -10.129 1.00 59.87  ?  26  ASN A ND2 1 
HETATM 156 N  N   . MSE A 1 29  ? -11.612 9.994   -5.999  1.00 55.51  ?  27  MSE A N   1 
HETATM 157 C  CA  . MSE A 1 29  ? -12.554 9.674   -4.937  1.00 54.24  ?  27  MSE A CA  1 
HETATM 158 C  C   . MSE A 1 29  ? -12.635 10.836  -3.953  1.00 56.09  ?  27  MSE A C   1 
HETATM 159 O  O   . MSE A 1 29  ? -13.734 11.228  -3.541  1.00 56.46  ?  27  MSE A O   1 
HETATM 160 C  CB  . MSE A 1 29  ? -12.140 8.405   -4.201  1.00 52.64  ?  27  MSE A CB  1 
HETATM 161 C  CG  . MSE A 1 29  ? -13.153 7.912   -3.199  1.00 51.26  ?  27  MSE A CG  1 
HETATM 162 SE SE  . MSE A 1 29  ? -12.521 6.416   -2.120  1.00 52.70  ?  27  MSE A SE  1 
HETATM 163 C  CE  . MSE A 1 29  ? -11.100 7.348   -1.144  1.00 49.68  ?  27  MSE A CE  1 
ATOM   164 N  N   . GLU A 1 30  ? -11.491 11.400  -3.585  1.00 57.41  ?  28  GLU A N   1 
ATOM   165 C  CA  . GLU A 1 30  ? -11.503 12.513  -2.653  1.00 60.09  ?  28  GLU A CA  1 
ATOM   166 C  C   . GLU A 1 30  ? -12.099 13.802  -3.226  1.00 61.90  ?  28  GLU A C   1 
ATOM   167 O  O   . GLU A 1 30  ? -12.691 14.568  -2.478  1.00 62.88  ?  28  GLU A O   1 
ATOM   168 C  CB  . GLU A 1 30  ? -10.126 12.770  -2.072  1.00 62.17  ?  28  GLU A CB  1 
ATOM   169 C  CG  . GLU A 1 30  ? -9.579  11.589  -1.313  1.00 65.69  ?  28  GLU A CG  1 
ATOM   170 C  CD  . GLU A 1 30  ? -8.087  11.732  -1.041  1.00 69.69  ?  28  GLU A CD  1 
ATOM   171 O  OE1 . GLU A 1 30  ? -7.652  12.842  -0.678  1.00 74.16  ?  28  GLU A OE1 1 
ATOM   172 O  OE2 . GLU A 1 30  ? -7.337  10.745  -1.192  1.00 71.54  ?  28  GLU A OE2 1 
ATOM   173 N  N   . GLN A 1 31  ? -11.969 14.044  -4.526  1.00 63.43  ?  29  GLN A N   1 
ATOM   174 C  CA  . GLN A 1 31  ? -12.617 15.212  -5.121  1.00 66.37  ?  29  GLN A CA  1 
ATOM   175 C  C   . GLN A 1 31  ? -14.114 15.021  -5.064  1.00 64.24  ?  29  GLN A C   1 
ATOM   176 O  O   . GLN A 1 31  ? -14.833 15.952  -4.747  1.00 66.83  ?  29  GLN A O   1 
ATOM   177 C  CB  . GLN A 1 31  ? -12.220 15.448  -6.578  1.00 70.15  ?  29  GLN A CB  1 
ATOM   178 C  CG  . GLN A 1 31  ? -10.727 15.501  -6.861  1.00 77.10  ?  29  GLN A CG  1 
ATOM   179 C  CD  . GLN A 1 31  ? -10.024 16.689  -6.214  1.00 81.53  ?  29  GLN A CD  1 
ATOM   180 O  OE1 . GLN A 1 31  ? -10.575 17.803  -6.132  1.00 85.12  ?  29  GLN A OE1 1 
ATOM   181 N  NE2 . GLN A 1 31  ? -8.780  16.465  -5.777  1.00 83.38  ?  29  GLN A NE2 1 
ATOM   182 N  N   . VAL A 1 32  ? -14.573 13.810  -5.366  1.00 60.80  ?  30  VAL A N   1 
ATOM   183 C  CA  . VAL A 1 32  ? -16.004 13.501  -5.480  1.00 58.22  ?  30  VAL A CA  1 
ATOM   184 C  C   . VAL A 1 32  ? -16.730 13.472  -4.132  1.00 56.80  ?  30  VAL A C   1 
ATOM   185 O  O   . VAL A 1 32  ? -17.838 14.023  -3.993  1.00 58.28  ?  30  VAL A O   1 
ATOM   186 C  CB  . VAL A 1 32  ? -16.224 12.159  -6.228  1.00 57.25  ?  30  VAL A CB  1 
ATOM   187 C  CG1 . VAL A 1 32  ? -17.646 11.644  -6.058  1.00 54.10  ?  30  VAL A CG1 1 
ATOM   188 C  CG2 . VAL A 1 32  ? -15.871 12.309  -7.709  1.00 57.78  ?  30  VAL A CG2 1 
ATOM   189 N  N   . VAL A 1 33  ? -16.112 12.835  -3.142  1.00 54.04  ?  31  VAL A N   1 
ATOM   190 C  CA  . VAL A 1 33  ? -16.734 12.668  -1.830  1.00 52.32  ?  31  VAL A CA  1 
ATOM   191 C  C   . VAL A 1 33  ? -16.640 13.976  -1.055  1.00 54.13  ?  31  VAL A C   1 
ATOM   192 O  O   . VAL A 1 33  ? -15.823 14.141  -0.158  1.00 53.77  ?  31  VAL A O   1 
ATOM   193 C  CB  . VAL A 1 33  ? -16.138 11.449  -1.059  1.00 50.56  ?  31  VAL A CB  1 
ATOM   194 C  CG1 . VAL A 1 33  ? -16.713 11.344  0.325   1.00 47.46  ?  31  VAL A CG1 1 
ATOM   195 C  CG2 . VAL A 1 33  ? -16.408 10.147  -1.838  1.00 49.19  ?  31  VAL A CG2 1 
HETATM 196 N  N   . MSE A 1 34  ? -17.509 14.909  -1.417  1.00 57.59  ?  32  MSE A N   1 
HETATM 197 C  CA  . MSE A 1 34  ? -17.466 16.270  -0.894  1.00 61.11  ?  32  MSE A CA  1 
HETATM 198 C  C   . MSE A 1 34  ? -17.845 16.355  0.581   1.00 59.22  ?  32  MSE A C   1 
HETATM 199 O  O   . MSE A 1 34  ? -17.282 17.178  1.323   1.00 60.96  ?  32  MSE A O   1 
HETATM 200 C  CB  . MSE A 1 34  ? -18.418 17.143  -1.697  1.00 66.48  ?  32  MSE A CB  1 
HETATM 201 C  CG  . MSE A 1 34  ? -18.079 17.228  -3.174  1.00 73.94  ?  32  MSE A CG  1 
HETATM 202 SE SE  . MSE A 1 34  ? -17.286 18.948  -3.639  1.00 84.97  ?  32  MSE A SE  1 
HETATM 203 C  CE  . MSE A 1 34  ? -15.568 18.790  -2.698  1.00 80.31  ?  32  MSE A CE  1 
ATOM   204 N  N   . ILE A 1 35  ? -18.817 15.533  0.991   1.00 54.81  ?  33  ILE A N   1 
ATOM   205 C  CA  . ILE A 1 35  ? -19.311 15.528  2.363   1.00 51.98  ?  33  ILE A CA  1 
ATOM   206 C  C   . ILE A 1 35  ? -19.104 14.106  2.910   1.00 50.87  ?  33  ILE A C   1 
ATOM   207 O  O   . ILE A 1 35  ? -19.998 13.239  2.833   1.00 50.22  ?  33  ILE A O   1 
ATOM   208 C  CB  . ILE A 1 35  ? -20.814 15.997  2.461   1.00 51.30  ?  33  ILE A CB  1 
ATOM   209 C  CG1 . ILE A 1 35  ? -21.074 17.226  1.573   1.00 50.98  ?  33  ILE A CG1 1 
ATOM   210 C  CG2 . ILE A 1 35  ? -21.215 16.263  3.926   1.00 49.54  ?  33  ILE A CG2 1 
ATOM   211 C  CD1 . ILE A 1 35  ? -22.531 17.617  1.418   1.00 49.87  ?  33  ILE A CD1 1 
ATOM   212 N  N   . PRO A 1 36  ? -17.907 13.854  3.459   1.00 50.33  ?  34  PRO A N   1 
ATOM   213 C  CA  . PRO A 1 36  ? -17.538 12.481  3.830   1.00 48.19  ?  34  PRO A CA  1 
ATOM   214 C  C   . PRO A 1 36  ? -18.377 11.919  4.974   1.00 47.51  ?  34  PRO A C   1 
ATOM   215 O  O   . PRO A 1 36  ? -18.481 10.695  5.115   1.00 47.65  ?  34  PRO A O   1 
ATOM   216 C  CB  . PRO A 1 36  ? -16.047 12.602  4.231   1.00 49.55  ?  34  PRO A CB  1 
ATOM   217 C  CG  . PRO A 1 36  ? -15.562 13.877  3.561   1.00 50.64  ?  34  PRO A CG  1 
ATOM   218 C  CD  . PRO A 1 36  ? -16.781 14.800  3.621   1.00 51.47  ?  34  PRO A CD  1 
ATOM   219 N  N   . SER A 1 37  ? -18.985 12.786  5.783   1.00 47.48  ?  35  SER A N   1 
ATOM   220 C  CA  . SER A 1 37  ? -19.807 12.324  6.925   1.00 46.29  ?  35  SER A CA  1 
ATOM   221 C  C   . SER A 1 37  ? -21.080 11.601  6.454   1.00 45.36  ?  35  SER A C   1 
ATOM   222 O  O   . SER A 1 37  ? -21.649 10.828  7.201   1.00 47.09  ?  35  SER A O   1 
ATOM   223 C  CB  . SER A 1 37  ? -20.170 13.482  7.838   1.00 44.65  ?  35  SER A CB  1 
ATOM   224 O  OG  . SER A 1 37  ? -20.868 14.440  7.071   1.00 44.07  ?  35  SER A OG  1 
ATOM   225 N  N   . LEU A 1 38  ? -21.503 11.840  5.215   1.00 44.87  ?  36  LEU A N   1 
ATOM   226 C  CA  . LEU A 1 38  ? -22.607 11.096  4.595   1.00 44.72  ?  36  LEU A CA  1 
ATOM   227 C  C   . LEU A 1 38  ? -22.294 9.588   4.460   1.00 45.02  ?  36  LEU A C   1 
ATOM   228 O  O   . LEU A 1 38  ? -23.219 8.768   4.325   1.00 46.23  ?  36  LEU A O   1 
ATOM   229 C  CB  . LEU A 1 38  ? -22.969 11.689  3.217   1.00 43.54  ?  36  LEU A CB  1 
ATOM   230 C  CG  . LEU A 1 38  ? -23.438 13.153  3.226   1.00 46.61  ?  36  LEU A CG  1 
ATOM   231 C  CD1 . LEU A 1 38  ? -23.920 13.552  1.845   1.00 47.20  ?  36  LEU A CD1 1 
ATOM   232 C  CD2 . LEU A 1 38  ? -24.531 13.482  4.288   1.00 42.69  ?  36  LEU A CD2 1 
ATOM   233 N  N   . LEU A 1 39  ? -21.006 9.230   4.479   1.00 43.21  ?  37  LEU A N   1 
ATOM   234 C  CA  . LEU A 1 39  ? -20.585 7.823   4.424   1.00 42.21  ?  37  LEU A CA  1 
ATOM   235 C  C   . LEU A 1 39  ? -20.726 7.113   5.768   1.00 42.74  ?  37  LEU A C   1 
ATOM   236 O  O   . LEU A 1 39  ? -20.742 5.882   5.817   1.00 44.78  ?  37  LEU A O   1 
ATOM   237 C  CB  . LEU A 1 39  ? -19.142 7.693   3.930   1.00 41.62  ?  37  LEU A CB  1 
ATOM   238 C  CG  . LEU A 1 39  ? -18.776 8.192   2.528   1.00 42.35  ?  37  LEU A CG  1 
ATOM   239 C  CD1 . LEU A 1 39  ? -17.265 8.055   2.232   1.00 41.39  ?  37  LEU A CD1 1 
ATOM   240 C  CD2 . LEU A 1 39  ? -19.573 7.456   1.443   1.00 42.64  ?  37  LEU A CD2 1 
ATOM   241 N  N   . ARG A 1 40  ? -20.827 7.855   6.865   1.00 42.96  ?  38  ARG A N   1 
ATOM   242 C  CA  . ARG A 1 40  ? -21.016 7.208   8.180   1.00 44.21  ?  38  ARG A CA  1 
ATOM   243 C  C   . ARG A 1 40  ? -22.319 6.431   8.115   1.00 45.80  ?  38  ARG A C   1 
ATOM   244 O  O   . ARG A 1 40  ? -23.286 6.872   7.460   1.00 45.37  ?  38  ARG A O   1 
ATOM   245 C  CB  . ARG A 1 40  ? -21.155 8.233   9.289   1.00 42.87  ?  38  ARG A CB  1 
ATOM   246 C  CG  . ARG A 1 40  ? -19.996 9.135   9.481   1.00 42.27  ?  38  ARG A CG  1 
ATOM   247 C  CD  . ARG A 1 40  ? -19.229 8.727   10.677  1.00 46.01  ?  38  ARG A CD  1 
ATOM   248 N  NE  . ARG A 1 40  ? -18.192 9.700   11.006  1.00 48.09  ?  38  ARG A NE  1 
ATOM   249 C  CZ  . ARG A 1 40  ? -17.123 9.432   11.749  1.00 50.86  ?  38  ARG A CZ  1 
ATOM   250 N  NH1 . ARG A 1 40  ? -16.932 8.214   12.230  1.00 53.20  ?  38  ARG A NH1 1 
ATOM   251 N  NH2 . ARG A 1 40  ? -16.231 10.372  11.997  1.00 52.45  ?  38  ARG A NH2 1 
ATOM   252 N  N   . ASP A 1 41  ? -22.335 5.273   8.763   1.00 47.81  ?  39  ASP A N   1 
ATOM   253 C  CA  . ASP A 1 41  ? -23.551 4.458   8.889   1.00 51.00  ?  39  ASP A CA  1 
ATOM   254 C  C   . ASP A 1 41  ? -24.015 3.765   7.614   1.00 52.64  ?  39  ASP A C   1 
ATOM   255 O  O   . ASP A 1 41  ? -25.146 3.280   7.564   1.00 54.66  ?  39  ASP A O   1 
ATOM   256 C  CB  . ASP A 1 41  ? -24.698 5.301   9.434   1.00 50.56  ?  39  ASP A CB  1 
ATOM   257 C  CG  . ASP A 1 41  ? -24.405 5.857   10.803  1.00 52.49  ?  39  ASP A CG  1 
ATOM   258 O  OD1 . ASP A 1 41  ? -23.645 5.181   11.549  1.00 52.58  ?  39  ASP A OD1 1 
ATOM   259 O  OD2 . ASP A 1 41  ? -24.944 6.956   11.124  1.00 50.88  ?  39  ASP A OD2 1 
ATOM   260 N  N   . VAL A 1 42  ? -23.182 3.765   6.572   1.00 53.82  ?  40  VAL A N   1 
ATOM   261 C  CA  . VAL A 1 42  ? -23.460 2.998   5.360   1.00 55.39  ?  40  VAL A CA  1 
ATOM   262 C  C   . VAL A 1 42  ? -22.687 1.725   5.567   1.00 59.62  ?  40  VAL A C   1 
ATOM   263 O  O   . VAL A 1 42  ? -21.464 1.762   5.755   1.00 58.00  ?  40  VAL A O   1 
ATOM   264 C  CB  . VAL A 1 42  ? -22.986 3.701   4.072   1.00 53.64  ?  40  VAL A CB  1 
ATOM   265 C  CG1 . VAL A 1 42  ? -23.110 2.767   2.871   1.00 52.30  ?  40  VAL A CG1 1 
ATOM   266 C  CG2 . VAL A 1 42  ? -23.772 4.982   3.831   1.00 50.65  ?  40  VAL A CG2 1 
ATOM   267 N  N   . GLN A 1 43  ? -23.414 0.605   5.570   1.00 65.83  ?  41  GLN A N   1 
ATOM   268 C  CA  . GLN A 1 43  ? -22.820 -0.694  5.873   1.00 71.56  ?  41  GLN A CA  1 
ATOM   269 C  C   . GLN A 1 43  ? -21.875 -1.212  4.801   1.00 73.32  ?  41  GLN A C   1 
ATOM   270 O  O   . GLN A 1 43  ? -22.069 -0.978  3.603   1.00 72.54  ?  41  GLN A O   1 
ATOM   271 C  CB  . GLN A 1 43  ? -23.882 -1.729  6.244   1.00 75.42  ?  41  GLN A CB  1 
ATOM   272 C  CG  . GLN A 1 43  ? -24.319 -1.636  7.713   1.00 80.02  ?  41  GLN A CG  1 
ATOM   273 C  CD  . GLN A 1 43  ? -23.223 -1.094  8.666   1.00 81.18  ?  41  GLN A CD  1 
ATOM   274 O  OE1 . GLN A 1 43  ? -23.532 -0.323  9.587   1.00 80.39  ?  41  GLN A OE1 1 
ATOM   275 N  NE2 . GLN A 1 43  ? -21.938 -1.493  8.440   1.00 81.80  ?  41  GLN A NE2 1 
ATOM   276 N  N   . LEU A 1 44  ? -20.830 -1.887  5.259   1.00 77.21  ?  42  LEU A N   1 
ATOM   277 C  CA  . LEU A 1 44  ? -19.832 -2.476  4.373   1.00 80.99  ?  42  LEU A CA  1 
ATOM   278 C  C   . LEU A 1 44  ? -20.379 -3.719  3.662   1.00 86.39  ?  42  LEU A C   1 
ATOM   279 O  O   . LEU A 1 44  ? -20.133 -3.908  2.468   1.00 86.08  ?  42  LEU A O   1 
ATOM   280 C  CB  . LEU A 1 44  ? -18.573 -2.826  5.168   1.00 80.67  ?  42  LEU A CB  1 
ATOM   281 C  CG  . LEU A 1 44  ? -17.747 -1.624  5.603   1.00 77.49  ?  42  LEU A CG  1 
ATOM   282 C  CD1 . LEU A 1 44  ? -16.729 -2.001  6.661   1.00 79.02  ?  42  LEU A CD1 1 
ATOM   283 C  CD2 . LEU A 1 44  ? -17.076 -1.056  4.394   1.00 75.72  ?  42  LEU A CD2 1 
ATOM   284 N  N   . SER A 1 45  ? -21.138 -4.531  4.411   1.00 92.77  ?  43  SER A N   1 
ATOM   285 C  CA  . SER A 1 45  ? -21.723 -5.812  3.951   1.00 99.85  ?  43  SER A CA  1 
ATOM   286 C  C   . SER A 1 45  ? -22.520 -5.742  2.632   1.00 102.62 ?  43  SER A C   1 
ATOM   287 O  O   . SER A 1 45  ? -22.849 -6.785  2.044   1.00 105.82 ?  43  SER A O   1 
ATOM   288 C  CB  . SER A 1 45  ? -22.638 -6.410  5.043   1.00 102.42 ?  43  SER A CB  1 
ATOM   289 O  OG  . SER A 1 45  ? -22.169 -6.146  6.355   1.00 102.65 ?  43  SER A OG  1 
ATOM   290 N  N   . GLY A 1 46  ? -22.827 -4.521  2.180   1.00 102.59 ?  44  GLY A N   1 
ATOM   291 C  CA  . GLY A 1 46  ? -23.782 -4.307  1.092   1.00 105.89 ?  44  GLY A CA  1 
ATOM   292 C  C   . GLY A 1 46  ? -25.189 -4.280  1.681   1.00 109.44 ?  44  GLY A C   1 
ATOM   293 O  O   . GLY A 1 46  ? -25.893 -5.313  1.684   1.00 112.29 ?  44  GLY A O   1 
ATOM   294 N  N   . PRO A 1 47  ? -25.622 -3.082  2.142   1.00 108.81 ?  45  PRO A N   1 
ATOM   295 C  CA  . PRO A 1 47  ? -26.728 -2.843  3.068   1.00 110.11 ?  45  PRO A CA  1 
ATOM   296 C  C   . PRO A 1 47  ? -27.316 -4.102  3.713   1.00 114.48 ?  45  PRO A C   1 
ATOM   297 O  O   . PRO A 1 47  ? -26.864 -4.513  4.789   1.00 115.83 ?  45  PRO A O   1 
ATOM   298 C  CB  . PRO A 1 47  ? -27.746 -2.132  2.174   1.00 109.82 ?  45  PRO A CB  1 
ATOM   299 C  CG  . PRO A 1 47  ? -26.838 -1.337  1.148   1.00 107.66 ?  45  PRO A CG  1 
ATOM   300 C  CD  . PRO A 1 47  ? -25.405 -1.873  1.325   1.00 106.82 ?  45  PRO A CD  1 
ATOM   301 N  N   . SER A 1 50  ? -26.189 -8.905  10.813  1.00 105.88 ?  48  SER A N   1 
ATOM   302 C  CA  . SER A 1 50  ? -25.094 -9.265  11.723  1.00 105.69 ?  48  SER A CA  1 
ATOM   303 C  C   . SER A 1 50  ? -24.188 -8.078  12.114  1.00 104.37 ?  48  SER A C   1 
ATOM   304 O  O   . SER A 1 50  ? -23.375 -8.206  13.035  1.00 104.84 ?  48  SER A O   1 
ATOM   305 C  CB  . SER A 1 50  ? -24.255 -10.434 11.153  1.00 106.41 ?  48  SER A CB  1 
ATOM   306 O  OG  . SER A 1 50  ? -23.663 -10.106 9.901   1.00 107.36 ?  48  SER A OG  1 
ATOM   307 N  N   . VAL A 1 51  ? -24.336 -6.939  11.427  1.00 152.67 ?  49  VAL A N   1 
ATOM   308 C  CA  . VAL A 1 51  ? -23.527 -5.738  11.709  1.00 146.26 ?  49  VAL A CA  1 
ATOM   309 C  C   . VAL A 1 51  ? -24.275 -4.707  12.579  1.00 142.77 ?  49  VAL A C   1 
ATOM   310 O  O   . VAL A 1 51  ? -25.300 -4.151  12.165  1.00 141.24 ?  49  VAL A O   1 
ATOM   311 C  CB  . VAL A 1 51  ? -22.973 -5.077  10.411  1.00 143.02 ?  49  VAL A CB  1 
ATOM   312 C  CG1 . VAL A 1 51  ? -22.130 -3.853  10.749  1.00 139.53 ?  49  VAL A CG1 1 
ATOM   313 C  CG2 . VAL A 1 51  ? -22.144 -6.078  9.606   1.00 144.48 ?  49  VAL A CG2 1 
ATOM   314 N  N   . GLN A 1 52  ? -23.732 -4.464  13.777  1.00 140.68 ?  50  GLN A N   1 
ATOM   315 C  CA  . GLN A 1 52  ? -24.322 -3.573  14.792  1.00 136.93 ?  50  GLN A CA  1 
ATOM   316 C  C   . GLN A 1 52  ? -23.998 -2.093  14.539  1.00 130.23 ?  50  GLN A C   1 
ATOM   317 O  O   . GLN A 1 52  ? -23.374 -1.754  13.531  1.00 127.78 ?  50  GLN A O   1 
ATOM   318 C  CB  . GLN A 1 52  ? -23.816 -3.975  16.197  1.00 140.67 ?  50  GLN A CB  1 
ATOM   319 C  CG  . GLN A 1 52  ? -22.358 -3.527  16.515  1.00 140.17 ?  50  GLN A CG  1 
ATOM   320 C  CD  . GLN A 1 52  ? -21.328 -4.712  16.300  1.00 142.94 ?  50  GLN A CD  1 
ATOM   321 O  OE1 . GLN A 1 52  ? -20.131 -4.605  16.649  1.00 143.46 ?  50  GLN A OE1 1 
ATOM   322 N  NE2 . GLN A 1 52  ? -21.788 -5.837  15.729  1.00 144.87 ?  50  GLN A NE2 1 
ATOM   323 N  N   . ASP A 1 53  ? -24.433 -1.223  15.457  1.00 126.53 ?  51  ASP A N   1 
ATOM   324 C  CA  . ASP A 1 53  ? -23.955 0.166   15.504  1.00 120.34 ?  51  ASP A CA  1 
ATOM   325 C  C   . ASP A 1 53  ? -22.637 0.233   16.289  1.00 118.88 ?  51  ASP A C   1 
ATOM   326 O  O   . ASP A 1 53  ? -22.530 -0.330  17.387  1.00 122.09 ?  51  ASP A O   1 
ATOM   327 C  CB  . ASP A 1 53  ? -25.002 1.105   16.135  1.00 119.56 ?  51  ASP A CB  1 
ATOM   328 C  CG  . ASP A 1 53  ? -24.622 2.588   16.011  1.00 116.85 ?  51  ASP A CG  1 
ATOM   329 O  OD1 . ASP A 1 53  ? -24.933 3.375   16.931  1.00 116.70 ?  51  ASP A OD1 1 
ATOM   330 O  OD2 . ASP A 1 53  ? -24.008 2.969   14.992  1.00 114.51 ?  51  ASP A OD2 1 
ATOM   331 N  N   . GLY A 1 54  ? -21.643 0.917   15.721  1.00 113.12 ?  52  GLY A N   1 
ATOM   332 C  CA  . GLY A 1 54  ? -20.331 1.081   16.368  1.00 109.61 ?  52  GLY A CA  1 
ATOM   333 C  C   . GLY A 1 54  ? -19.208 0.311   15.693  1.00 105.80 ?  52  GLY A C   1 
ATOM   334 O  O   . GLY A 1 54  ? -18.025 0.590   15.925  1.00 106.51 ?  52  GLY A O   1 
ATOM   335 N  N   . ALA A 1 55  ? -19.584 -0.671  14.870  1.00 101.17 ?  53  ALA A N   1 
ATOM   336 C  CA  . ALA A 1 55  ? -18.646 -1.420  14.034  1.00 96.22  ?  53  ALA A CA  1 
ATOM   337 C  C   . ALA A 1 55  ? -18.180 -0.542  12.868  1.00 88.91  ?  53  ALA A C   1 
ATOM   338 O  O   . ALA A 1 55  ? -18.767 0.515   12.625  1.00 87.45  ?  53  ALA A O   1 
ATOM   339 C  CB  . ALA A 1 55  ? -19.307 -2.701  13.515  1.00 97.79  ?  53  ALA A CB  1 
ATOM   340 N  N   . PRO A 1 56  ? -17.104 -0.952  12.172  1.00 84.15  ?  54  PRO A N   1 
ATOM   341 C  CA  . PRO A 1 56  ? -16.639 -0.337  10.924  1.00 77.99  ?  54  PRO A CA  1 
ATOM   342 C  C   . PRO A 1 56  ? -17.694 -0.218  9.814   1.00 72.91  ?  54  PRO A C   1 
ATOM   343 O  O   . PRO A 1 56  ? -18.457 -1.161  9.560   1.00 74.02  ?  54  PRO A O   1 
ATOM   344 C  CB  . PRO A 1 56  ? -15.547 -1.296  10.475  1.00 79.30  ?  54  PRO A CB  1 
ATOM   345 C  CG  . PRO A 1 56  ? -14.959 -1.772  11.753  1.00 83.26  ?  54  PRO A CG  1 
ATOM   346 C  CD  . PRO A 1 56  ? -16.091 -1.864  12.732  1.00 85.97  ?  54  PRO A CD  1 
ATOM   347 N  N   . ASP A 1 57  ? -17.715 0.942   9.160   1.00 66.19  ?  55  ASP A N   1 
ATOM   348 C  CA  . ASP A 1 57  ? -18.618 1.209   8.045   1.00 60.94  ?  55  ASP A CA  1 
ATOM   349 C  C   . ASP A 1 57  ? -17.864 1.753   6.830   1.00 57.16  ?  55  ASP A C   1 
ATOM   350 O  O   . ASP A 1 57  ? -16.628 1.789   6.800   1.00 55.38  ?  55  ASP A O   1 
ATOM   351 C  CB  . ASP A 1 57  ? -19.704 2.200   8.474   1.00 60.42  ?  55  ASP A CB  1 
ATOM   352 C  CG  . ASP A 1 57  ? -19.128 3.528   9.037   1.00 60.93  ?  55  ASP A CG  1 
ATOM   353 O  OD1 . ASP A 1 57  ? -19.870 4.239   9.762   1.00 61.34  ?  55  ASP A OD1 1 
ATOM   354 O  OD2 . ASP A 1 57  ? -17.950 3.878   8.769   1.00 59.41  ?  55  ASP A OD2 1 
ATOM   355 N  N   . LEU A 1 58  ? -18.623 2.224   5.846   1.00 54.42  ?  56  LEU A N   1 
ATOM   356 C  CA  . LEU A 1 58  ? -18.065 2.801   4.633   1.00 51.29  ?  56  LEU A CA  1 
ATOM   357 C  C   . LEU A 1 58  ? -17.125 3.975   4.904   1.00 51.06  ?  56  LEU A C   1 
ATOM   358 O  O   . LEU A 1 58  ? -16.130 4.139   4.205   1.00 52.58  ?  56  LEU A O   1 
ATOM   359 C  CB  . LEU A 1 58  ? -19.176 3.227   3.691   1.00 49.85  ?  56  LEU A CB  1 
ATOM   360 C  CG  . LEU A 1 58  ? -18.725 3.369   2.243   1.00 50.79  ?  56  LEU A CG  1 
ATOM   361 C  CD1 . LEU A 1 58  ? -17.888 2.147   1.802   1.00 49.90  ?  56  LEU A CD1 1 
ATOM   362 C  CD2 . LEU A 1 58  ? -19.925 3.579   1.323   1.00 49.26  ?  56  LEU A CD2 1 
ATOM   363 N  N   . TYR A 1 59  ? -17.415 4.797   5.909   1.00 49.51  ?  57  TYR A N   1 
ATOM   364 C  CA  . TYR A 1 59  ? -16.501 5.881   6.214   1.00 47.30  ?  57  TYR A CA  1 
ATOM   365 C  C   . TYR A 1 59  ? -15.142 5.371   6.703   1.00 48.20  ?  57  TYR A C   1 
ATOM   366 O  O   . TYR A 1 59  ? -14.096 5.957   6.365   1.00 49.86  ?  57  TYR A O   1 
ATOM   367 C  CB  . TYR A 1 59  ? -17.114 6.885   7.190   1.00 47.02  ?  57  TYR A CB  1 
ATOM   368 C  CG  . TYR A 1 59  ? -16.138 7.958   7.613   1.00 46.18  ?  57  TYR A CG  1 
ATOM   369 C  CD1 . TYR A 1 59  ? -15.929 9.090   6.826   1.00 45.40  ?  57  TYR A CD1 1 
ATOM   370 C  CD2 . TYR A 1 59  ? -15.394 7.820   8.788   1.00 46.80  ?  57  TYR A CD2 1 
ATOM   371 C  CE1 . TYR A 1 59  ? -15.022 10.059  7.207   1.00 46.29  ?  57  TYR A CE1 1 
ATOM   372 C  CE2 . TYR A 1 59  ? -14.482 8.775   9.173   1.00 46.71  ?  57  TYR A CE2 1 
ATOM   373 C  CZ  . TYR A 1 59  ? -14.302 9.892   8.386   1.00 47.53  ?  57  TYR A CZ  1 
ATOM   374 O  OH  . TYR A 1 59  ? -13.391 10.844  8.782   1.00 49.96  ?  57  TYR A OH  1 
ATOM   375 N  N   . THR A 1 60  ? -15.142 4.293   7.483   1.00 47.77  ?  58  THR A N   1 
ATOM   376 C  CA  . THR A 1 60  ? -13.912 3.686   7.971   1.00 48.62  ?  58  THR A CA  1 
ATOM   377 C  C   . THR A 1 60  ? -13.098 3.168   6.787   1.00 50.13  ?  58  THR A C   1 
ATOM   378 O  O   . THR A 1 60  ? -11.867 3.270   6.755   1.00 50.65  ?  58  THR A O   1 
ATOM   379 C  CB  . THR A 1 60  ? -14.217 2.492   8.882   1.00 50.07  ?  58  THR A CB  1 
ATOM   380 O  OG1 . THR A 1 60  ? -15.272 2.842   9.784   1.00 50.72  ?  58  THR A OG1 1 
ATOM   381 C  CG2 . THR A 1 60  ? -12.986 2.063   9.676   1.00 49.37  ?  58  THR A CG2 1 
ATOM   382 N  N   . TYR A 1 61  ? -13.807 2.626   5.804   1.00 50.40  ?  59  TYR A N   1 
ATOM   383 C  CA  . TYR A 1 61  ? -13.192 2.040   4.651   1.00 51.26  ?  59  TYR A CA  1 
ATOM   384 C  C   . TYR A 1 61  ? -12.573 3.109   3.757   1.00 51.43  ?  59  TYR A C   1 
ATOM   385 O  O   . TYR A 1 61  ? -11.408 3.012   3.343   1.00 54.03  ?  59  TYR A O   1 
ATOM   386 C  CB  . TYR A 1 61  ? -14.239 1.261   3.883   1.00 53.20  ?  59  TYR A CB  1 
ATOM   387 C  CG  . TYR A 1 61  ? -13.642 0.368   2.856   1.00 56.07  ?  59  TYR A CG  1 
ATOM   388 C  CD1 . TYR A 1 61  ? -12.916 -0.757  3.230   1.00 57.85  ?  59  TYR A CD1 1 
ATOM   389 C  CD2 . TYR A 1 61  ? -13.786 0.646   1.503   1.00 57.25  ?  59  TYR A CD2 1 
ATOM   390 C  CE1 . TYR A 1 61  ? -12.354 -1.583  2.285   1.00 60.07  ?  59  TYR A CE1 1 
ATOM   391 C  CE2 . TYR A 1 61  ? -13.216 -0.180  0.541   1.00 59.46  ?  59  TYR A CE2 1 
ATOM   392 C  CZ  . TYR A 1 61  ? -12.506 -1.282  0.942   1.00 59.92  ?  59  TYR A CZ  1 
ATOM   393 O  OH  . TYR A 1 61  ? -11.949 -2.097  0.001   1.00 63.21  ?  59  TYR A OH  1 
ATOM   394 N  N   . PHE A 1 62  ? -13.371 4.109   3.430   1.00 49.44  ?  60  PHE A N   1 
ATOM   395 C  CA  . PHE A 1 62  ? -12.907 5.313   2.773   1.00 48.07  ?  60  PHE A CA  1 
ATOM   396 C  C   . PHE A 1 62  ? -11.614 5.822   3.451   1.00 47.55  ?  60  PHE A C   1 
ATOM   397 O  O   . PHE A 1 62  ? -10.601 6.054   2.797   1.00 46.94  ?  60  PHE A O   1 
ATOM   398 C  CB  . PHE A 1 62  ? -14.067 6.308   2.855   1.00 47.60  ?  60  PHE A CB  1 
ATOM   399 C  CG  . PHE A 1 62  ? -13.738 7.702   2.461   1.00 47.35  ?  60  PHE A CG  1 
ATOM   400 C  CD1 . PHE A 1 62  ? -13.685 8.068   1.131   1.00 48.48  ?  60  PHE A CD1 1 
ATOM   401 C  CD2 . PHE A 1 62  ? -13.574 8.686   3.438   1.00 48.96  ?  60  PHE A CD2 1 
ATOM   402 C  CE1 . PHE A 1 62  ? -13.431 9.402   0.768   1.00 50.06  ?  60  PHE A CE1 1 
ATOM   403 C  CE2 . PHE A 1 62  ? -13.314 10.013  3.096   1.00 48.89  ?  60  PHE A CE2 1 
ATOM   404 C  CZ  . PHE A 1 62  ? -13.240 10.370  1.758   1.00 50.08  ?  60  PHE A CZ  1 
ATOM   405 N  N   . THR A 1 63  ? -11.633 5.945   4.768   1.00 47.01  ?  61  THR A N   1 
ATOM   406 C  CA  . THR A 1 63  ? -10.449 6.372   5.494   1.00 47.83  ?  61  THR A CA  1 
ATOM   407 C  C   . THR A 1 63  ? -9.237  5.481   5.219   1.00 49.37  ?  61  THR A C   1 
ATOM   408 O  O   . THR A 1 63  ? -8.128  5.981   5.000   1.00 51.39  ?  61  THR A O   1 
ATOM   409 C  CB  . THR A 1 63  ? -10.764 6.422   6.969   1.00 47.61  ?  61  THR A CB  1 
ATOM   410 O  OG1 . THR A 1 63  ? -11.688 7.485   7.157   1.00 49.49  ?  61  THR A OG1 1 
ATOM   411 C  CG2 . THR A 1 63  ? -9.554  6.716   7.802   1.00 48.17  ?  61  THR A CG2 1 
HETATM 412 N  N   . MSE A 1 64  ? -9.444  4.168   5.215   1.00 49.42  ?  62  MSE A N   1 
HETATM 413 C  CA  . MSE A 1 64  ? -8.358  3.232   4.979   1.00 49.57  ?  62  MSE A CA  1 
HETATM 414 C  C   . MSE A 1 64  ? -7.780  3.439   3.580   1.00 48.97  ?  62  MSE A C   1 
HETATM 415 O  O   . MSE A 1 64  ? -6.560  3.504   3.407   1.00 48.46  ?  62  MSE A O   1 
HETATM 416 C  CB  . MSE A 1 64  ? -8.837  1.794   5.163   1.00 50.27  ?  62  MSE A CB  1 
HETATM 417 C  CG  . MSE A 1 64  ? -7.711  0.779   5.084   1.00 51.89  ?  62  MSE A CG  1 
HETATM 418 SE SE  . MSE A 1 64  ? -8.288  -1.107  4.977   1.00 59.17  ?  62  MSE A SE  1 
HETATM 419 C  CE  . MSE A 1 64  ? -9.072  -1.038  3.177   1.00 50.13  ?  62  MSE A CE  1 
ATOM   420 N  N   . LEU A 1 65  ? -8.668  3.535   2.592   1.00 48.73  ?  63  LEU A N   1 
ATOM   421 C  CA  . LEU A 1 65  ? -8.277  3.774   1.220   1.00 49.26  ?  63  LEU A CA  1 
ATOM   422 C  C   . LEU A 1 65  ? -7.371  5.001   1.140   1.00 51.46  ?  63  LEU A C   1 
ATOM   423 O  O   . LEU A 1 65  ? -6.299  4.941   0.534   1.00 52.15  ?  63  LEU A O   1 
ATOM   424 C  CB  . LEU A 1 65  ? -9.512  3.958   0.350   1.00 49.10  ?  63  LEU A CB  1 
ATOM   425 C  CG  . LEU A 1 65  ? -10.384 2.725   0.096   1.00 48.94  ?  63  LEU A CG  1 
ATOM   426 C  CD1 . LEU A 1 65  ? -11.606 3.127   -0.697  1.00 48.41  ?  63  LEU A CD1 1 
ATOM   427 C  CD2 . LEU A 1 65  ? -9.609  1.658   -0.641  1.00 48.12  ?  63  LEU A CD2 1 
ATOM   428 N  N   . LYS A 1 66  ? -7.775  6.098   1.784   1.00 52.67  ?  64  LYS A N   1 
ATOM   429 C  CA  . LYS A 1 66  ? -6.970  7.315   1.798   1.00 54.36  ?  64  LYS A CA  1 
ATOM   430 C  C   . LYS A 1 66  ? -5.644  7.081   2.474   1.00 55.77  ?  64  LYS A C   1 
ATOM   431 O  O   . LYS A 1 66  ? -4.603  7.612   2.066   1.00 58.15  ?  64  LYS A O   1 
ATOM   432 C  CB  . LYS A 1 66  ? -7.701  8.448   2.496   1.00 55.19  ?  64  LYS A CB  1 
ATOM   433 C  CG  . LYS A 1 66  ? -8.719  9.143   1.602   1.00 56.43  ?  64  LYS A CG  1 
ATOM   434 C  CD  . LYS A 1 66  ? -9.856  9.736   2.420   1.00 58.62  ?  64  LYS A CD  1 
ATOM   435 C  CE  . LYS A 1 66  ? -9.480  11.006  3.189   1.00 61.26  ?  64  LYS A CE  1 
ATOM   436 N  NZ  . LYS A 1 66  ? -10.300 11.032  4.436   1.00 63.54  ?  64  LYS A NZ  1 
ATOM   437 N  N   . SER A 1 67  ? -5.669  6.261   3.503   1.00 55.90  ?  65  SER A N   1 
ATOM   438 C  CA  . SER A 1 67  ? -4.486  6.080   4.316   1.00 57.26  ?  65  SER A CA  1 
ATOM   439 C  C   . SER A 1 67  ? -3.403  5.277   3.565   1.00 57.39  ?  65  SER A C   1 
ATOM   440 O  O   . SER A 1 67  ? -2.207  5.580   3.639   1.00 58.91  ?  65  SER A O   1 
ATOM   441 C  CB  . SER A 1 67  ? -4.888  5.426   5.618   1.00 56.80  ?  65  SER A CB  1 
ATOM   442 O  OG  . SER A 1 67  ? -3.752  5.201   6.396   1.00 61.39  ?  65  SER A OG  1 
ATOM   443 N  N   . ILE A 1 68  ? -3.837  4.265   2.827   1.00 56.19  ?  66  ILE A N   1 
ATOM   444 C  CA  . ILE A 1 68  ? -2.955  3.498   1.979   1.00 55.78  ?  66  ILE A CA  1 
ATOM   445 C  C   . ILE A 1 68  ? -2.445  4.382   0.841   1.00 57.87  ?  66  ILE A C   1 
ATOM   446 O  O   . ILE A 1 68  ? -1.263  4.363   0.507   1.00 58.77  ?  66  ILE A O   1 
ATOM   447 C  CB  . ILE A 1 68  ? -3.686  2.279   1.439   1.00 54.26  ?  66  ILE A CB  1 
ATOM   448 C  CG1 . ILE A 1 68  ? -3.927  1.291   2.584   1.00 52.73  ?  66  ILE A CG1 1 
ATOM   449 C  CG2 . ILE A 1 68  ? -2.919  1.663   0.274   1.00 53.66  ?  66  ILE A CG2 1 
ATOM   450 C  CD1 . ILE A 1 68  ? -4.692  0.079   2.183   1.00 51.68  ?  66  ILE A CD1 1 
ATOM   451 N  N   . CYS A 1 69  ? -3.324  5.194   0.274   1.00 59.52  ?  67  CYS A N   1 
ATOM   452 C  CA  . CYS A 1 69  ? -2.908  6.117   -0.768  1.00 61.17  ?  67  CYS A CA  1 
ATOM   453 C  C   . CYS A 1 69  ? -1.808  7.078   -0.317  1.00 63.50  ?  67  CYS A C   1 
ATOM   454 O  O   . CYS A 1 69  ? -0.922  7.416   -1.097  1.00 64.36  ?  67  CYS A O   1 
ATOM   455 C  CB  . CYS A 1 69  ? -4.094  6.897   -1.296  1.00 61.50  ?  67  CYS A CB  1 
ATOM   456 S  SG  . CYS A 1 69  ? -3.652  7.912   -2.689  1.00 63.70  ?  67  CYS A SG  1 
ATOM   457 N  N   . VAL A 1 70  ? -1.857  7.524   0.934   1.00 65.66  ?  68  VAL A N   1 
ATOM   458 C  CA  . VAL A 1 70  ? -0.804  8.413   1.458   1.00 68.57  ?  68  VAL A CA  1 
ATOM   459 C  C   . VAL A 1 70  ? 0.554   7.697   1.432   1.00 70.37  ?  68  VAL A C   1 
ATOM   460 O  O   . VAL A 1 70  ? 1.594   8.315   1.197   1.00 72.18  ?  68  VAL A O   1 
ATOM   461 C  CB  . VAL A 1 70  ? -1.143  8.956   2.880   1.00 69.16  ?  68  VAL A CB  1 
ATOM   462 C  CG1 . VAL A 1 70  ? 0.084   9.543   3.567   1.00 70.37  ?  68  VAL A CG1 1 
ATOM   463 C  CG2 . VAL A 1 70  ? -2.262  9.990   2.806   1.00 68.24  ?  68  VAL A CG2 1 
ATOM   464 N  N   . GLU A 1 71  ? 0.540   6.385   1.648   1.00 70.68  ?  69  GLU A N   1 
ATOM   465 C  CA  . GLU A 1 71  ? 1.775   5.617   1.625   1.00 72.21  ?  69  GLU A CA  1 
ATOM   466 C  C   . GLU A 1 71  ? 2.257   5.312   0.205   1.00 70.93  ?  69  GLU A C   1 
ATOM   467 O  O   . GLU A 1 71  ? 3.449   5.343   -0.066  1.00 72.21  ?  69  GLU A O   1 
ATOM   468 C  CB  . GLU A 1 71  ? 1.653   4.379   2.500   1.00 73.38  ?  69  GLU A CB  1 
ATOM   469 C  CG  . GLU A 1 71  ? 1.980   4.737   3.948   1.00 81.31  ?  69  GLU A CG  1 
ATOM   470 C  CD  . GLU A 1 71  ? 1.600   3.671   4.980   1.00 84.42  ?  69  GLU A CD  1 
ATOM   471 O  OE1 . GLU A 1 71  ? 0.796   2.739   4.676   1.00 85.43  ?  69  GLU A OE1 1 
ATOM   472 O  OE2 . GLU A 1 71  ? 2.123   3.784   6.122   1.00 88.12  ?  69  GLU A OE2 1 
ATOM   473 N  N   . VAL A 1 72  ? 1.322   5.050   -0.696  1.00 68.58  ?  70  VAL A N   1 
ATOM   474 C  CA  . VAL A 1 72  ? 1.621   4.883   -2.094  1.00 66.83  ?  70  VAL A CA  1 
ATOM   475 C  C   . VAL A 1 72  ? 2.230   6.161   -2.659  1.00 69.99  ?  70  VAL A C   1 
ATOM   476 O  O   . VAL A 1 72  ? 3.115   6.094   -3.490  1.00 71.75  ?  70  VAL A O   1 
ATOM   477 C  CB  . VAL A 1 72  ? 0.354   4.505   -2.876  1.00 65.49  ?  70  VAL A CB  1 
ATOM   478 C  CG1 . VAL A 1 72  ? 0.582   4.596   -4.373  1.00 64.70  ?  70  VAL A CG1 1 
ATOM   479 C  CG2 . VAL A 1 72  ? -0.136  3.112   -2.476  1.00 62.31  ?  70  VAL A CG2 1 
ATOM   480 N  N   . ASP A 1 73  ? 1.766   7.322   -2.202  1.00 72.97  ?  71  ASP A N   1 
ATOM   481 C  CA  . ASP A 1 73  ? 2.217   8.615   -2.737  1.00 76.53  ?  71  ASP A CA  1 
ATOM   482 C  C   . ASP A 1 73  ? 3.579   9.062   -2.214  1.00 79.49  ?  71  ASP A C   1 
ATOM   483 O  O   . ASP A 1 73  ? 4.232   9.913   -2.825  1.00 81.86  ?  71  ASP A O   1 
ATOM   484 C  CB  . ASP A 1 73  ? 1.183   9.714   -2.466  1.00 77.05  ?  71  ASP A CB  1 
ATOM   485 C  CG  . ASP A 1 73  ? -0.029  9.618   -3.375  1.00 77.04  ?  71  ASP A CG  1 
ATOM   486 O  OD1 . ASP A 1 73  ? 0.049   8.939   -4.415  1.00 75.69  ?  71  ASP A OD1 1 
ATOM   487 O  OD2 . ASP A 1 73  ? -1.076  10.225  -3.046  1.00 78.80  ?  71  ASP A OD2 1 
ATOM   488 N  N   . HIS A 1 74  ? 3.988   8.511   -1.072  1.00 80.47  ?  72  HIS A N   1 
ATOM   489 C  CA  . HIS A 1 74  ? 5.280   8.832   -0.474  1.00 84.35  ?  72  HIS A CA  1 
ATOM   490 C  C   . HIS A 1 74  ? 6.362   7.854   -0.932  1.00 83.98  ?  72  HIS A C   1 
ATOM   491 O  O   . HIS A 1 74  ? 7.433   7.788   -0.328  1.00 84.30  ?  72  HIS A O   1 
ATOM   492 C  CB  . HIS A 1 74  ? 5.185   8.875   1.053   1.00 86.05  ?  72  HIS A CB  1 
ATOM   493 C  CG  . HIS A 1 74  ? 4.605   10.150  1.579   1.00 90.02  ?  72  HIS A CG  1 
ATOM   494 N  ND1 . HIS A 1 74  ? 3.247   10.395  1.610   1.00 89.53  ?  72  HIS A ND1 1 
ATOM   495 C  CD2 . HIS A 1 74  ? 5.198   11.259  2.082   1.00 93.92  ?  72  HIS A CD2 1 
ATOM   496 C  CE1 . HIS A 1 74  ? 3.029   11.596  2.111   1.00 92.44  ?  72  HIS A CE1 1 
ATOM   497 N  NE2 . HIS A 1 74  ? 4.196   12.142  2.406   1.00 95.57  ?  72  HIS A NE2 1 
ATOM   498 N  N   . GLY A 1 75  ? 6.063   7.127   -2.010  1.00 83.61  ?  73  GLY A N   1 
ATOM   499 C  CA  . GLY A 1 75  ? 6.920   6.069   -2.545  1.00 85.48  ?  73  GLY A CA  1 
ATOM   500 C  C   . GLY A 1 75  ? 7.100   4.872   -1.618  1.00 86.44  ?  73  GLY A C   1 
ATOM   501 O  O   . GLY A 1 75  ? 7.954   4.017   -1.870  1.00 86.32  ?  73  GLY A O   1 
ATOM   502 N  N   . LEU A 1 76  ? 6.300   4.820   -0.547  1.00 88.24  ?  74  LEU A N   1 
ATOM   503 C  CA  . LEU A 1 76  ? 6.369   3.786   0.514   1.00 89.87  ?  74  LEU A CA  1 
ATOM   504 C  C   . LEU A 1 76  ? 7.616   3.915   1.423   1.00 93.89  ?  74  LEU A C   1 
ATOM   505 O  O   . LEU A 1 76  ? 8.637   3.242   1.216   1.00 94.57  ?  74  LEU A O   1 
ATOM   506 C  CB  . LEU A 1 76  ? 6.185   2.340   -0.048  1.00 87.72  ?  74  LEU A CB  1 
ATOM   507 C  CG  . LEU A 1 76  ? 5.069   1.949   -1.048  1.00 85.13  ?  74  LEU A CG  1 
ATOM   508 C  CD1 . LEU A 1 76  ? 5.129   0.504   -1.446  1.00 83.45  ?  74  LEU A CD1 1 
ATOM   509 C  CD2 . LEU A 1 76  ? 3.698   2.252   -0.510  1.00 85.11  ?  74  LEU A CD2 1 
ATOM   510 N  N   . LEU A 1 77  ? 7.520   4.785   2.434   1.00 98.11  ?  75  LEU A N   1 
ATOM   511 C  CA  . LEU A 1 77  ? 8.586   4.942   3.438   1.00 102.37 ?  75  LEU A CA  1 
ATOM   512 C  C   . LEU A 1 77  ? 8.206   4.277   4.772   1.00 104.08 ?  75  LEU A C   1 
ATOM   513 O  O   . LEU A 1 77  ? 7.194   4.640   5.382   1.00 104.35 ?  75  LEU A O   1 
ATOM   514 C  CB  . LEU A 1 77  ? 8.956   6.424   3.637   1.00 105.50 ?  75  LEU A CB  1 
ATOM   515 C  CG  . LEU A 1 77  ? 10.318  6.715   4.295   1.00 109.44 ?  75  LEU A CG  1 
ATOM   516 C  CD1 . LEU A 1 77  ? 11.127  7.731   3.485   1.00 110.89 ?  75  LEU A CD1 1 
ATOM   517 C  CD2 . LEU A 1 77  ? 10.168  7.158   5.763   1.00 112.58 ?  75  LEU A CD2 1 
ATOM   518 N  N   . PRO A 1 78  ? 9.010   3.282   5.216   1.00 105.54 ?  76  PRO A N   1 
ATOM   519 C  CA  . PRO A 1 78  ? 8.795   2.579   6.494   1.00 107.70 ?  76  PRO A CA  1 
ATOM   520 C  C   . PRO A 1 78  ? 8.738   3.503   7.722   1.00 111.37 ?  76  PRO A C   1 
ATOM   521 O  O   . PRO A 1 78  ? 9.569   4.405   7.864   1.00 114.03 ?  76  PRO A O   1 
ATOM   522 C  CB  . PRO A 1 78  ? 10.002  1.636   6.579   1.00 108.68 ?  76  PRO A CB  1 
ATOM   523 C  CG  . PRO A 1 78  ? 10.343  1.359   5.163   1.00 105.72 ?  76  PRO A CG  1 
ATOM   524 C  CD  . PRO A 1 78  ? 10.071  2.640   4.414   1.00 104.51 ?  76  PRO A CD  1 
ATOM   525 N  N   . ASP A 1 107 ? -19.745 -10.783 7.940   1.00 114.85 ?  105 ASP A N   1 
ATOM   526 C  CA  . ASP A 1 107 ? -18.805 -11.896 7.843   1.00 117.17 ?  105 ASP A CA  1 
ATOM   527 C  C   . ASP A 1 107 ? -17.341 -11.442 7.747   1.00 114.99 ?  105 ASP A C   1 
ATOM   528 O  O   . ASP A 1 107 ? -16.885 -10.612 8.546   1.00 113.18 ?  105 ASP A O   1 
ATOM   529 C  CB  . ASP A 1 107 ? -19.169 -12.833 6.676   1.00 119.93 ?  105 ASP A CB  1 
ATOM   530 C  CG  . ASP A 1 107 ? -19.634 -14.209 7.151   1.00 124.68 ?  105 ASP A CG  1 
ATOM   531 O  OD1 . ASP A 1 107 ? -20.742 -14.301 7.728   1.00 125.28 ?  105 ASP A OD1 1 
ATOM   532 O  OD2 . ASP A 1 107 ? -18.889 -15.196 6.943   1.00 126.75 -1 105 ASP A OD2 1 
ATOM   533 N  N   . ARG A 1 108 ? -16.618 -11.997 6.774   1.00 76.63  ?  106 ARG A N   1 
ATOM   534 C  CA  . ARG A 1 108 ? -15.184 -11.748 6.613   1.00 112.67 ?  106 ARG A CA  1 
ATOM   535 C  C   . ARG A 1 108 ? -14.867 -10.535 5.709   1.00 109.09 ?  106 ARG A C   1 
ATOM   536 O  O   . ARG A 1 108 ? -14.060 -10.615 4.776   1.00 109.40 ?  106 ARG A O   1 
ATOM   537 C  CB  . ARG A 1 108 ? -14.464 -13.024 6.161   1.00 115.49 ?  106 ARG A CB  1 
ATOM   538 C  CG  . ARG A 1 108 ? -14.590 -14.200 7.145   1.00 119.47 ?  106 ARG A CG  1 
ATOM   539 C  CD  . ARG A 1 108 ? -13.957 -15.474 6.589   1.00 123.11 ?  106 ARG A CD  1 
ATOM   540 N  NE  . ARG A 1 108 ? -14.476 -16.686 7.231   1.00 128.39 ?  106 ARG A NE  1 
ATOM   541 C  CZ  . ARG A 1 108 ? -14.169 -17.936 6.874   1.00 132.99 ?  106 ARG A CZ  1 
ATOM   542 N  NH1 . ARG A 1 108 ? -13.326 -18.171 5.869   1.00 132.70 ?  106 ARG A NH1 1 
ATOM   543 N  NH2 . ARG A 1 108 ? -14.706 -18.961 7.528   1.00 137.69 ?  106 ARG A NH2 1 
ATOM   544 N  N   . ILE A 1 109 ? -15.538 -9.420  5.997   1.00 105.54 ?  107 ILE A N   1 
ATOM   545 C  CA  . ILE A 1 109 ? -15.089 -8.092  5.583   1.00 101.54 ?  107 ILE A CA  1 
ATOM   546 C  C   . ILE A 1 109 ? -14.060 -7.626  6.617   1.00 99.26  ?  107 ILE A C   1 
ATOM   547 O  O   . ILE A 1 109 ? -13.452 -6.566  6.490   1.00 97.99  ?  107 ILE A O   1 
ATOM   548 C  CB  . ILE A 1 109 ? -16.263 -7.065  5.516   1.00 101.14 ?  107 ILE A CB  1 
ATOM   549 C  CG1 . ILE A 1 109 ? -16.926 -6.905  6.900   1.00 100.74 ?  107 ILE A CG1 1 
ATOM   550 C  CG2 . ILE A 1 109 ? -17.248 -7.422  4.371   1.00 102.45 ?  107 ILE A CG2 1 
ATOM   551 C  CD1 . ILE A 1 109 ? -18.271 -6.190  6.905   1.00 100.91 ?  107 ILE A CD1 1 
ATOM   552 N  N   . SER A 1 110 ? -13.897 -8.426  7.664   1.00 98.86  ?  108 SER A N   1 
ATOM   553 C  CA  . SER A 1 110 ? -12.845 -8.235  8.648   1.00 97.02  ?  108 SER A CA  1 
ATOM   554 C  C   . SER A 1 110 ? -11.480 -8.485  7.995   1.00 94.24  ?  108 SER A C   1 
ATOM   555 O  O   . SER A 1 110 ? -10.452 -7.975  8.459   1.00 93.48  ?  108 SER A O   1 
ATOM   556 C  CB  . SER A 1 110 ? -13.060 -9.196  9.822   1.00 100.26 ?  108 SER A CB  1 
ATOM   557 O  OG  . SER A 1 110 ? -12.332 -8.782  10.963  1.00 102.35 ?  108 SER A OG  1 
ATOM   558 N  N   . GLU A 1 111 ? -11.485 -9.274  6.919   1.00 91.46  ?  109 GLU A N   1 
ATOM   559 C  CA  . GLU A 1 111 ? -10.301 -9.443  6.088   1.00 88.79  ?  109 GLU A CA  1 
ATOM   560 C  C   . GLU A 1 111 ? -10.034 -8.203  5.241   1.00 83.59  ?  109 GLU A C   1 
ATOM   561 O  O   . GLU A 1 111 ? -8.890  -7.829  5.028   1.00 82.69  ?  109 GLU A O   1 
ATOM   562 C  CB  . GLU A 1 111 ? -10.397 -10.716 5.234   1.00 92.04  ?  109 GLU A CB  1 
ATOM   563 C  CG  . GLU A 1 111 ? -9.624  -11.901 5.850   1.00 96.94  ?  109 GLU A CG  1 
ATOM   564 C  CD  . GLU A 1 111 ? -10.450 -13.195 5.959   1.00 101.78 ?  109 GLU A CD  1 
ATOM   565 O  OE1 . GLU A 1 111 ? -11.648 -13.190 5.581   1.00 103.56 ?  109 GLU A OE1 1 
ATOM   566 O  OE2 . GLU A 1 111 ? -9.898  -14.221 6.430   1.00 104.76 -1 109 GLU A OE2 1 
ATOM   567 N  N   . GLU A 1 112 ? -11.104 -7.561  4.786   1.00 51.72  ?  110 GLU A N   1 
ATOM   568 C  CA  . GLU A 1 112 ? -11.036 -6.291  4.068   1.00 74.51  ?  110 GLU A CA  1 
ATOM   569 C  C   . GLU A 1 112 ? -10.323 -5.172  4.863   1.00 70.78  ?  110 GLU A C   1 
ATOM   570 O  O   . GLU A 1 112 ? -9.596  -4.373  4.282   1.00 71.08  ?  110 GLU A O   1 
ATOM   571 C  CB  . GLU A 1 112 ? -12.446 -5.865  3.653   1.00 75.13  ?  110 GLU A CB  1 
ATOM   572 C  CG  . GLU A 1 112 ? -12.525 -4.862  2.503   1.00 76.73  ?  110 GLU A CG  1 
ATOM   573 C  CD  . GLU A 1 112 ? -12.160 -5.441  1.125   1.00 77.49  ?  110 GLU A CD  1 
ATOM   574 O  OE1 . GLU A 1 112 ? -12.333 -6.659  0.901   1.00 77.96  ?  110 GLU A OE1 1 
ATOM   575 O  OE2 . GLU A 1 112 ? -11.716 -4.658  0.262   1.00 77.07  -1 110 GLU A OE2 1 
ATOM   576 N  N   . LEU A 1 113 ? -10.491 -5.125  6.177   1.00 40.37  ?  111 LEU A N   1 
ATOM   577 C  CA  . LEU A 1 113 ? -9.826  -4.092  6.976   1.00 64.51  ?  111 LEU A CA  1 
ATOM   578 C  C   . LEU A 1 113 ? -8.421  -4.475  7.442   1.00 63.44  ?  111 LEU A C   1 
ATOM   579 O  O   . LEU A 1 113 ? -7.634  -3.617  7.852   1.00 63.78  ?  111 LEU A O   1 
ATOM   580 C  CB  . LEU A 1 113 ? -10.694 -3.669  8.160   1.00 65.16  ?  111 LEU A CB  1 
ATOM   581 C  CG  . LEU A 1 113 ? -12.082 -3.094  7.810   1.00 65.85  ?  111 LEU A CG  1 
ATOM   582 C  CD1 . LEU A 1 113 ? -13.003 -3.136  9.034   1.00 67.15  ?  111 LEU A CD1 1 
ATOM   583 C  CD2 . LEU A 1 113 ? -12.040 -1.679  7.209   1.00 64.95  ?  111 LEU A CD2 1 
ATOM   584 N  N   . ASP A 1 114 ? -8.091  -5.759  7.384   1.00 61.61  ?  112 ASP A N   1 
ATOM   585 C  CA  . ASP A 1 114 ? -6.716  -6.163  7.648   1.00 60.93  ?  112 ASP A CA  1 
ATOM   586 C  C   . ASP A 1 114 ? -5.800  -5.787  6.486   1.00 58.24  ?  112 ASP A C   1 
ATOM   587 O  O   . ASP A 1 114 ? -4.581  -5.867  6.610   1.00 57.08  ?  112 ASP A O   1 
ATOM   588 C  CB  . ASP A 1 114 ? -6.628  -7.652  7.935   1.00 62.77  ?  112 ASP A CB  1 
ATOM   589 C  CG  . ASP A 1 114 ? -7.174  -8.013  9.296   1.00 66.58  ?  112 ASP A CG  1 
ATOM   590 O  OD1 . ASP A 1 114 ? -7.269  -9.232  9.577   1.00 69.39  ?  112 ASP A OD1 1 
ATOM   591 O  OD2 . ASP A 1 114 ? -7.510  -7.093  10.088  1.00 66.62  -1 112 ASP A OD2 1 
ATOM   592 N  N   . LEU A 1 115 ? -6.399  -5.340  5.382   1.00 30.67  ?  113 LEU A N   1 
ATOM   593 C  CA  . LEU A 1 115 ? -5.652  -5.026  4.169   1.00 56.11  ?  113 LEU A CA  1 
ATOM   594 C  C   . LEU A 1 115 ? -4.587  -3.958  4.350   1.00 56.00  ?  113 LEU A C   1 
ATOM   595 O  O   . LEU A 1 115 ? -3.514  -4.069  3.765   1.00 56.65  ?  113 LEU A O   1 
ATOM   596 C  CB  . LEU A 1 115 ? -6.580  -4.695  2.998   1.00 56.19  ?  113 LEU A CB  1 
ATOM   597 C  CG  . LEU A 1 115 ? -7.239  -5.891  2.289   1.00 56.81  ?  113 LEU A CG  1 
ATOM   598 C  CD1 . LEU A 1 115 ? -7.751  -5.487  0.925   1.00 57.58  ?  113 LEU A CD1 1 
ATOM   599 C  CD2 . LEU A 1 115 ? -6.289  -7.050  2.116   1.00 56.40  ?  113 LEU A CD2 1 
ATOM   600 N  N   . GLU A 1 116 ? -4.861  -2.933  5.151   1.00 55.81  ?  114 GLU A N   1 
ATOM   601 C  CA  . GLU A 1 116 ? -3.847  -1.899  5.397   1.00 56.11  ?  114 GLU A CA  1 
ATOM   602 C  C   . GLU A 1 116 ? -2.616  -2.487  6.106   1.00 55.31  ?  114 GLU A C   1 
ATOM   603 O  O   . GLU A 1 116 ? -1.475  -2.170  5.744   1.00 56.18  ?  114 GLU A O   1 
ATOM   604 C  CB  . GLU A 1 116 ? -4.423  -0.699  6.171   1.00 58.00  ?  114 GLU A CB  1 
ATOM   605 C  CG  . GLU A 1 116 ? -3.402  0.394   6.501   1.00 61.03  ?  114 GLU A CG  1 
ATOM   606 C  CD  . GLU A 1 116 ? -4.007  1.665   7.137   1.00 65.29  ?  114 GLU A CD  1 
ATOM   607 O  OE1 . GLU A 1 116 ? -5.165  1.643   7.626   1.00 65.75  ?  114 GLU A OE1 1 
ATOM   608 O  OE2 . GLU A 1 116 ? -3.298  2.699   7.150   1.00 67.71  -1 114 GLU A OE2 1 
ATOM   609 N  N   . ALA A 1 117 ? -2.855  -3.351  7.090   1.00 26.03  ?  115 ALA A N   1 
ATOM   610 C  CA  . ALA A 1 117 ? -1.788  -3.996  7.856   1.00 53.92  ?  115 ALA A CA  1 
ATOM   611 C  C   . ALA A 1 117 ? -0.979  -4.957  6.982   1.00 53.42  ?  115 ALA A C   1 
ATOM   612 O  O   . ALA A 1 117 ? 0.248   -4.973  7.042   1.00 53.05  ?  115 ALA A O   1 
ATOM   613 C  CB  . ALA A 1 117 ? -2.370  -4.727  9.030   1.00 53.72  ?  115 ALA A CB  1 
ATOM   614 N  N   . GLN A 1 118 ? -1.685  -5.747  6.181   1.00 53.57  ?  116 GLN A N   1 
ATOM   615 C  CA  . GLN A 1 118 ? -1.074  -6.658  5.227   1.00 55.33  ?  116 GLN A CA  1 
ATOM   616 C  C   . GLN A 1 118 ? -0.235  -5.886  4.206   1.00 54.86  ?  116 GLN A C   1 
ATOM   617 O  O   . GLN A 1 118 ? 0.935   -6.211  3.989   1.00 55.59  ?  116 GLN A O   1 
ATOM   618 C  CB  . GLN A 1 118 ? -2.144  -7.525  4.552   1.00 55.57  ?  116 GLN A CB  1 
ATOM   619 C  CG  . GLN A 1 118 ? -2.778  -8.523  5.531   1.00 58.82  ?  116 GLN A CG  1 
ATOM   620 C  CD  . GLN A 1 118 ? -3.970  -9.309  4.945   1.00 61.33  ?  116 GLN A CD  1 
ATOM   621 O  OE1 . GLN A 1 118 ? -4.107  -9.471  3.719   1.00 61.46  ?  116 GLN A OE1 1 
ATOM   622 N  NE2 . GLN A 1 118 ? -4.831  -9.815  5.837   1.00 63.64  ?  116 GLN A NE2 1 
ATOM   623 N  N   . PHE A 1 119 ? -0.819  -4.834  3.636   1.00 54.07  ?  117 PHE A N   1 
ATOM   624 C  CA  . PHE A 1 119 ? -0.138  -3.981  2.678   1.00 53.94  ?  117 PHE A CA  1 
ATOM   625 C  C   . PHE A 1 119 ? 1.158   -3.512  3.294   1.00 55.46  ?  117 PHE A C   1 
ATOM   626 O  O   . PHE A 1 119 ? 2.232   -3.647  2.701   1.00 56.49  ?  117 PHE A O   1 
ATOM   627 C  CB  . PHE A 1 119 ? -1.023  -2.785  2.309   1.00 54.22  ?  117 PHE A CB  1 
ATOM   628 C  CG  . PHE A 1 119 ? -0.326  -1.733  1.491   1.00 55.31  ?  117 PHE A CG  1 
ATOM   629 C  CD1 . PHE A 1 119 ? -0.144  -1.903  0.113   1.00 56.27  ?  117 PHE A CD1 1 
ATOM   630 C  CD2 . PHE A 1 119 ? 0.115   -0.551  2.081   1.00 57.29  ?  117 PHE A CD2 1 
ATOM   631 C  CE1 . PHE A 1 119 ? 0.502   -0.914  -0.676  1.00 57.53  ?  117 PHE A CE1 1 
ATOM   632 C  CE2 . PHE A 1 119 ? 0.763   0.449   1.308   1.00 59.28  ?  117 PHE A CE2 1 
ATOM   633 C  CZ  . PHE A 1 119 ? 0.957   0.260   -0.070  1.00 58.48  ?  117 PHE A CZ  1 
ATOM   634 N  N   . HIS A 1 120 ? 1.058   -2.975  4.504   1.00 57.40  ?  118 HIS A N   1 
ATOM   635 C  CA  . HIS A 1 120 ? 2.217   -2.460  5.201   1.00 58.50  ?  118 HIS A CA  1 
ATOM   636 C  C   . HIS A 1 120 ? 3.264   -3.557  5.402   1.00 56.26  ?  118 HIS A C   1 
ATOM   637 O  O   . HIS A 1 120 ? 4.449   -3.333  5.166   1.00 55.85  ?  118 HIS A O   1 
ATOM   638 C  CB  . HIS A 1 120 ? 1.807   -1.834  6.527   1.00 63.06  ?  118 HIS A CB  1 
ATOM   639 C  CG  . HIS A 1 120 ? 2.899   -1.040  7.169   1.00 70.13  ?  118 HIS A CG  1 
ATOM   640 N  ND1 . HIS A 1 120 ? 3.572   -1.471  8.294   1.00 73.07  ?  118 HIS A ND1 1 
ATOM   641 C  CD2 . HIS A 1 120 ? 3.459   0.149   6.826   1.00 73.65  ?  118 HIS A CD2 1 
ATOM   642 C  CE1 . HIS A 1 120 ? 4.492   -0.576  8.621   1.00 77.82  ?  118 HIS A CE1 1 
ATOM   643 N  NE2 . HIS A 1 120 ? 4.447   0.416   7.746   1.00 77.05  ?  118 HIS A NE2 1 
ATOM   644 N  N   . LEU A 1 121 ? 2.834   -4.746  5.808   1.00 53.73  ?  119 LEU A N   1 
ATOM   645 C  CA  . LEU A 1 121 ? 3.777   -5.833  5.980   1.00 53.78  ?  119 LEU A CA  1 
ATOM   646 C  C   . LEU A 1 121 ? 4.565   -6.097  4.676   1.00 52.70  ?  119 LEU A C   1 
ATOM   647 O  O   . LEU A 1 121 ? 5.792   -6.085  4.679   1.00 52.03  ?  119 LEU A O   1 
ATOM   648 C  CB  . LEU A 1 121 ? 3.081   -7.108  6.439   1.00 53.37  ?  119 LEU A CB  1 
ATOM   649 C  CG  . LEU A 1 121 ? 3.939   -8.383  6.307   1.00 54.01  ?  119 LEU A CG  1 
ATOM   650 C  CD1 . LEU A 1 121 ? 5.231   -8.338  7.146   1.00 55.17  ?  119 LEU A CD1 1 
ATOM   651 C  CD2 . LEU A 1 121 ? 3.109   -9.581  6.683   1.00 54.99  ?  119 LEU A CD2 1 
ATOM   652 N  N   . HIS A 1 122 ? 3.840   -6.318  3.584   1.00 51.61  ?  120 HIS A N   1 
ATOM   653 C  CA  . HIS A 1 122 ? 4.415   -6.477  2.258   1.00 51.22  ?  120 HIS A CA  1 
ATOM   654 C  C   . HIS A 1 122 ? 5.358   -5.364  1.830   1.00 53.71  ?  120 HIS A C   1 
ATOM   655 O  O   . HIS A 1 122 ? 6.530   -5.646  1.550   1.00 54.81  ?  120 HIS A O   1 
ATOM   656 C  CB  . HIS A 1 122 ? 3.309   -6.683  1.253   1.00 49.02  ?  120 HIS A CB  1 
ATOM   657 C  CG  . HIS A 1 122 ? 2.541   -7.939  1.503   1.00 49.77  ?  120 HIS A CG  1 
ATOM   658 N  ND1 . HIS A 1 122 ? 3.161   -9.140  1.790   1.00 49.72  ?  120 HIS A ND1 1 
ATOM   659 C  CD2 . HIS A 1 122 ? 1.213   -8.184  1.536   1.00 49.85  ?  120 HIS A CD2 1 
ATOM   660 C  CE1 . HIS A 1 122 ? 2.247   -10.073 1.977   1.00 51.07  ?  120 HIS A CE1 1 
ATOM   661 N  NE2 . HIS A 1 122 ? 1.056   -9.517  1.832   1.00 52.23  ?  120 HIS A NE2 1 
ATOM   662 N  N   . PHE A 1 123 ? 4.891   -4.110  1.805   1.00 55.67  ?  121 PHE A N   1 
ATOM   663 C  CA  . PHE A 1 123 ? 5.757   -3.047  1.294   1.00 57.55  ?  121 PHE A CA  1 
ATOM   664 C  C   . PHE A 1 123 ? 7.006   -2.881  2.133   1.00 58.73  ?  121 PHE A C   1 
ATOM   665 O  O   . PHE A 1 123 ? 8.064   -2.621  1.592   1.00 59.31  ?  121 PHE A O   1 
ATOM   666 C  CB  . PHE A 1 123 ? 5.005   -1.726  0.904   1.00 59.93  ?  121 PHE A CB  1 
ATOM   667 C  CG  . PHE A 1 123 ? 4.965   -0.632  1.965   1.00 62.36  ?  121 PHE A CG  1 
ATOM   668 C  CD1 . PHE A 1 123 ? 6.113   0.052   2.354   1.00 64.27  ?  121 PHE A CD1 1 
ATOM   669 C  CD2 . PHE A 1 123 ? 3.731   -0.228  2.516   1.00 65.30  ?  121 PHE A CD2 1 
ATOM   670 C  CE1 . PHE A 1 123 ? 6.053   1.096   3.330   1.00 68.89  ?  121 PHE A CE1 1 
ATOM   671 C  CE2 . PHE A 1 123 ? 3.632   0.841   3.501   1.00 67.52  ?  121 PHE A CE2 1 
ATOM   672 C  CZ  . PHE A 1 123 ? 4.801   1.499   3.904   1.00 69.94  ?  121 PHE A CZ  1 
ATOM   673 N  N   . CYS A 1 124 ? 6.898   -3.085  3.439   1.00 60.94  ?  122 CYS A N   1 
ATOM   674 C  CA  . CYS A 1 124 ? 8.069   -2.997  4.312   1.00 64.50  ?  122 CYS A CA  1 
ATOM   675 C  C   . CYS A 1 124 ? 9.072   -4.118  4.051   1.00 63.52  ?  122 CYS A C   1 
ATOM   676 O  O   . CYS A 1 124 ? 10.287  -3.901  4.121   1.00 64.15  ?  122 CYS A O   1 
ATOM   677 C  CB  . CYS A 1 124 ? 7.672   -3.036  5.790   1.00 66.83  ?  122 CYS A CB  1 
ATOM   678 S  SG  . CYS A 1 124 ? 7.243   -1.448  6.477   1.00 76.18  ?  122 CYS A SG  1 
ATOM   679 N  N   . SER A 1 125 ? 8.585   -5.329  3.795   1.00 62.22  ?  123 SER A N   1 
ATOM   680 C  CA  . SER A 1 125 ? 9.549   -6.397  3.598   1.00 62.45  ?  123 SER A CA  1 
ATOM   681 C  C   . SER A 1 125 ? 10.199  -6.348  2.227   1.00 60.78  ?  123 SER A C   1 
ATOM   682 O  O   . SER A 1 125 ? 11.359  -6.704  2.105   1.00 61.06  ?  123 SER A O   1 
ATOM   683 C  CB  . SER A 1 125 ? 9.073   -7.797  4.036   1.00 62.99  ?  123 SER A CB  1 
ATOM   684 O  OG  . SER A 1 125 ? 7.681   -7.942  4.071   1.00 62.37  ?  123 SER A OG  1 
ATOM   685 N  N   . LEU A 1 126 ? 9.480   -5.860  1.220   1.00 60.03  ?  124 LEU A N   1 
ATOM   686 C  CA  . LEU A 1 126 ? 10.111  -5.501  -0.042  1.00 59.93  ?  124 LEU A CA  1 
ATOM   687 C  C   . LEU A 1 126 ? 11.256  -4.531  0.194   1.00 61.63  ?  124 LEU A C   1 
ATOM   688 O  O   . LEU A 1 126 ? 12.380  -4.747  -0.273  1.00 63.05  ?  124 LEU A O   1 
ATOM   689 C  CB  . LEU A 1 126 ? 9.126   -4.842  -0.981  1.00 60.03  ?  124 LEU A CB  1 
ATOM   690 C  CG  . LEU A 1 126 ? 8.192   -5.744  -1.763  1.00 60.59  ?  124 LEU A CG  1 
ATOM   691 C  CD1 . LEU A 1 126 ? 7.626   -4.937  -2.907  1.00 61.29  ?  124 LEU A CD1 1 
ATOM   692 C  CD2 . LEU A 1 126 ? 8.967   -6.955  -2.297  1.00 61.31  ?  124 LEU A CD2 1 
ATOM   693 N  N   . HIS A 1 127 ? 10.975  -3.469  0.933   1.00 62.68  ?  125 HIS A N   1 
ATOM   694 C  CA  . HIS A 1 127 ? 11.965  -2.442  1.218   1.00 64.71  ?  125 HIS A CA  1 
ATOM   695 C  C   . HIS A 1 127 ? 13.174  -3.093  1.871   1.00 64.39  ?  125 HIS A C   1 
ATOM   696 O  O   . HIS A 1 127 ? 14.312  -2.780  1.524   1.00 65.92  ?  125 HIS A O   1 
ATOM   697 C  CB  . HIS A 1 127 ? 11.357  -1.338  2.121   1.00 67.30  ?  125 HIS A CB  1 
ATOM   698 C  CG  . HIS A 1 127 ? 12.253  -0.152  2.343   1.00 71.17  ?  125 HIS A CG  1 
ATOM   699 N  ND1 . HIS A 1 127 ? 13.316  -0.170  3.225   1.00 73.74  ?  125 HIS A ND1 1 
ATOM   700 C  CD2 . HIS A 1 127 ? 12.237  1.092   1.805   1.00 73.63  ?  125 HIS A CD2 1 
ATOM   701 C  CE1 . HIS A 1 127 ? 13.920  1.007   3.217   1.00 75.98  ?  125 HIS A CE1 1 
ATOM   702 N  NE2 . HIS A 1 127 ? 13.285  1.791   2.364   1.00 76.71  ?  125 HIS A NE2 1 
ATOM   703 N  N   . HIS A 1 128 ? 12.925  -4.009  2.799   1.00 63.65  ?  126 HIS A N   1 
ATOM   704 C  CA  . HIS A 1 128 ? 13.995  -4.603  3.584   1.00 65.22  ?  126 HIS A CA  1 
ATOM   705 C  C   . HIS A 1 128 ? 14.797  -5.596  2.731   1.00 62.73  ?  126 HIS A C   1 
ATOM   706 O  O   . HIS A 1 128 ? 16.024  -5.671  2.824   1.00 63.42  ?  126 HIS A O   1 
ATOM   707 C  CB  . HIS A 1 128 ? 13.419  -5.248  4.845   1.00 68.69  ?  126 HIS A CB  1 
ATOM   708 C  CG  . HIS A 1 128 ? 14.451  -5.757  5.810   1.00 74.70  ?  126 HIS A CG  1 
ATOM   709 N  ND1 . HIS A 1 128 ? 14.118  -6.505  6.922   1.00 78.18  ?  126 HIS A ND1 1 
ATOM   710 C  CD2 . HIS A 1 128 ? 15.804  -5.646  5.827   1.00 77.42  ?  126 HIS A CD2 1 
ATOM   711 C  CE1 . HIS A 1 128 ? 15.217  -6.817  7.591   1.00 81.79  ?  126 HIS A CE1 1 
ATOM   712 N  NE2 . HIS A 1 128 ? 16.256  -6.318  6.942   1.00 81.19  ?  126 HIS A NE2 1 
ATOM   713 N  N   . ILE A 1 129 ? 14.113  -6.337  1.873   1.00 59.31  ?  127 ILE A N   1 
ATOM   714 C  CA  . ILE A 1 129 ? 14.820  -7.251  1.000   1.00 57.49  ?  127 ILE A CA  1 
ATOM   715 C  C   . ILE A 1 129 ? 15.761  -6.469  0.053   1.00 58.22  ?  127 ILE A C   1 
ATOM   716 O  O   . ILE A 1 129 ? 16.973  -6.721  0.039   1.00 59.05  ?  127 ILE A O   1 
ATOM   717 C  CB  . ILE A 1 129 ? 13.865  -8.201  0.259   1.00 54.66  ?  127 ILE A CB  1 
ATOM   718 C  CG1 . ILE A 1 129 ? 13.346  -9.281  1.228   1.00 53.34  ?  127 ILE A CG1 1 
ATOM   719 C  CG2 . ILE A 1 129 ? 14.572  -8.821  -0.939  1.00 53.31  ?  127 ILE A CG2 1 
ATOM   720 C  CD1 . ILE A 1 129 ? 12.008  -9.863  0.827   1.00 49.34  ?  127 ILE A CD1 1 
ATOM   721 N  N   . LEU A 1 130 ? 15.222  -5.500  -0.688  1.00 57.67  ?  128 LEU A N   1 
ATOM   722 C  CA  . LEU A 1 130 ? 16.029  -4.746  -1.654  1.00 57.64  ?  128 LEU A CA  1 
ATOM   723 C  C   . LEU A 1 130 ? 17.211  -4.012  -0.988  1.00 60.10  ?  128 LEU A C   1 
ATOM   724 O  O   . LEU A 1 130 ? 18.289  -3.910  -1.568  1.00 60.27  ?  128 LEU A O   1 
ATOM   725 C  CB  . LEU A 1 130 ? 15.166  -3.766  -2.447  1.00 56.72  ?  128 LEU A CB  1 
ATOM   726 C  CG  . LEU A 1 130 ? 14.043  -4.356  -3.304  1.00 55.41  ?  128 LEU A CG  1 
ATOM   727 C  CD1 . LEU A 1 130 ? 13.324  -3.287  -4.048  1.00 54.87  ?  128 LEU A CD1 1 
ATOM   728 C  CD2 . LEU A 1 130 ? 14.590  -5.358  -4.288  1.00 54.75  ?  128 LEU A CD2 1 
ATOM   729 N  N   . THR A 1 131 ? 17.002  -3.509  0.228   1.00 61.93  ?  129 THR A N   1 
ATOM   730 C  CA  . THR A 1 131 ? 18.057  -2.808  0.963   1.00 63.93  ?  129 THR A CA  1 
ATOM   731 C  C   . THR A 1 131 ? 19.181  -3.775  1.318   1.00 63.29  ?  129 THR A C   1 
ATOM   732 O  O   . THR A 1 131 ? 20.364  -3.474  1.141   1.00 64.58  ?  129 THR A O   1 
ATOM   733 C  CB  . THR A 1 131 ? 17.490  -2.154  2.237   1.00 66.24  ?  129 THR A CB  1 
ATOM   734 O  OG1 . THR A 1 131 ? 16.908  -0.897  1.884   1.00 68.56  ?  129 THR A OG1 1 
ATOM   735 C  CG2 . THR A 1 131 ? 18.581  -1.925  3.289   1.00 69.12  ?  129 THR A CG2 1 
ATOM   736 N  N   . HIS A 1 132 ? 18.793  -4.937  1.832   1.00 61.57  ?  130 HIS A N   1 
ATOM   737 C  CA  . HIS A 1 132 ? 19.736  -5.993  2.147   1.00 61.06  ?  130 HIS A CA  1 
ATOM   738 C  C   . HIS A 1 132 ? 20.507  -6.398  0.869   1.00 58.76  ?  130 HIS A C   1 
ATOM   739 O  O   . HIS A 1 132 ? 21.738  -6.358  0.852   1.00 59.22  ?  130 HIS A O   1 
ATOM   740 C  CB  . HIS A 1 132 ? 18.978  -7.176  2.755   1.00 61.18  ?  130 HIS A CB  1 
ATOM   741 C  CG  . HIS A 1 132 ? 19.838  -8.356  3.059   1.00 62.30  ?  130 HIS A CG  1 
ATOM   742 N  ND1 . HIS A 1 132 ? 20.820  -8.331  4.028   1.00 66.00  ?  130 HIS A ND1 1 
ATOM   743 C  CD2 . HIS A 1 132 ? 19.864  -9.598  2.525   1.00 61.19  ?  130 HIS A CD2 1 
ATOM   744 C  CE1 . HIS A 1 132 ? 21.420  -9.508  4.076   1.00 65.76  ?  130 HIS A CE1 1 
ATOM   745 N  NE2 . HIS A 1 132 ? 20.858  -10.296 3.174   1.00 63.99  ?  130 HIS A NE2 1 
ATOM   746 N  N   . LEU A 1 133 ? 19.774  -6.723  -0.200  1.00 55.01  ?  131 LEU A N   1 
ATOM   747 C  CA  . LEU A 1 133 ? 20.370  -7.206  -1.427  1.00 53.90  ?  131 LEU A CA  1 
ATOM   748 C  C   . LEU A 1 133 ? 21.246  -6.167  -2.152  1.00 56.36  ?  131 LEU A C   1 
ATOM   749 O  O   . LEU A 1 133 ? 22.245  -6.533  -2.795  1.00 57.39  ?  131 LEU A O   1 
ATOM   750 C  CB  . LEU A 1 133 ? 19.300  -7.753  -2.360  1.00 50.73  ?  131 LEU A CB  1 
ATOM   751 C  CG  . LEU A 1 133 ? 18.586  -9.026  -1.892  1.00 49.64  ?  131 LEU A CG  1 
ATOM   752 C  CD1 . LEU A 1 133 ? 17.609  -9.478  -2.958  1.00 48.42  ?  131 LEU A CD1 1 
ATOM   753 C  CD2 . LEU A 1 133 ? 19.543  -10.157 -1.527  1.00 48.93  ?  131 LEU A CD2 1 
ATOM   754 N  N   . THR A 1 134 ? 20.875  -4.892  -2.044  1.00 57.29  ?  132 THR A N   1 
ATOM   755 C  CA  . THR A 1 134 ? 21.682  -3.792  -2.537  1.00 58.79  ?  132 THR A CA  1 
ATOM   756 C  C   . THR A 1 134 ? 23.064  -3.834  -1.894  1.00 61.18  ?  132 THR A C   1 
ATOM   757 O  O   . THR A 1 134 ? 24.074  -3.687  -2.583  1.00 62.66  ?  132 THR A O   1 
ATOM   758 C  CB  . THR A 1 134 ? 20.999  -2.411  -2.283  1.00 60.46  ?  132 THR A CB  1 
ATOM   759 O  OG1 . THR A 1 134 ? 19.779  -2.338  -3.031  1.00 57.98  ?  132 THR A OG1 1 
ATOM   760 C  CG2 . THR A 1 134 ? 21.903  -1.254  -2.693  1.00 61.21  ?  132 THR A CG2 1 
ATOM   761 N  N   . ARG A 1 135 ? 23.111  -4.043  -0.581  1.00 63.18  ?  133 ARG A N   1 
ATOM   762 C  CA  . ARG A 1 135 ? 24.392  -4.187  0.122   1.00 65.23  ?  133 ARG A CA  1 
ATOM   763 C  C   . ARG A 1 135 ? 25.145  -5.437  -0.357  1.00 62.51  ?  133 ARG A C   1 
ATOM   764 O  O   . ARG A 1 135 ? 26.358  -5.394  -0.547  1.00 62.63  ?  133 ARG A O   1 
ATOM   765 C  CB  . ARG A 1 135 ? 24.187  -4.251  1.637   1.00 68.42  ?  133 ARG A CB  1 
ATOM   766 C  CG  . ARG A 1 135 ? 25.402  -3.804  2.441   1.00 75.55  ?  133 ARG A CG  1 
ATOM   767 C  CD  . ARG A 1 135 ? 25.791  -4.804  3.547   1.00 80.02  ?  133 ARG A CD  1 
ATOM   768 N  NE  . ARG A 1 135 ? 24.640  -5.357  4.279   1.00 82.22  ?  133 ARG A NE  1 
ATOM   769 C  CZ  . ARG A 1 135 ? 24.615  -6.565  4.851   1.00 83.52  ?  133 ARG A CZ  1 
ATOM   770 N  NH1 . ARG A 1 135 ? 25.671  -7.376  4.777   1.00 84.06  ?  133 ARG A NH1 1 
ATOM   771 N  NH2 . ARG A 1 135 ? 23.519  -6.973  5.488   1.00 84.80  ?  133 ARG A NH2 1 
ATOM   772 N  N   . LYS A 1 136 ? 24.426  -6.539  -0.560  1.00 59.86  ?  134 LYS A N   1 
ATOM   773 C  CA  . LYS A 1 136 ? 25.070  -7.805  -0.922  1.00 59.44  ?  134 LYS A CA  1 
ATOM   774 C  C   . LYS A 1 136 ? 25.637  -7.759  -2.350  1.00 57.79  ?  134 LYS A C   1 
ATOM   775 O  O   . LYS A 1 136 ? 26.782  -8.147  -2.566  1.00 57.70  ?  134 LYS A O   1 
ATOM   776 C  CB  . LYS A 1 136 ? 24.115  -8.977  -0.742  1.00 59.03  ?  134 LYS A CB  1 
ATOM   777 C  CG  . LYS A 1 136 ? 23.391  -8.972  0.598   1.00 61.71  ?  134 LYS A CG  1 
ATOM   778 C  CD  . LYS A 1 136 ? 23.865  -10.070 1.521   1.00 65.11  ?  134 LYS A CD  1 
ATOM   779 C  CE  . LYS A 1 136 ? 25.226  -9.783  2.087   1.00 68.39  ?  134 LYS A CE  1 
ATOM   780 N  NZ  . LYS A 1 136 ? 25.932  -11.059 2.399   1.00 71.71  ?  134 LYS A NZ  1 
ATOM   781 N  N   . ALA A 1 137 ? 24.849  -7.250  -3.301  1.00 56.15  ?  135 ALA A N   1 
ATOM   782 C  CA  . ALA A 1 137 ? 25.343  -6.934  -4.638  1.00 55.26  ?  135 ALA A CA  1 
ATOM   783 C  C   . ALA A 1 137 ? 26.620  -6.079  -4.602  1.00 57.53  ?  135 ALA A C   1 
ATOM   784 O  O   . ALA A 1 137 ? 27.561  -6.332  -5.366  1.00 58.58  ?  135 ALA A O   1 
ATOM   785 C  CB  . ALA A 1 137 ? 24.259  -6.270  -5.472  1.00 54.52  ?  135 ALA A CB  1 
ATOM   786 N  N   . GLN A 1 138 ? 26.692  -5.087  -3.718  1.00 59.37  ?  136 GLN A N   1 
ATOM   787 C  CA  . GLN A 1 138 ? 27.947  -4.331  -3.614  1.00 62.14  ?  136 GLN A CA  1 
ATOM   788 C  C   . GLN A 1 138 ? 29.106  -5.228  -3.189  1.00 61.43  ?  136 GLN A C   1 
ATOM   789 O  O   . GLN A 1 138 ? 30.226  -5.067  -3.675  1.00 62.11  ?  136 GLN A O   1 
ATOM   790 C  CB  . GLN A 1 138 ? 27.847  -3.144  -2.673  1.00 64.84  ?  136 GLN A CB  1 
ATOM   791 C  CG  . GLN A 1 138 ? 26.941  -2.050  -3.147  1.00 68.65  ?  136 GLN A CG  1 
ATOM   792 C  CD  . GLN A 1 138 ? 26.732  -0.972  -2.068  1.00 73.91  ?  136 GLN A CD  1 
ATOM   793 O  OE1 . GLN A 1 138 ? 27.070  0.199   -2.271  1.00 78.18  ?  136 GLN A OE1 1 
ATOM   794 N  NE2 . GLN A 1 138 ? 26.198  -1.374  -0.912  1.00 72.96  ?  136 GLN A NE2 1 
ATOM   795 N  N   . GLU A 1 139 ? 28.824  -6.166  -2.283  1.00 60.61  ?  137 GLU A N   1 
ATOM   796 C  CA  . GLU A 1 139 ? 29.843  -7.078  -1.778  1.00 60.90  ?  137 GLU A CA  1 
ATOM   797 C  C   . GLU A 1 139 ? 30.291  -8.063  -2.856  1.00 57.98  ?  137 GLU A C   1 
ATOM   798 O  O   . GLU A 1 139 ? 31.473  -8.417  -2.911  1.00 58.58  ?  137 GLU A O   1 
ATOM   799 C  CB  . GLU A 1 139 ? 29.371  -7.799  -0.514  1.00 62.69  ?  137 GLU A CB  1 
ATOM   800 C  CG  . GLU A 1 139 ? 29.495  -6.933  0.748   1.00 68.72  ?  137 GLU A CG  1 
ATOM   801 C  CD  . GLU A 1 139 ? 28.679  -7.453  1.944   1.00 72.07  ?  137 GLU A CD  1 
ATOM   802 O  OE1 . GLU A 1 139 ? 28.097  -8.569  1.856   1.00 72.10  ?  137 GLU A OE1 1 
ATOM   803 O  OE2 . GLU A 1 139 ? 28.618  -6.738  2.975   1.00 74.92  -1 137 GLU A OE2 1 
ATOM   804 N  N   . VAL A 1 140 ? 29.367  -8.478  -3.725  1.00 28.74  ?  138 VAL A N   1 
ATOM   805 C  CA  . VAL A 1 140 ? 29.743  -9.332  -4.836  1.00 51.91  ?  138 VAL A CA  1 
ATOM   806 C  C   . VAL A 1 140 ? 30.678  -8.589  -5.797  1.00 52.64  ?  138 VAL A C   1 
ATOM   807 O  O   . VAL A 1 140 ? 31.652  -9.166  -6.277  1.00 52.79  ?  138 VAL A O   1 
ATOM   808 C  CB  . VAL A 1 140 ? 28.546  -9.862  -5.627  1.00 50.66  ?  138 VAL A CB  1 
ATOM   809 C  CG1 . VAL A 1 140 ? 29.058  -10.644 -6.863  1.00 47.56  ?  138 VAL A CG1 1 
ATOM   810 C  CG2 . VAL A 1 140 ? 27.647  -10.725 -4.752  1.00 47.90  ?  138 VAL A CG2 1 
ATOM   811 N  N   . THR A 1 141 ? 30.375  -7.321  -6.070  1.00 53.13  ?  139 THR A N   1 
ATOM   812 C  CA  . THR A 1 141 ? 31.183  -6.494  -6.970  1.00 53.73  ?  139 THR A CA  1 
ATOM   813 C  C   . THR A 1 141 ? 32.581  -6.331  -6.400  1.00 55.07  ?  139 THR A C   1 
ATOM   814 O  O   . THR A 1 141 ? 33.559  -6.522  -7.102  1.00 55.22  ?  139 THR A O   1 
ATOM   815 C  CB  . THR A 1 141 ? 30.545  -5.100  -7.172  1.00 54.59  ?  139 THR A CB  1 
ATOM   816 O  OG1 . THR A 1 141 ? 29.223  -5.260  -7.686  1.00 54.77  ?  139 THR A OG1 1 
ATOM   817 C  CG2 . THR A 1 141 ? 31.337  -4.274  -8.141  1.00 55.16  ?  139 THR A CG2 1 
ATOM   818 N  N   . ARG A 1 142 ? 32.661  -5.972  -5.123  1.00 57.36  ?  140 ARG A N   1 
ATOM   819 C  CA  . ARG A 1 142 ? 33.933  -5.849  -4.424  1.00 60.54  ?  140 ARG A CA  1 
ATOM   820 C  C   . ARG A 1 142 ? 34.740  -7.169  -4.477  1.00 59.18  ?  140 ARG A C   1 
ATOM   821 O  O   . ARG A 1 142 ? 35.946  -7.160  -4.742  1.00 59.16  ?  140 ARG A O   1 
ATOM   822 C  CB  . ARG A 1 142 ? 33.694  -5.412  -2.967  1.00 64.69  ?  140 ARG A CB  1 
ATOM   823 C  CG  . ARG A 1 142 ? 34.947  -4.895  -2.252  1.00 72.72  ?  140 ARG A CG  1 
ATOM   824 C  CD  . ARG A 1 142 ? 35.446  -3.615  -2.947  1.00 78.72  ?  140 ARG A CD  1 
ATOM   825 N  NE  . ARG A 1 142 ? 36.901  -3.366  -2.893  1.00 83.87  ?  140 ARG A NE  1 
ATOM   826 C  CZ  . ARG A 1 142 ? 37.465  -2.340  -2.237  1.00 89.65  ?  140 ARG A CZ  1 
ATOM   827 N  NH1 . ARG A 1 142 ? 36.706  -1.479  -1.549  1.00 92.38  ?  140 ARG A NH1 1 
ATOM   828 N  NH2 . ARG A 1 142 ? 38.790  -2.172  -2.260  1.00 91.82  ?  140 ARG A NH2 1 
ATOM   829 N  N   . LYS A 1 143 ? 34.060  -8.294  -4.246  1.00 57.37  ?  141 LYS A N   1 
ATOM   830 C  CA  . LYS A 1 143 ? 34.709  -9.586  -4.201  1.00 57.49  ?  141 LYS A CA  1 
ATOM   831 C  C   . LYS A 1 143 ? 35.349  -9.903  -5.549  1.00 55.87  ?  141 LYS A C   1 
ATOM   832 O  O   . LYS A 1 143 ? 36.517  -10.295 -5.609  1.00 56.06  ?  141 LYS A O   1 
ATOM   833 C  CB  . LYS A 1 143 ? 33.734  -10.676 -3.743  1.00 58.25  ?  141 LYS A CB  1 
ATOM   834 C  CG  . LYS A 1 143 ? 34.340  -12.074 -3.686  1.00 61.57  ?  141 LYS A CG  1 
ATOM   835 C  CD  . LYS A 1 143 ? 34.585  -12.624 -2.272  1.00 65.53  ?  141 LYS A CD  1 
ATOM   836 C  CE  . LYS A 1 143 ? 36.031  -12.432 -1.781  1.00 68.08  ?  141 LYS A CE  1 
ATOM   837 N  NZ  . LYS A 1 143 ? 37.039  -13.358 -2.371  1.00 67.23  ?  141 LYS A NZ  1 
ATOM   838 N  N   . TYR A 1 144 ? 34.603  -9.708  -6.627  1.00 54.70  ?  142 TYR A N   1 
ATOM   839 C  CA  . TYR A 1 144 ? 35.144  -9.918  -7.976  1.00 54.81  ?  142 TYR A CA  1 
ATOM   840 C  C   . TYR A 1 144 ? 36.357  -9.038  -8.274  1.00 56.75  ?  142 TYR A C   1 
ATOM   841 O  O   . TYR A 1 144 ? 37.341  -9.490  -8.862  1.00 56.88  ?  142 TYR A O   1 
ATOM   842 C  CB  . TYR A 1 144 ? 34.087  -9.648  -9.029  1.00 53.55  ?  142 TYR A CB  1 
ATOM   843 C  CG  . TYR A 1 144 ? 34.536  -10.003 -10.423 1.00 54.13  ?  142 TYR A CG  1 
ATOM   844 C  CD1 . TYR A 1 144 ? 35.170  -9.063  -11.235 1.00 54.50  ?  142 TYR A CD1 1 
ATOM   845 C  CD2 . TYR A 1 144 ? 34.324  -11.290 -10.941 1.00 53.72  ?  142 TYR A CD2 1 
ATOM   846 C  CE1 . TYR A 1 144 ? 35.565  -9.385  -12.514 1.00 55.21  ?  142 TYR A CE1 1 
ATOM   847 C  CE2 . TYR A 1 144 ? 34.718  -11.619 -12.217 1.00 54.12  ?  142 TYR A CE2 1 
ATOM   848 C  CZ  . TYR A 1 144 ? 35.339  -10.665 -13.001 1.00 55.86  ?  142 TYR A CZ  1 
ATOM   849 O  OH  . TYR A 1 144 ? 35.730  -10.986 -14.286 1.00 58.35  ?  142 TYR A OH  1 
ATOM   850 N  N   . GLN A 1 145 ? 36.273  -7.766  -7.896  1.00 59.11  ?  143 GLN A N   1 
ATOM   851 C  CA  . GLN A 1 145 ? 37.394  -6.854  -8.078  1.00 60.82  ?  143 GLN A CA  1 
ATOM   852 C  C   . GLN A 1 145 ? 38.602  -7.370  -7.318  1.00 61.34  ?  143 GLN A C   1 
ATOM   853 O  O   . GLN A 1 145 ? 39.707  -7.388  -7.860  1.00 60.67  ?  143 GLN A O   1 
ATOM   854 C  CB  . GLN A 1 145 ? 37.019  -5.435  -7.657  1.00 62.56  ?  143 GLN A CB  1 
ATOM   855 C  CG  . GLN A 1 145 ? 36.094  -4.762  -8.655  1.00 62.95  ?  143 GLN A CG  1 
ATOM   856 C  CD  . GLN A 1 145 ? 35.443  -3.467  -8.138  1.00 66.01  ?  143 GLN A CD  1 
ATOM   857 O  OE1 . GLN A 1 145 ? 35.397  -3.192  -6.936  1.00 65.84  ?  143 GLN A OE1 1 
ATOM   858 N  NE2 . GLN A 1 145 ? 34.937  -2.670  -9.066  1.00 66.74  ?  143 GLN A NE2 1 
ATOM   859 N  N   . GLU A 1 146 ? 38.369  -7.834  -6.090  1.00 62.80  ?  144 GLU A N   1 
ATOM   860 C  CA  . GLU A 1 146 ? 39.426  -8.399  -5.260  1.00 66.23  ?  144 GLU A CA  1 
ATOM   861 C  C   . GLU A 1 146 ? 40.030  -9.628  -5.934  1.00 65.90  ?  144 GLU A C   1 
ATOM   862 O  O   . GLU A 1 146 ? 41.243  -9.671  -6.193  1.00 66.58  ?  144 GLU A O   1 
ATOM   863 C  CB  . GLU A 1 146 ? 38.914  -8.711  -3.849  1.00 68.77  ?  144 GLU A CB  1 
ATOM   864 C  CG  . GLU A 1 146 ? 38.972  -7.517  -2.877  1.00 74.94  ?  144 GLU A CG  1 
ATOM   865 C  CD  . GLU A 1 146 ? 38.153  -7.709  -1.577  1.00 78.62  ?  144 GLU A CD  1 
ATOM   866 O  OE1 . GLU A 1 146 ? 37.783  -8.860  -1.232  1.00 80.26  ?  144 GLU A OE1 1 
ATOM   867 O  OE2 . GLU A 1 146 ? 37.882  -6.698  -0.880  1.00 81.52  -1 144 GLU A OE2 1 
HETATM 868 N  N   . MSE A 1 147 ? 39.171  -10.591 -6.269  1.00 38.54  ?  145 MSE A N   1 
HETATM 869 C  CA  . MSE A 1 147 ? 39.575  -11.837 -6.931  1.00 65.46  ?  145 MSE A CA  1 
HETATM 870 C  C   . MSE A 1 147 ? 40.428  -11.640 -8.159  1.00 65.19  ?  145 MSE A C   1 
HETATM 871 O  O   . MSE A 1 147 ? 41.332  -12.420 -8.414  1.00 65.10  ?  145 MSE A O   1 
HETATM 872 C  CB  . MSE A 1 147 ? 38.357  -12.623 -7.372  1.00 65.38  ?  145 MSE A CB  1 
HETATM 873 C  CG  . MSE A 1 147 ? 37.649  -13.317 -6.265  1.00 67.42  ?  145 MSE A CG  1 
HETATM 874 SE SE  . MSE A 1 147 ? 35.921  -13.875 -6.928  1.00 70.72  ?  145 MSE A SE  1 
HETATM 875 C  CE  . MSE A 1 147 ? 36.458  -14.513 -8.668  1.00 64.39  ?  145 MSE A CE  1 
ATOM   876 N  N   . THR A 1 148 ? 40.118  -10.630 -8.953  1.00 65.86  ?  146 THR A N   1 
ATOM   877 C  CA  . THR A 1 148 ? 40.845  -10.452 -10.194 1.00 67.65  ?  146 THR A CA  1 
ATOM   878 C  C   . THR A 1 148 ? 41.863  -9.331  -10.033 1.00 71.51  ?  146 THR A C   1 
ATOM   879 O  O   . THR A 1 148 ? 42.232  -8.672  -11.007 1.00 72.52  ?  146 THR A O   1 
ATOM   880 C  CB  . THR A 1 148 ? 39.905  -10.172 -11.362 1.00 66.77  ?  146 THR A CB  1 
ATOM   881 O  OG1 . THR A 1 148 ? 39.189  -8.960  -11.110 1.00 68.18  ?  146 THR A OG1 1 
ATOM   882 C  CG2 . THR A 1 148 ? 38.918  -11.306 -11.534 1.00 65.59  ?  146 THR A CG2 1 
ATOM   883 N  N   . GLY A 1 149 ? 42.287  -9.109  -8.786  1.00 75.24  ?  147 GLY A N   1 
ATOM   884 C  CA  . GLY A 1 149 ? 43.329  -8.140  -8.444  1.00 80.40  ?  147 GLY A CA  1 
ATOM   885 C  C   . GLY A 1 149 ? 43.182  -6.715  -8.959  1.00 85.09  ?  147 GLY A C   1 
ATOM   886 O  O   . GLY A 1 149 ? 44.186  -6.074  -9.250  1.00 87.35  ?  147 GLY A O   1 
ATOM   887 N  N   . GLN A 1 150 ? 41.948  -6.216  -9.083  1.00 87.64  ?  148 GLN A N   1 
ATOM   888 C  CA  . GLN A 1 150 ? 41.718  -4.795  -9.411  1.00 92.58  ?  148 GLN A CA  1 
ATOM   889 C  C   . GLN A 1 150 ? 41.966  -3.865  -8.212  1.00 96.62  ?  148 GLN A C   1 
ATOM   890 O  O   . GLN A 1 150 ? 42.234  -2.672  -8.392  1.00 100.14 ?  148 GLN A O   1 
ATOM   891 C  CB  . GLN A 1 150 ? 40.307  -4.562  -9.972  1.00 92.71  ?  148 GLN A CB  1 
ATOM   892 C  CG  . GLN A 1 150 ? 40.131  -4.946  -11.436 1.00 93.27  ?  148 GLN A CG  1 
ATOM   893 C  CD  . GLN A 1 150 ? 38.671  -5.125  -11.829 1.00 93.13  ?  148 GLN A CD  1 
ATOM   894 O  OE1 . GLN A 1 150 ? 37.844  -4.220  -11.663 1.00 95.40  ?  148 GLN A OE1 1 
ATOM   895 N  NE2 . GLN A 1 150 ? 38.346  -6.301  -12.358 1.00 91.40  ?  148 GLN A NE2 1 
ATOM   896 N  N   . VAL A 1 151 ? 41.846  -4.404  -6.995  1.00 97.69  ?  149 VAL A N   1 
ATOM   897 C  CA  . VAL A 1 151 ? 42.230  -3.678  -5.776  1.00 102.30 ?  149 VAL A CA  1 
ATOM   898 C  C   . VAL A 1 151 ? 43.125  -4.558  -4.901  1.00 102.65 ?  149 VAL A C   1 
ATOM   899 O  O   . VAL A 1 151 ? 42.637  -5.295  -4.042  1.00 102.38 ?  149 VAL A O   1 
ATOM   900 C  CB  . VAL A 1 151 ? 41.017  -3.184  -4.925  1.00 103.94 ?  149 VAL A CB  1 
ATOM   901 C  CG1 . VAL A 1 151 ? 41.417  -1.929  -4.116  1.00 109.27 ?  149 VAL A CG1 1 
ATOM   902 C  CG2 . VAL A 1 151 ? 39.779  -2.905  -5.790  1.00 102.90 ?  149 VAL A CG2 1 
HETATM 903 O  O   . HOH B 2 .   ? 27.426  -12.618 -0.399  1.00 25.69  ?  151 HOH A O   1 
HETATM 904 O  O   . HOH B 2 .   ? -18.896 15.961  6.146   1.00 10.93  ?  152 HOH A O   1 
HETATM 905 O  O   . HOH B 2 .   ? -12.378 7.530   -7.847  1.00 26.55  ?  153 HOH A O   1 
HETATM 906 O  O   . HOH B 2 .   ? -26.914 -7.586  0.853   1.00 44.32  ?  154 HOH A O   1 
HETATM 907 O  O   . HOH B 2 .   ? -28.036 -6.220  5.979   1.00 30.70  ?  155 HOH A O   1 
HETATM 908 O  O   . HOH B 2 .   ? -27.673 -4.928  10.839  1.00 53.89  ?  156 HOH A O   1 
# 
loop_
_atom_site_anisotrop.id 
_atom_site_anisotrop.type_symbol 
_atom_site_anisotrop.pdbx_label_atom_id 
_atom_site_anisotrop.pdbx_label_alt_id 
_atom_site_anisotrop.pdbx_label_comp_id 
_atom_site_anisotrop.pdbx_label_asym_id 
_atom_site_anisotrop.pdbx_label_seq_id 
_atom_site_anisotrop.pdbx_PDB_ins_code 
_atom_site_anisotrop.U[1][1] 
_atom_site_anisotrop.U[2][2] 
_atom_site_anisotrop.U[3][3] 
_atom_site_anisotrop.U[1][2] 
_atom_site_anisotrop.U[1][3] 
_atom_site_anisotrop.U[2][3] 
_atom_site_anisotrop.pdbx_auth_seq_id 
_atom_site_anisotrop.pdbx_auth_comp_id 
_atom_site_anisotrop.pdbx_auth_asym_id 
_atom_site_anisotrop.pdbx_auth_atom_id 
1   N  N   . TYR A 10  ? 1.3802 1.7359 1.3295 0.2852  0.1438 0.1669  8   TYR A N   
2   C  CA  . TYR A 10  ? 1.3742 1.6969 1.3107 0.2733  0.1266 0.1437  8   TYR A CA  
3   C  C   . TYR A 10  ? 1.3870 1.6944 1.3006 0.2804  0.1155 0.1324  8   TYR A C   
4   O  O   . TYR A 10  ? 1.3914 1.6975 1.3111 0.2792  0.1204 0.1407  8   TYR A O   
5   C  CB  . TYR A 10  ? 1.3503 1.6528 1.3147 0.2477  0.1323 0.1416  8   TYR A CB  
6   C  CG  . TYR A 10  ? 1.3289 1.6486 1.3121 0.2380  0.1343 0.1326  8   TYR A CG  
7   C  CD1 . TYR A 10  ? 1.3170 1.6426 1.3414 0.2158  0.1482 0.1310  8   TYR A CD1 
8   C  CD2 . TYR A 10  ? 1.3238 1.6594 1.2857 0.2524  0.1236 0.1224  8   TYR A CD2 
9   C  CE1 . TYR A 10  ? 1.2989 1.6551 1.3451 0.2072  0.1490 0.1147  8   TYR A CE1 
10  C  CE2 . TYR A 10  ? 1.3041 1.6686 1.2822 0.2481  0.1242 0.1117  8   TYR A CE2 
11  C  CZ  . TYR A 10  ? 1.2934 1.6728 1.3144 0.2250  0.1358 0.1057  8   TYR A CZ  
12  O  OH  . TYR A 10  ? 1.2726 1.6940 1.3137 0.2208  0.1355 0.0875  8   TYR A OH  
13  N  N   . PRO A 11  ? 1.3960 1.6929 1.2864 0.2883  0.1032 0.1115  9   PRO A N   
14  C  CA  . PRO A 11  ? 1.4005 1.6877 1.2764 0.2924  0.0953 0.0911  9   PRO A CA  
15  C  C   . PRO A 11  ? 1.3850 1.6414 1.2692 0.2734  0.0940 0.0842  9   PRO A C   
16  O  O   . PRO A 11  ? 1.3783 1.6094 1.2735 0.2569  0.0964 0.0902  9   PRO A O   
17  C  CB  . PRO A 11  ? 1.4179 1.6866 1.2764 0.2991  0.0904 0.0706  9   PRO A CB  
18  C  CG  . PRO A 11  ? 1.4156 1.6774 1.2756 0.2975  0.0931 0.0821  9   PRO A CG  
19  C  CD  . PRO A 11  ? 1.4014 1.6967 1.2808 0.2949  0.0997 0.1044  9   PRO A CD  
20  N  N   . LYS A 12  ? 1.3760 1.6419 1.2564 0.2770  0.0899 0.0686  10  LYS A N   
21  C  CA  . LYS A 12  ? 1.3543 1.5980 1.2432 0.2605  0.0888 0.0610  10  LYS A CA  
22  C  C   . LYS A 12  ? 1.3349 1.5282 1.2229 0.2426  0.0879 0.0434  10  LYS A C   
23  O  O   . LYS A 12  ? 1.3307 1.5000 1.2274 0.2263  0.0888 0.0443  10  LYS A O   
24  C  CB  . LYS A 12  ? 1.3720 1.6534 1.2588 0.2717  0.0846 0.0458  10  LYS A CB  
25  C  CG  . LYS A 12  ? 1.4069 1.7217 1.2841 0.2878  0.0785 0.0151  10  LYS A CG  
26  C  CD  . LYS A 12  ? 1.4289 1.7051 1.3093 0.2719  0.0784 -0.0224 10  LYS A CD  
27  C  CE  . LYS A 12  ? 1.4316 1.6776 1.3248 0.2493  0.0799 -0.0380 10  LYS A CE  
28  N  NZ  . LYS A 12  ? 1.4214 1.7183 1.3219 0.2547  0.0739 -0.0566 10  LYS A NZ  
29  N  N   . ASN A 13  ? 1.3174 1.4938 1.1942 0.2483  0.0892 0.0299  11  ASN A N   
30  C  CA  . ASN A 13  ? 1.2989 1.4245 1.1723 0.2379  0.0952 0.0169  11  ASN A CA  
31  C  C   . ASN A 13  ? 1.2612 1.3645 1.1270 0.2398  0.0989 0.0356  11  ASN A C   
32  O  O   . ASN A 13  ? 1.2778 1.3405 1.1364 0.2381  0.1071 0.0317  11  ASN A O   
33  C  CB  . ASN A 13  ? 1.3447 1.4586 1.2134 0.2446  0.1011 -0.0124 11  ASN A CB  
34  C  CG  . ASN A 13  ? 1.3802 1.4357 1.2519 0.2322  0.1154 -0.0280 11  ASN A CG  
35  O  OD1 . ASN A 13  ? 1.4061 1.4268 1.2694 0.2407  0.1288 -0.0342 11  ASN A OD1 
36  N  ND2 . ASN A 13  ? 1.3735 1.4163 1.2574 0.2141  0.1158 -0.0324 11  ASN A ND2 
37  N  N   . CYS A 14  ? 1.1992 1.3332 1.0683 0.2451  0.0952 0.0548  12  CYS A N   
38  C  CA  . CYS A 14  ? 1.1629 1.2939 1.0272 0.2497  0.0970 0.0658  12  CYS A CA  
39  C  C   . CYS A 14  ? 1.1425 1.2629 1.0186 0.2342  0.0969 0.0707  12  CYS A C   
40  O  O   . CYS A 14  ? 1.1263 1.2475 1.0190 0.2184  0.0955 0.0716  12  CYS A O   
41  C  CB  . CYS A 14  ? 1.1425 1.3166 1.0112 0.2600  0.0951 0.0772  12  CYS A CB  
42  S  SG  . CYS A 14  ? 1.0666 1.2757 0.9683 0.2441  0.0973 0.0913  12  CYS A SG  
43  N  N   . LEU A 15  ? 1.1310 1.2459 0.9971 0.2427  0.0992 0.0737  13  LEU A N   
44  C  CA  . LEU A 15  ? 1.1006 1.2135 0.9751 0.2331  0.0986 0.0750  13  LEU A CA  
45  C  C   . LEU A 15  ? 1.0580 1.2016 0.9644 0.2139  0.0949 0.0760  13  LEU A C   
46  O  O   . LEU A 15  ? 1.0489 1.1806 0.9689 0.1977  0.0947 0.0738  13  LEU A O   
47  C  CB  . LEU A 15  ? 1.1144 1.2404 0.9719 0.2541  0.1007 0.0785  13  LEU A CB  
48  C  CG  . LEU A 15  ? 1.1052 1.2475 0.9722 0.2486  0.0983 0.0762  13  LEU A CG  
49  C  CD1 . LEU A 15  ? 1.1324 1.2281 0.9808 0.2531  0.1067 0.0801  13  LEU A CD1 
50  C  CD2 . LEU A 15  ? 1.0976 1.2951 0.9630 0.2672  0.0949 0.0734  13  LEU A CD2 
51  N  N   . LEU A 16  ? 1.0216 1.2022 0.9426 0.2155  0.0953 0.0794  14  LEU A N   
52  C  CA  . LEU A 16  ? 0.9900 1.1945 0.9472 0.1970  0.0996 0.0802  14  LEU A CA  
53  C  C   . LEU A 16  ? 0.9658 1.1511 0.9350 0.1848  0.1043 0.0882  14  LEU A C   
54  O  O   . LEU A 16  ? 0.9464 1.1296 0.9417 0.1680  0.1099 0.0882  14  LEU A O   
55  C  CB  . LEU A 16  ? 1.0006 1.2468 0.9739 0.2014  0.1044 0.0820  14  LEU A CB  
56  C  CG  . LEU A 16  ? 1.0099 1.2909 1.0228 0.1848  0.1102 0.0700  14  LEU A CG  
57  C  CD1 . LEU A 16  ? 1.0171 1.3481 1.0362 0.1957  0.1106 0.0626  14  LEU A CD1 
58  C  CD2 . LEU A 16  ? 0.9961 1.2699 1.0494 0.1622  0.1258 0.0759  14  LEU A CD2 
59  N  N   . THR A 17  ? 0.9503 1.1269 0.9008 0.1959  0.1028 0.0930  15  THR A N   
60  C  CA  . THR A 17  ? 0.9228 1.0914 0.8779 0.1922  0.1057 0.0990  15  THR A CA  
61  C  C   . THR A 17  ? 0.9048 1.0431 0.8568 0.1803  0.1011 0.0893  15  THR A C   
62  O  O   . THR A 17  ? 0.9016 1.0349 0.8692 0.1698  0.1050 0.0938  15  THR A O   
63  C  CB  . THR A 17  ? 0.9272 1.1086 0.8630 0.2103  0.1030 0.0994  15  THR A CB  
64  O  OG1 . THR A 17  ? 0.9268 1.1396 0.8706 0.2210  0.1110 0.1147  15  THR A OG1 
65  C  CG2 . THR A 17  ? 0.9276 1.1084 0.8616 0.2112  0.1023 0.0979  15  THR A CG2 
66  N  N   . VAL A 18  ? 0.8987 1.0155 0.8310 0.1837  0.0960 0.0777  16  VAL A N   
67  C  CA  . VAL A 18  ? 0.8848 0.9708 0.8133 0.1735  0.0949 0.0691  16  VAL A CA  
68  C  C   . VAL A 18  ? 0.8616 0.9496 0.8090 0.1597  0.0956 0.0716  16  VAL A C   
69  O  O   . VAL A 18  ? 0.8385 0.9122 0.7943 0.1476  0.0955 0.0692  16  VAL A O   
70  C  CB  . VAL A 18  ? 0.9047 0.9635 0.8099 0.1837  0.0975 0.0614  16  VAL A CB  
71  C  CG1 . VAL A 18  ? 0.9127 0.9470 0.8148 0.1783  0.1007 0.0606  16  VAL A CG1 
72  C  CG2 . VAL A 18  ? 0.9199 0.9632 0.8172 0.1861  0.1000 0.0475  16  VAL A CG2 
73  N  N   . MSE A 19  ? 0.8474 0.9592 0.8043 0.1618  0.0962 0.0727  17  MSE A N   
74  C  CA  . MSE A 19  ? 0.8304 0.9560 0.8121 0.1483  0.0974 0.0673  17  MSE A CA  
75  C  C   . MSE A 19  ? 0.8359 0.9594 0.8469 0.1318  0.1044 0.0715  17  MSE A C   
76  O  O   . MSE A 19  ? 0.8364 0.9472 0.8578 0.1198  0.1042 0.0665  17  MSE A O   
77  C  CB  . MSE A 19  ? 0.8139 0.9804 0.8085 0.1528  0.0976 0.0605  17  MSE A CB  
78  C  CG  . MSE A 19  ? 0.8289 1.0028 0.8002 0.1685  0.0920 0.0541  17  MSE A CG  
79  SE SE  . MSE A 19  ? 0.8633 1.1032 0.8391 0.1860  0.0898 0.0436  17  MSE A SE  
80  C  CE  . MSE A 19  ? 0.8090 1.1031 0.8396 0.1623  0.0910 0.0158  17  MSE A CE  
81  N  N   . ASP A 20  ? 0.8449 0.9794 0.8687 0.1337  0.1132 0.0830  18  ASP A N   
82  C  CA  . ASP A 20  ? 0.8518 0.9788 0.9020 0.1226  0.1255 0.0912  18  ASP A CA  
83  C  C   . ASP A 20  ? 0.8326 0.9413 0.8671 0.1286  0.1242 0.1005  18  ASP A C   
84  O  O   . ASP A 20  ? 0.8275 0.9277 0.8799 0.1228  0.1345 0.1084  18  ASP A O   
85  C  CB  . ASP A 20  ? 0.8871 1.0325 0.9739 0.1170  0.1452 0.0990  18  ASP A CB  
86  C  CG  . ASP A 20  ? 0.9220 1.0808 0.9975 0.1342  0.1514 0.1164  18  ASP A CG  
87  O  OD1 . ASP A 20  ? 0.9460 1.0983 1.0013 0.1490  0.1516 0.1313  18  ASP A OD1 
88  O  OD2 . ASP A 20  ? 0.9438 1.1267 1.0324 0.1342  0.1565 0.1134  18  ASP A OD2 
89  N  N   . ARG A 21  ? 0.8170 0.9222 0.8207 0.1403  0.1129 0.0962  19  ARG A N   
90  C  CA  . ARG A 21  ? 0.8124 0.9086 0.8042 0.1428  0.1085 0.0933  19  ARG A CA  
91  C  C   . ARG A 21  ? 0.7899 0.8629 0.7863 0.1268  0.1043 0.0823  19  ARG A C   
92  O  O   . ARG A 21  ? 0.7810 0.8482 0.7851 0.1219  0.1064 0.0840  19  ARG A O   
93  C  CB  . ARG A 21  ? 0.8411 0.9417 0.8081 0.1543  0.0999 0.0815  19  ARG A CB  
94  C  CG  . ARG A 21  ? 0.9197 1.0412 0.8808 0.1658  0.0990 0.0803  19  ARG A CG  
95  C  CD  . ARG A 21  ? 0.9790 1.0982 0.9271 0.1648  0.0908 0.0536  19  ARG A CD  
96  N  NE  . ARG A 21  ? 1.0237 1.1648 0.9739 0.1684  0.0885 0.0452  19  ARG A NE  
97  C  CZ  . ARG A 21  ? 1.0459 1.1858 0.9965 0.1598  0.0841 0.0176  19  ARG A CZ  
98  N  NH1 . ARG A 21  ? 1.0607 1.1687 1.0098 0.1470  0.0856 -0.0012 19  ARG A NH1 
99  N  NH2 . ARG A 21  ? 1.0594 1.2309 1.0133 0.1655  0.0814 0.0090  19  ARG A NH2 
100 N  N   . TYR A 22  ? 0.7584 0.8217 0.7488 0.1221  0.0996 0.0727  20  TYR A N   
101 C  CA  . TYR A 22  ? 0.7313 0.7780 0.7240 0.1110  0.0970 0.0641  20  TYR A CA  
102 C  C   . TYR A 22  ? 0.7237 0.7769 0.7459 0.0984  0.1024 0.0658  20  TYR A C   
103 O  O   . TYR A 22  ? 0.7313 0.7722 0.7597 0.0900  0.1025 0.0633  20  TYR A O   
104 C  CB  . TYR A 22  ? 0.7182 0.7623 0.6968 0.1167  0.0943 0.0585  20  TYR A CB  
105 C  CG  . TYR A 22  ? 0.6969 0.7305 0.6757 0.1102  0.0931 0.0522  20  TYR A CG  
106 C  CD1 . TYR A 22  ? 0.7077 0.7127 0.6732 0.1075  0.0945 0.0491  20  TYR A CD1 
107 C  CD2 . TYR A 22  ? 0.6677 0.7253 0.6632 0.1066  0.0920 0.0463  20  TYR A CD2 
108 C  CE1 . TYR A 22  ? 0.6898 0.6865 0.6543 0.1036  0.0952 0.0460  20  TYR A CE1 
109 C  CE2 . TYR A 22  ? 0.6755 0.7310 0.6694 0.1043  0.0903 0.0398  20  TYR A CE2 
110 C  CZ  . TYR A 22  ? 0.6763 0.6992 0.6526 0.1038  0.0922 0.0427  20  TYR A CZ  
111 O  OH  . TYR A 22  ? 0.6891 0.7111 0.6631 0.1032  0.0922 0.0386  20  TYR A OH  
112 N  N   . SER A 23  ? 0.7050 0.7780 0.7487 0.0965  0.1093 0.0674  21  SER A N   
113 C  CA  . SER A 23  ? 0.6806 0.7594 0.7616 0.0820  0.1201 0.0639  21  SER A CA  
114 C  C   . SER A 23  ? 0.6820 0.7446 0.7738 0.0815  0.1319 0.0788  21  SER A C   
115 O  O   . SER A 23  ? 0.6804 0.7332 0.7950 0.0701  0.1393 0.0750  21  SER A O   
116 C  CB  . SER A 23  ? 0.6803 0.7854 0.7885 0.0787  0.1301 0.0601  21  SER A CB  
117 O  OG  . SER A 23  ? 0.6838 0.7932 0.8370 0.0611  0.1453 0.0506  21  SER A OG  
118 N  N   . ALA A 24  ? 0.6761 0.7403 0.7508 0.0972  0.1345 0.0955  22  ALA A N   
119 C  CA  . ALA A 24  ? 0.6802 0.7383 0.7593 0.1060  0.1471 0.1134  22  ALA A CA  
120 C  C   . ALA A 24  ? 0.6734 0.7214 0.7367 0.1048  0.1354 0.1056  22  ALA A C   
121 O  O   . ALA A 24  ? 0.6905 0.7289 0.7669 0.1032  0.1446 0.1118  22  ALA A O   
122 C  CB  . ALA A 24  ? 0.6732 0.7492 0.7356 0.1291  0.1522 0.1320  22  ALA A CB  
123 N  N   . VAL A 25  ? 0.6550 0.7038 0.6932 0.1052  0.1183 0.0911  23  VAL A N   
124 C  CA  . VAL A 25  ? 0.6363 0.6778 0.6635 0.1018  0.1098 0.0805  23  VAL A CA  
125 C  C   . VAL A 25  ? 0.6349 0.6590 0.6775 0.0848  0.1097 0.0725  23  VAL A C   
126 O  O   . VAL A 25  ? 0.6207 0.6399 0.6678 0.0822  0.1107 0.0721  23  VAL A O   
127 C  CB  . VAL A 25  ? 0.6295 0.6711 0.6338 0.1035  0.0986 0.0646  23  VAL A CB  
128 C  CG1 . VAL A 25  ? 0.6131 0.6430 0.6136 0.0936  0.0935 0.0493  23  VAL A CG1 
129 C  CG2 . VAL A 25  ? 0.6029 0.6713 0.5952 0.1216  0.0979 0.0667  23  VAL A CG2 
130 N  N   . VAL A 26  ? 0.6246 0.6466 0.6753 0.0758  0.1083 0.0649  24  VAL A N   
131 C  CA  . VAL A 26  ? 0.6217 0.6378 0.6866 0.0627  0.1071 0.0537  24  VAL A CA  
132 C  C   . VAL A 26  ? 0.6426 0.6569 0.7407 0.0555  0.1210 0.0578  24  VAL A C   
133 O  O   . VAL A 26  ? 0.6549 0.6606 0.7621 0.0481  0.1214 0.0520  24  VAL A O   
134 C  CB  . VAL A 26  ? 0.6169 0.6448 0.6802 0.0609  0.1016 0.0418  24  VAL A CB  
135 C  CG1 . VAL A 26  ? 0.5868 0.6227 0.6702 0.0500  0.1012 0.0271  24  VAL A CG1 
136 C  CG2 . VAL A 26  ? 0.5920 0.6097 0.6219 0.0702  0.0941 0.0411  24  VAL A CG2 
137 N  N   . ARG A 27  ? 0.6641 0.6838 0.7823 0.0579  0.1359 0.0681  25  ARG A N   
138 C  CA  . ARG A 27  ? 0.6931 0.7019 0.8471 0.0521  0.1578 0.0746  25  ARG A CA  
139 C  C   . ARG A 27  ? 0.6931 0.6881 0.8358 0.0647  0.1637 0.0922  25  ARG A C   
140 O  O   . ARG A 27  ? 0.6932 0.6739 0.8563 0.0586  0.1743 0.0910  25  ARG A O   
141 C  CB  . ARG A 27  ? 0.7339 0.7472 0.9156 0.0520  0.1794 0.0841  25  ARG A CB  
142 C  CG  . ARG A 27  ? 0.8030 0.8357 1.0169 0.0334  0.1805 0.0574  25  ARG A CG  
143 C  CD  . ARG A 27  ? 0.8713 0.9197 1.0981 0.0358  0.1923 0.0633  25  ARG A CD  
144 N  NE  . ARG A 27  ? 0.9132 0.9931 1.1727 0.0192  0.1920 0.0324  25  ARG A NE  
145 C  CZ  . ARG A 27  ? 0.9348 1.0207 1.2509 -0.0016 0.2134 0.0110  25  ARG A CZ  
146 N  NH1 . ARG A 27  ? 0.9555 1.0068 1.3010 -0.0079 0.2401 0.0218  25  ARG A NH1 
147 N  NH2 . ARG A 27  ? 0.9295 1.0591 1.2748 -0.0148 0.2098 -0.0239 25  ARG A NH2 
148 N  N   . ASN A 28  ? 0.6759 0.6814 0.7872 0.0837  0.1564 0.1053  26  ASN A N   
149 C  CA  . ASN A 28  ? 0.6871 0.6953 0.7835 0.0994  0.1573 0.1162  26  ASN A CA  
150 C  C   . ASN A 28  ? 0.6929 0.6953 0.7832 0.0876  0.1426 0.0979  26  ASN A C   
151 O  O   . ASN A 28  ? 0.7135 0.7109 0.8092 0.0928  0.1496 0.1039  26  ASN A O   
152 C  CB  . ASN A 28  ? 0.6849 0.7202 0.7507 0.1219  0.1490 0.1237  26  ASN A CB  
153 C  CG  . ASN A 28  ? 0.7108 0.7639 0.7631 0.1436  0.1514 0.1334  26  ASN A CG  
154 O  OD1 . ASN A 28  ? 0.7006 0.7743 0.7347 0.1454  0.1342 0.1160  26  ASN A OD1 
155 N  ND2 . ASN A 28  ? 0.7214 0.7676 0.7857 0.1609  0.1758 0.1602  26  ASN A ND2 
156 N  N   . MSE A 29  ? 0.6759 0.6789 0.7544 0.0747  0.1250 0.0783  27  MSE A N   
157 C  CA  . MSE A 29  ? 0.6635 0.6600 0.7371 0.0632  0.1140 0.0621  27  MSE A CA  
158 C  C   . MSE A 29  ? 0.6820 0.6666 0.7825 0.0520  0.1223 0.0584  27  MSE A C   
159 O  O   . MSE A 29  ? 0.6877 0.6683 0.7890 0.0505  0.1211 0.0553  27  MSE A O   
160 C  CB  . MSE A 29  ? 0.6491 0.6427 0.7084 0.0550  0.1023 0.0478  27  MSE A CB  
161 C  CG  . MSE A 29  ? 0.6369 0.6226 0.6881 0.0463  0.0952 0.0351  27  MSE A CG  
162 SE SE  . MSE A 29  ? 0.6645 0.6406 0.6973 0.0436  0.0905 0.0260  27  MSE A SE  
163 C  CE  . MSE A 29  ? 0.6136 0.6062 0.6680 0.0412  0.0916 0.0230  27  MSE A CE  
164 N  N   . GLU A 30  ? 0.6909 0.6738 0.8169 0.0435  0.1315 0.0552  28  GLU A N   
165 C  CA  . GLU A 30  ? 0.7160 0.6921 0.8752 0.0306  0.1415 0.0440  28  GLU A CA  
166 C  C   . GLU A 30  ? 0.7385 0.6968 0.9167 0.0375  0.1631 0.0601  28  GLU A C   
167 O  O   . GLU A 30  ? 0.7480 0.6967 0.9444 0.0300  0.1683 0.0512  28  GLU A O   
168 C  CB  . GLU A 30  ? 0.7283 0.7170 0.9168 0.0180  0.1468 0.0273  28  GLU A CB  
169 C  CG  . GLU A 30  ? 0.7724 0.7831 0.9403 0.0172  0.1274 0.0126  28  GLU A CG  
170 C  CD  . GLU A 30  ? 0.8061 0.8427 0.9993 0.0108  0.1318 -0.0029 28  GLU A CD  
171 O  OE1 . GLU A 30  ? 0.8453 0.8893 1.0830 -0.0027 0.1465 -0.0194 28  GLU A OE1 
172 O  OE2 . GLU A 30  ? 0.8315 0.8834 1.0033 0.0192  0.1224 -0.0013 28  GLU A OE2 
173 N  N   . GLN A 31  ? 0.7608 0.7156 0.9336 0.0551  0.1775 0.0853  29  GLN A N   
174 C  CA  . GLN A 31  ? 0.7999 0.7380 0.9840 0.0705  0.2019 0.1076  29  GLN A CA  
175 C  C   . GLN A 31  ? 0.7791 0.7252 0.9366 0.0820  0.1881 0.1087  29  GLN A C   
176 O  O   . GLN A 31  ? 0.8122 0.7440 0.9831 0.0851  0.2008 0.1127  29  GLN A O   
177 C  CB  . GLN A 31  ? 0.8497 0.7893 1.0265 0.0952  0.2218 0.1394  29  GLN A CB  
178 C  CG  . GLN A 31  ? 0.9309 0.8675 1.1310 0.0863  0.2360 0.1408  29  GLN A CG  
179 C  CD  . GLN A 31  ? 0.9772 0.8879 1.2327 0.0654  0.2655 0.1310  29  GLN A CD  
180 O  OE1 . GLN A 31  ? 1.0240 0.9078 1.3023 0.0693  0.2913 0.1410  29  GLN A OE1 
181 N  NE2 . GLN A 31  ? 0.9885 0.9103 1.2694 0.0440  0.2640 0.1089  29  GLN A NE2 
182 N  N   . VAL A 32  ? 0.7387 0.7091 0.8621 0.0874  0.1644 0.1025  30  VAL A N   
183 C  CA  . VAL A 32  ? 0.7076 0.6962 0.8082 0.0982  0.1518 0.0991  30  VAL A CA  
184 C  C   . VAL A 32  ? 0.6904 0.6707 0.7971 0.0789  0.1405 0.0778  30  VAL A C   
185 O  O   . VAL A 32  ? 0.7085 0.6919 0.8141 0.0866  0.1425 0.0795  30  VAL A O   
186 C  CB  . VAL A 32  ? 0.6949 0.7141 0.7662 0.1058  0.1335 0.0910  30  VAL A CB  
187 C  CG1 . VAL A 32  ? 0.6523 0.6941 0.7091 0.1065  0.1190 0.0742  30  VAL A CG1 
188 C  CG2 . VAL A 32  ? 0.6982 0.7390 0.7583 0.1340  0.1440 0.1133  30  VAL A CG2 
189 N  N   . VAL A 33  ? 0.6561 0.6299 0.7675 0.0577  0.1296 0.0593  31  VAL A N   
190 C  CA  . VAL A 33  ? 0.6344 0.6055 0.7479 0.0427  0.1190 0.0405  31  VAL A CA  
191 C  C   . VAL A 33  ? 0.6518 0.6085 0.7965 0.0352  0.1319 0.0365  31  VAL A C   
192 O  O   . VAL A 33  ? 0.6409 0.5967 0.8055 0.0210  0.1323 0.0212  31  VAL A O   
193 C  CB  . VAL A 33  ? 0.6149 0.5890 0.7170 0.0305  0.1058 0.0260  31  VAL A CB  
194 C  CG1 . VAL A 33  ? 0.5753 0.5494 0.6786 0.0200  0.0988 0.0109  31  VAL A CG1 
195 C  CG2 . VAL A 33  ? 0.6036 0.5858 0.6795 0.0364  0.0976 0.0266  31  VAL A CG2 
196 N  N   . MSE A 34  ? 0.6959 0.6463 0.8460 0.0471  0.1436 0.0481  32  MSE A N   
197 C  CA  . MSE A 34  ? 0.7358 0.6660 0.9200 0.0427  0.1630 0.0462  32  MSE A CA  
198 C  C   . MSE A 34  ? 0.7070 0.6408 0.9024 0.0255  0.1522 0.0202  32  MSE A C   
199 O  O   . MSE A 34  ? 0.7198 0.6457 0.9508 0.0125  0.1636 0.0041  32  MSE A O   
200 C  CB  . MSE A 34  ? 0.8078 0.7303 0.9878 0.0667  0.1798 0.0696  32  MSE A CB  
201 C  CG  . MSE A 34  ? 0.9055 0.8301 1.0738 0.0914  0.1948 0.0991  32  MSE A CG  
202 SE SE  . MSE A 34  ? 1.0455 0.9256 1.2576 0.1010  0.2448 0.1244  32  MSE A SE  
203 C  CE  . MSE A 34  ? 0.9752 0.8461 1.2302 0.0602  0.2444 0.0915  32  MSE A CE  
204 N  N   . ILE A 35  ? 0.6550 0.6041 0.8234 0.0256  0.1327 0.0139  33  ILE A N   
205 C  CA  . ILE A 35  ? 0.6150 0.5716 0.7883 0.0138  0.1227 -0.0069 33  ILE A CA  
206 C  C   . ILE A 35  ? 0.6039 0.5756 0.7533 0.0073  0.1051 -0.0155 33  ILE A C   
207 O  O   . ILE A 35  ? 0.6017 0.5794 0.7269 0.0096  0.0960 -0.0136 33  ILE A O   
208 C  CB  . ILE A 35  ? 0.6082 0.5661 0.7749 0.0219  0.1225 -0.0041 33  ILE A CB  
209 C  CG1 . ILE A 35  ? 0.6053 0.5462 0.7855 0.0387  0.1443 0.0149  33  ILE A CG1 
210 C  CG2 . ILE A 35  ? 0.5798 0.5445 0.7579 0.0104  0.1162 -0.0257 33  ILE A CG2 
211 C  CD1 . ILE A 35  ? 0.5927 0.5420 0.7603 0.0545  0.1443 0.0220  33  ILE A CD1 
212 N  N   . PRO A 36  ? 0.5916 0.5711 0.7498 0.0006  0.1031 -0.0260 34  PRO A N   
213 C  CA  . PRO A 36  ? 0.5695 0.5594 0.7022 0.0012  0.0920 -0.0273 34  PRO A CA  
214 C  C   . PRO A 36  ? 0.5630 0.5616 0.6804 0.0004  0.0844 -0.0348 34  PRO A C   
215 O  O   . PRO A 36  ? 0.5735 0.5702 0.6664 0.0036  0.0814 -0.0294 34  PRO A O   
216 C  CB  . PRO A 36  ? 0.5760 0.5816 0.7252 -0.0014 0.0932 -0.0385 34  PRO A CB  
217 C  CG  . PRO A 36  ? 0.5814 0.5771 0.7657 -0.0062 0.1083 -0.0390 34  PRO A CG  
218 C  CD  . PRO A 36  ? 0.5934 0.5745 0.7876 -0.0062 0.1146 -0.0372 34  PRO A CD  
219 N  N   . SER A 37  ? 0.5552 0.5610 0.6880 -0.0029 0.0845 -0.0464 35  SER A N   
220 C  CA  . SER A 37  ? 0.5408 0.5582 0.6598 -0.0019 0.0788 -0.0525 35  SER A CA  
221 C  C   . SER A 37  ? 0.5400 0.5443 0.6390 -0.0024 0.0791 -0.0420 35  SER A C   
222 O  O   . SER A 37  ? 0.5658 0.5734 0.6500 -0.0020 0.0790 -0.0421 35  SER A O   
223 C  CB  . SER A 37  ? 0.5074 0.5392 0.6500 -0.0050 0.0787 -0.0700 35  SER A CB  
224 O  OG  . SER A 37  ? 0.5012 0.5148 0.6584 -0.0069 0.0855 -0.0652 35  SER A OG  
225 N  N   . LEU A 38  ? 0.5366 0.5311 0.6371 -0.0016 0.0814 -0.0342 36  LEU A N   
226 C  CA  . LEU A 38  ? 0.5394 0.5340 0.6259 -0.0023 0.0812 -0.0318 36  LEU A CA  
227 C  C   . LEU A 38  ? 0.5514 0.5381 0.6213 -0.0053 0.0837 -0.0299 36  LEU A C   
228 O  O   . LEU A 38  ? 0.5684 0.5555 0.6325 -0.0109 0.0874 -0.0353 36  LEU A O   
229 C  CB  . LEU A 38  ? 0.5216 0.5210 0.6118 0.0060  0.0828 -0.0251 36  LEU A CB  
230 C  CG  . LEU A 38  ? 0.5548 0.5557 0.6604 0.0136  0.0869 -0.0224 36  LEU A CG  
231 C  CD1 . LEU A 38  ? 0.5602 0.5719 0.6614 0.0301  0.0912 -0.0108 36  LEU A CD1 
232 C  CD2 . LEU A 38  ? 0.5014 0.5105 0.6102 0.0094  0.0840 -0.0331 36  LEU A CD2 
233 N  N   . LEU A 39  ? 0.5322 0.5121 0.5976 -0.0018 0.0843 -0.0243 37  LEU A N   
234 C  CA  . LEU A 39  ? 0.5292 0.4965 0.5782 -0.0011 0.0902 -0.0201 37  LEU A CA  
235 C  C   . LEU A 39  ? 0.5412 0.5041 0.5787 0.0016  0.0974 -0.0180 37  LEU A C   
236 O  O   . LEU A 39  ? 0.5771 0.5221 0.6022 0.0027  0.1095 -0.0127 37  LEU A O   
237 C  CB  . LEU A 39  ? 0.5233 0.4886 0.5696 0.0056  0.0889 -0.0133 37  LEU A CB  
238 C  CG  . LEU A 39  ? 0.5291 0.4970 0.5830 0.0073  0.0863 -0.0100 37  LEU A CG  
239 C  CD1 . LEU A 39  ? 0.5172 0.4854 0.5700 0.0132  0.0863 -0.0040 37  LEU A CD1 
240 C  CD2 . LEU A 39  ? 0.5350 0.5027 0.5825 0.0056  0.0882 -0.0136 37  LEU A CD2 
241 N  N   . ARG A 40  ? 0.5370 0.5163 0.5790 0.0050  0.0931 -0.0217 38  ARG A N   
242 C  CA  . ARG A 40  ? 0.5566 0.5388 0.5843 0.0135  0.1014 -0.0167 38  ARG A CA  
243 C  C   . ARG A 40  ? 0.5838 0.5473 0.6091 0.0039  0.1142 -0.0157 38  ARG A C   
244 O  O   . ARG A 40  ? 0.5730 0.5392 0.6117 -0.0086 0.1099 -0.0261 38  ARG A O   
245 C  CB  . ARG A 40  ? 0.5271 0.5384 0.5634 0.0178  0.0932 -0.0263 38  ARG A CB  
246 C  CG  . ARG A 40  ? 0.5063 0.5437 0.5561 0.0229  0.0830 -0.0372 38  ARG A CG  
247 C  CD  . ARG A 40  ? 0.5482 0.6162 0.5839 0.0424  0.0838 -0.0370 38  ARG A CD  
248 N  NE  . ARG A 40  ? 0.5543 0.6616 0.6115 0.0449  0.0736 -0.0581 38  ARG A NE  
249 C  CZ  . ARG A 40  ? 0.5784 0.7265 0.6277 0.0637  0.0711 -0.0640 38  ARG A CZ  
250 N  NH1 . ARG A 40  ? 0.6190 0.7683 0.6339 0.0863  0.0797 -0.0435 38  ARG A NH1 
251 N  NH2 . ARG A 40  ? 0.5750 0.7651 0.6527 0.0616  0.0628 -0.0915 38  ARG A NH2 
252 N  N   . ASP A 41  ? 0.6201 0.5665 0.6299 0.0113  0.1328 -0.0038 39  ASP A N   
253 C  CA  . ASP A 41  ? 0.6659 0.5923 0.6793 0.0004  0.1523 -0.0046 39  ASP A CA  
254 C  C   . ASP A 41  ? 0.6884 0.5961 0.7156 -0.0174 0.1603 -0.0166 39  ASP A C   
255 O  O   . ASP A 41  ? 0.7118 0.6126 0.7525 -0.0323 0.1746 -0.0274 39  ASP A O   
256 C  CB  . ASP A 41  ? 0.6497 0.5973 0.6742 -0.0070 0.1452 -0.0148 39  ASP A CB  
257 C  CG  . ASP A 41  ? 0.6700 0.6409 0.6835 0.0104  0.1403 -0.0078 39  ASP A CG  
258 O  OD1 . ASP A 41  ? 0.6786 0.6471 0.6722 0.0303  0.1519 0.0088  39  ASP A OD1 
259 O  OD2 . ASP A 41  ? 0.6377 0.6331 0.6622 0.0070  0.1261 -0.0196 39  ASP A OD2 
260 N  N   . VAL A 42  ? 0.7039 0.6103 0.7306 -0.0165 0.1510 -0.0187 40  VAL A N   
261 C  CA  . VAL A 42  ? 0.7236 0.6191 0.7620 -0.0296 0.1588 -0.0328 40  VAL A CA  
262 C  C   . VAL A 42  ? 0.7930 0.6526 0.8195 -0.0217 0.1812 -0.0193 40  VAL A C   
263 O  O   . VAL A 42  ? 0.7793 0.6367 0.7878 -0.0041 0.1759 -0.0030 40  VAL A O   
264 C  CB  . VAL A 42  ? 0.6926 0.6100 0.7353 -0.0285 0.1379 -0.0403 40  VAL A CB  
265 C  CG1 . VAL A 42  ? 0.6738 0.5870 0.7262 -0.0375 0.1461 -0.0567 40  VAL A CG1 
266 C  CG2 . VAL A 42  ? 0.6407 0.5903 0.6937 -0.0306 0.1208 -0.0490 40  VAL A CG2 
267 N  N   . GLN A 43  ? 0.8766 0.7090 0.9156 -0.0341 0.2094 -0.0272 41  GLN A N   
268 C  CA  . GLN A 43  ? 0.9672 0.7553 0.9965 -0.0249 0.2404 -0.0114 41  GLN A CA  
269 C  C   . GLN A 43  ? 0.9937 0.7712 1.0210 -0.0221 0.2384 -0.0155 41  GLN A C   
270 O  O   . GLN A 43  ? 0.9711 0.7705 1.0145 -0.0358 0.2230 -0.0397 41  GLN A O   
271 C  CB  . GLN A 43  ? 1.0204 0.7750 1.0701 -0.0404 0.2792 -0.0187 41  GLN A CB  
272 C  CG  . GLN A 43  ? 1.0851 0.8329 1.1224 -0.0284 0.2945 0.0042  41  GLN A CG  
273 C  CD  . GLN A 43  ? 1.1070 0.8705 1.1069 0.0060  0.2797 0.0357  41  GLN A CD  
274 O  OE1 . GLN A 43  ? 1.0907 0.8817 1.0820 0.0147  0.2682 0.0425  41  GLN A OE1 
275 N  NE2 . GLN A 43  ? 1.1253 0.8778 1.1050 0.0261  0.2797 0.0511  41  GLN A NE2 
276 N  N   . LEU A 44  ? 1.0598 0.8094 1.0643 -0.0001 0.2537 0.0097  42  LEU A N   
277 C  CA  . LEU A 44  ? 1.1138 0.8502 1.1130 0.0064  0.2548 0.0095  42  LEU A CA  
278 C  C   . LEU A 44  ? 1.1861 0.8855 1.2107 -0.0124 0.2861 -0.0113 42  LEU A C   
279 O  O   . LEU A 44  ? 1.1751 0.8837 1.2118 -0.0215 0.2773 -0.0327 42  LEU A O   
280 C  CB  . LEU A 44  ? 1.1252 0.8486 1.0911 0.0398  0.2631 0.0430  42  LEU A CB  
281 C  CG  . LEU A 44  ? 1.0752 0.8459 1.0233 0.0565  0.2297 0.0526  42  LEU A CG  
282 C  CD1 . LEU A 44  ? 1.1047 0.8768 1.0209 0.0929  0.2405 0.0819  42  LEU A CD1 
283 C  CD2 . LEU A 44  ? 1.0425 0.8367 0.9977 0.0493  0.2031 0.0386  42  LEU A CD2 
284 N  N   . SER A 45  ? 1.2762 0.9368 1.3120 -0.0183 0.3245 -0.0071 43  SER A N   
285 C  CA  . SER A 45  ? 1.3695 0.9863 1.4381 -0.0389 0.3659 -0.0292 43  SER A CA  
286 C  C   . SER A 45  ? 1.3798 1.0306 1.4886 -0.0717 0.3529 -0.0813 43  SER A C   
287 O  O   . SER A 45  ? 1.4181 1.0428 1.5599 -0.0906 0.3834 -0.1099 43  SER A O   
288 C  CB  . SER A 45  ? 1.4111 0.9885 1.4920 -0.0440 0.4093 -0.0181 43  SER A CB  
289 O  OG  . SER A 45  ? 1.4292 0.9999 1.4712 -0.0108 0.4127 0.0273  43  SER A OG  
290 N  N   . GLY A 46  ? 1.3596 1.0714 1.4669 -0.0762 0.3101 -0.0947 44  GLY A N   
291 C  CA  . GLY A 46  ? 1.3739 1.1338 1.5156 -0.1006 0.2966 -0.1423 44  GLY A CA  
292 C  C   . GLY A 46  ? 1.4072 1.1747 1.5763 -0.1218 0.3120 -0.1603 44  GLY A C   
293 O  O   . GLY A 46  ? 1.4395 1.1813 1.6457 -0.1446 0.3502 -0.1867 44  GLY A O   
294 N  N   . PRO A 47  ? 1.3918 1.1960 1.5468 -0.1158 0.2843 -0.1495 45  PRO A N   
295 C  CA  . PRO A 47  ? 1.4032 1.2107 1.5700 -0.1265 0.2951 -0.1504 45  PRO A CA  
296 C  C   . PRO A 47  ? 1.4667 1.2223 1.6607 -0.1438 0.3472 -0.1561 45  PRO A C   
297 O  O   . PRO A 47  ? 1.5077 1.2125 1.6807 -0.1276 0.3725 -0.1172 45  PRO A O   
298 C  CB  . PRO A 47  ? 1.3684 1.2458 1.5583 -0.1408 0.2695 -0.1908 45  PRO A CB  
299 C  CG  . PRO A 47  ? 1.3372 1.2496 1.5038 -0.1211 0.2318 -0.1848 45  PRO A CG  
300 C  CD  . PRO A 47  ? 1.3518 1.2134 1.4934 -0.1051 0.2404 -0.1535 45  PRO A CD  
307 N  N   . VAL A 51  ? 1.7579 1.5750 2.4678 0.0861  0.4527 0.1233  49  VAL A N   
308 C  CA  . VAL A 51  ? 1.7108 1.5580 2.2883 0.0920  0.4025 0.1396  49  VAL A CA  
309 C  C   . VAL A 51  ? 1.6840 1.5477 2.1927 0.0968  0.3839 0.1516  49  VAL A C   
310 O  O   . VAL A 51  ? 1.6680 1.5236 2.1747 0.0782  0.3656 0.1078  49  VAL A O   
311 C  CB  . VAL A 51  ? 1.6833 1.5378 2.2131 0.0698  0.3531 0.0834  49  VAL A CB  
312 C  CG1 . VAL A 51  ? 1.6689 1.5499 2.0828 0.0750  0.3109 0.0997  49  VAL A CG1 
313 C  CG2 . VAL A 51  ? 1.6839 1.5291 2.2765 0.0667  0.3700 0.0715  49  VAL A CG2 
314 N  N   . GLN A 52  ? 1.6650 1.5613 2.1190 0.1240  0.3888 0.2088  50  GLN A N   
315 C  CA  . GLN A 52  ? 1.6283 1.5528 2.0217 0.1340  0.3764 0.2242  50  GLN A CA  
316 C  C   . GLN A 52  ? 1.5680 1.5139 1.8662 0.1172  0.3199 0.1862  50  GLN A C   
317 O  O   . GLN A 52  ? 1.5465 1.4826 1.8260 0.0993  0.2919 0.1518  50  GLN A O   
318 C  CB  . GLN A 52  ? 1.6646 1.6367 2.0434 0.1768  0.4073 0.2986  50  GLN A CB  
319 C  CG  . GLN A 52  ? 1.6649 1.6928 1.9682 0.1924  0.3808 0.3146  50  GLN A CG  
320 C  CD  . GLN A 52  ? 1.6848 1.7091 2.0371 0.2110  0.4131 0.3536  50  GLN A CD  
321 O  OE1 . GLN A 52  ? 1.6903 1.7650 1.9954 0.2307  0.4018 0.3767  50  GLN A OE1 
322 N  NE2 . GLN A 52  ? 1.6936 1.6625 2.1482 0.2045  0.4552 0.3567  50  GLN A NE2 
323 N  N   . ASP A 53  ? 1.5279 1.5049 1.7747 0.1245  0.3077 0.1930  51  ASP A N   
324 C  CA  . ASP A 53  ? 1.4654 1.4723 1.6347 0.1142  0.2646 0.1644  51  ASP A CA  
325 C  C   . ASP A 53  ? 1.4404 1.5087 1.5678 0.1377  0.2605 0.1924  51  ASP A C   
326 O  O   . ASP A 53  ? 1.4651 1.5789 1.5947 0.1708  0.2865 0.2403  51  ASP A O   
327 C  CB  . ASP A 53  ? 1.4607 1.4789 1.6029 0.1097  0.2547 0.1501  51  ASP A CB  
328 C  CG  . ASP A 53  ? 1.4387 1.4772 1.5239 0.0935  0.2165 0.1111  51  ASP A CG  
329 O  OD1 . ASP A 53  ? 1.4341 1.5107 1.4892 0.0987  0.2098 0.1063  51  ASP A OD1 
330 O  OD2 . ASP A 53  ? 1.4183 1.4366 1.4961 0.0767  0.1968 0.0846  51  ASP A OD2 
331 N  N   . GLY A 54  ? 1.3761 1.4529 1.4688 0.1239  0.2302 0.1634  52  GLY A N   
332 C  CA  . GLY A 54  ? 1.3221 1.4646 1.3780 0.1429  0.2217 0.1770  52  GLY A CA  
333 C  C   . GLY A 54  ? 1.2726 1.4026 1.3447 0.1459  0.2263 0.1907  52  GLY A C   
334 O  O   . GLY A 54  ? 1.2757 1.4538 1.3174 0.1543  0.2122 0.1893  52  GLY A O   
335 N  N   . ALA A 55  ? 1.2156 1.2863 1.3421 0.1387  0.2471 0.1989  53  ALA A N   
336 C  CA  . ALA A 55  ? 1.1517 1.2007 1.3036 0.1363  0.2521 0.2033  53  ALA A CA  
337 C  C   . ALA A 55  ? 1.0752 1.1022 1.2006 0.1079  0.2157 0.1539  53  ALA A C   
338 O  O   . ALA A 55  ? 1.0678 1.0861 1.1689 0.0906  0.1941 0.1203  53  ALA A O   
339 C  CB  . ALA A 55  ? 1.1610 1.1597 1.3949 0.1352  0.2887 0.2154  53  ALA A CB  
340 N  N   . PRO A 56  ? 1.0152 1.0355 1.1467 0.1062  0.2121 0.1539  54  PRO A N   
341 C  CA  . PRO A 56  ? 0.9495 0.9471 1.0667 0.0844  0.1857 0.1151  54  PRO A CA  
342 C  C   . PRO A 56  ? 0.8901 0.8479 1.0319 0.0658  0.1804 0.0801  54  PRO A C   
343 O  O   . PRO A 56  ? 0.8934 0.8299 1.0892 0.0653  0.2017 0.0788  54  PRO A O   
344 C  CB  . PRO A 56  ? 0.9596 0.9540 1.0995 0.0915  0.1960 0.1317  54  PRO A CB  
345 C  CG  . PRO A 56  ? 0.9972 1.0371 1.1291 0.1194  0.2139 0.1778  54  PRO A CG  
346 C  CD  . PRO A 56  ? 1.0248 1.0754 1.1664 0.1317  0.2327 0.1975  54  PRO A CD  
347 N  N   . ASP A 57  ? 0.8169 0.7721 0.9260 0.0530  0.1554 0.0511  55  ASP A N   
348 C  CA  . ASP A 57  ? 0.7520 0.6887 0.8745 0.0426  0.1475 0.0197  55  ASP A CA  
349 C  C   . ASP A 57  ? 0.7098 0.6479 0.8143 0.0392  0.1302 0.0026  55  ASP A C   
350 O  O   . ASP A 57  ? 0.6900 0.6345 0.7796 0.0414  0.1258 0.0131  55  ASP A O   
351 C  CB  . ASP A 57  ? 0.7516 0.6886 0.8554 0.0382  0.1415 0.0102  55  ASP A CB  
352 C  CG  . ASP A 57  ? 0.7671 0.7196 0.8286 0.0360  0.1286 0.0111  55  ASP A CG  
353 O  OD1 . ASP A 57  ? 0.7738 0.7322 0.8246 0.0337  0.1283 0.0074  55  ASP A OD1 
354 O  OD2 . ASP A 57  ? 0.7497 0.7107 0.7968 0.0357  0.1207 0.0111  55  ASP A OD2 
355 N  N   . LEU A 58  ? 0.6743 0.6135 0.7799 0.0375  0.1217 -0.0213 56  LEU A N   
356 C  CA  . LEU A 58  ? 0.6367 0.5862 0.7260 0.0418  0.1096 -0.0314 56  LEU A CA  
357 C  C   . LEU A 58  ? 0.6455 0.5925 0.7020 0.0411  0.1043 -0.0170 56  LEU A C   
358 O  O   . LEU A 58  ? 0.6659 0.6167 0.7154 0.0450  0.1007 -0.0139 56  LEU A O   
359 C  CB  . LEU A 58  ? 0.6114 0.5789 0.7039 0.0482  0.1041 -0.0533 56  LEU A CB  
360 C  CG  . LEU A 58  ? 0.6158 0.6118 0.7022 0.0616  0.0962 -0.0637 56  LEU A CG  
361 C  CD1 . LEU A 58  ? 0.5941 0.5957 0.7060 0.0601  0.0976 -0.0738 56  LEU A CD1 
362 C  CD2 . LEU A 58  ? 0.5809 0.6168 0.6738 0.0751  0.0913 -0.0879 56  LEU A CD2 
363 N  N   . TYR A 59  ? 0.6309 0.5748 0.6753 0.0358  0.1060 -0.0124 57  TYR A N   
364 C  CA  . TYR A 59  ? 0.6059 0.5528 0.6384 0.0323  0.1052 -0.0100 57  TYR A CA  
365 C  C   . TYR A 59  ? 0.6143 0.5734 0.6438 0.0314  0.1036 -0.0026 57  TYR A C   
366 O  O   . TYR A 59  ? 0.6343 0.5963 0.6637 0.0300  0.1027 -0.0048 57  TYR A O   
367 C  CB  . TYR A 59  ? 0.6019 0.5520 0.6328 0.0255  0.1087 -0.0172 57  TYR A CB  
368 C  CG  . TYR A 59  ? 0.5854 0.5462 0.6232 0.0189  0.1120 -0.0269 57  TYR A CG  
369 C  CD1 . TYR A 59  ? 0.5743 0.5215 0.6293 0.0191  0.1219 -0.0294 57  TYR A CD1 
370 C  CD2 . TYR A 59  ? 0.5834 0.5761 0.6185 0.0153  0.1089 -0.0345 57  TYR A CD2 
371 C  CE1 . TYR A 59  ? 0.5742 0.5296 0.6550 0.0105  0.1311 -0.0446 57  TYR A CE1 
372 C  CE2 . TYR A 59  ? 0.5691 0.5831 0.6225 0.0076  0.1121 -0.0560 57  TYR A CE2 
373 C  CZ  . TYR A 59  ? 0.5779 0.5685 0.6597 0.0025  0.1245 -0.0639 57  TYR A CZ  
374 O  OH  . TYR A 59  ? 0.5897 0.6005 0.7082 -0.0078 0.1336 -0.0918 57  TYR A OH  
375 N  N   . THR A 60  ? 0.6047 0.5735 0.6370 0.0349  0.1069 0.0090  58  THR A N   
376 C  CA  . THR A 60  ? 0.6097 0.5987 0.6388 0.0401  0.1075 0.0221  58  THR A CA  
377 C  C   . THR A 60  ? 0.6311 0.6059 0.6677 0.0413  0.1053 0.0237  58  THR A C   
378 O  O   . THR A 60  ? 0.6357 0.6225 0.6663 0.0421  0.1018 0.0264  58  THR A O   
379 C  CB  . THR A 60  ? 0.6207 0.6221 0.6597 0.0513  0.1202 0.0456  58  THR A CB  
380 O  OG1 . THR A 60  ? 0.6272 0.6381 0.6620 0.0523  0.1241 0.0452  58  THR A OG1 
381 C  CG2 . THR A 60  ? 0.6018 0.6423 0.6319 0.0638  0.1226 0.0646  58  THR A CG2 
382 N  N   . TYR A 61  ? 0.6353 0.5920 0.6878 0.0421  0.1072 0.0171  59  TYR A N   
383 C  CA  . TYR A 61  ? 0.6437 0.5968 0.7071 0.0451  0.1054 0.0129  59  TYR A CA  
384 C  C   . TYR A 61  ? 0.6512 0.6059 0.6970 0.0467  0.0975 0.0079  59  TYR A C   
385 O  O   . TYR A 61  ? 0.6843 0.6413 0.7272 0.0486  0.0956 0.0131  59  TYR A O   
386 C  CB  . TYR A 61  ? 0.6591 0.6101 0.7520 0.0465  0.1096 -0.0051 59  TYR A CB  
387 C  CG  . TYR A 61  ? 0.6857 0.6431 0.8015 0.0498  0.1104 -0.0160 59  TYR A CG  
388 C  CD1 . TYR A 61  ? 0.7018 0.6520 0.8444 0.0496  0.1227 -0.0031 59  TYR A CD1 
389 C  CD2 . TYR A 61  ? 0.6947 0.6731 0.8075 0.0568  0.1010 -0.0378 59  TYR A CD2 
390 C  CE1 . TYR A 61  ? 0.7186 0.6746 0.8890 0.0512  0.1253 -0.0171 59  TYR A CE1 
391 C  CE2 . TYR A 61  ? 0.7097 0.7043 0.8451 0.0609  0.1009 -0.0537 59  TYR A CE2 
392 C  CZ  . TYR A 61  ? 0.7105 0.6899 0.8765 0.0555  0.1128 -0.0459 59  TYR A CZ  
393 O  OH  . TYR A 61  ? 0.7373 0.7325 0.9321 0.0580  0.1144 -0.0653 59  TYR A OH  
394 N  N   . PHE A 62  ? 0.6286 0.5824 0.6675 0.0485  0.0969 0.0014  60  PHE A N   
395 C  CA  . PHE A 62  ? 0.6135 0.5671 0.6459 0.0537  0.0997 0.0057  60  PHE A CA  
396 C  C   . PHE A 62  ? 0.6069 0.5584 0.6414 0.0452  0.1023 0.0093  60  PHE A C   
397 O  O   . PHE A 62  ? 0.5980 0.5490 0.6364 0.0491  0.1051 0.0146  60  PHE A O   
398 C  CB  . PHE A 62  ? 0.6084 0.5597 0.6408 0.0560  0.1050 0.0036  60  PHE A CB  
399 C  CG  . PHE A 62  ? 0.6042 0.5502 0.6449 0.0618  0.1185 0.0135  60  PHE A CG  
400 C  CD1 . PHE A 62  ? 0.6145 0.5725 0.6549 0.0833  0.1260 0.0280  60  PHE A CD1 
401 C  CD2 . PHE A 62  ? 0.6225 0.5580 0.6798 0.0488  0.1281 0.0073  60  PHE A CD2 
402 C  CE1 . PHE A 62  ? 0.6304 0.5807 0.6908 0.0934  0.1487 0.0462  60  PHE A CE1 
403 C  CE2 . PHE A 62  ? 0.6153 0.5412 0.7009 0.0531  0.1496 0.0145  60  PHE A CE2 
404 C  CZ  . PHE A 62  ? 0.6284 0.5569 0.7175 0.0762  0.1628 0.0388  60  PHE A CZ  
405 N  N   . THR A 63  ? 0.5974 0.5567 0.6322 0.0355  0.1016 0.0032  61  THR A N   
406 C  CA  . THR A 63  ? 0.5996 0.5766 0.6413 0.0287  0.1021 -0.0043 61  THR A CA  
407 C  C   . THR A 63  ? 0.6180 0.6026 0.6554 0.0327  0.0973 0.0049  61  THR A C   
408 O  O   . THR A 63  ? 0.6380 0.6281 0.6865 0.0300  0.0997 -0.0006 61  THR A O   
409 C  CB  . THR A 63  ? 0.5884 0.5940 0.6266 0.0242  0.0996 -0.0147 61  THR A CB  
410 O  OG1 . THR A 63  ? 0.6111 0.6085 0.6605 0.0180  0.1059 -0.0281 61  THR A OG1 
411 C  CG2 . THR A 63  ? 0.5787 0.6262 0.6251 0.0209  0.0972 -0.0308 61  THR A CG2 
412 N  N   . MSE A 64  ? 0.6212 0.6051 0.6513 0.0388  0.0943 0.0182  62  MSE A N   
413 C  CA  . MSE A 64  ? 0.6209 0.6105 0.6520 0.0437  0.0930 0.0294  62  MSE A CA  
414 C  C   . MSE A 64  ? 0.6176 0.5912 0.6521 0.0457  0.0923 0.0279  62  MSE A C   
415 O  O   . MSE A 64  ? 0.6084 0.5883 0.6447 0.0455  0.0913 0.0301  62  MSE A O   
416 C  CB  . MSE A 64  ? 0.6278 0.6139 0.6683 0.0503  0.0989 0.0439  62  MSE A CB  
417 C  CG  . MSE A 64  ? 0.6432 0.6364 0.6919 0.0569  0.1026 0.0594  62  MSE A CG  
418 SE SE  . MSE A 64  ? 0.7265 0.7037 0.8180 0.0648  0.1233 0.0759  62  MSE A SE  
419 C  CE  . MSE A 64  ? 0.6132 0.5704 0.7212 0.0570  0.1161 0.0397  62  MSE A CE  
420 N  N   . LEU A 65  ? 0.6182 0.5800 0.6535 0.0506  0.0931 0.0243  63  LEU A N   
421 C  CA  . LEU A 65  ? 0.6249 0.5865 0.6602 0.0605  0.0941 0.0261  63  LEU A CA  
422 C  C   . LEU A 65  ? 0.6524 0.6097 0.6931 0.0595  0.1021 0.0314  63  LEU A C   
423 O  O   . LEU A 65  ? 0.6598 0.6179 0.7037 0.0637  0.1040 0.0378  63  LEU A O   
424 C  CB  . LEU A 65  ? 0.6208 0.5908 0.6540 0.0717  0.0944 0.0200  63  LEU A CB  
425 C  CG  . LEU A 65  ? 0.6109 0.5928 0.6557 0.0731  0.0895 0.0033  63  LEU A CG  
426 C  CD1 . LEU A 65  ? 0.5971 0.6026 0.6397 0.0863  0.0884 -0.0084 63  LEU A CD1 
427 C  CD2 . LEU A 65  ? 0.5926 0.5855 0.6502 0.0767  0.0875 -0.0036 63  LEU A CD2 
428 N  N   . LYS A 66  ? 0.6659 0.6186 0.7167 0.0531  0.1100 0.0262  64  LYS A N   
429 C  CA  . LYS A 66  ? 0.6800 0.6276 0.7579 0.0493  0.1253 0.0242  64  LYS A CA  
430 C  C   . LYS A 66  ? 0.6901 0.6516 0.7773 0.0384  0.1206 0.0125  64  LYS A C   
431 O  O   . LYS A 66  ? 0.7131 0.6718 0.8247 0.0381  0.1316 0.0122  64  LYS A O   
432 C  CB  . LYS A 66  ? 0.6845 0.6280 0.7845 0.0414  0.1371 0.0123  64  LYS A CB  
433 C  CG  . LYS A 66  ? 0.7031 0.6339 0.8072 0.0572  0.1520 0.0302  64  LYS A CG  
434 C  CD  . LYS A 66  ? 0.7293 0.6571 0.8409 0.0491  0.1555 0.0184  64  LYS A CD  
435 C  CE  . LYS A 66  ? 0.7470 0.6703 0.9101 0.0343  0.1762 -0.0017 64  LYS A CE  
436 N  NZ  . LYS A 66  ? 0.7737 0.7095 0.9310 0.0202  0.1661 -0.0257 64  LYS A NZ  
437 N  N   . SER A 67  ? 0.6904 0.6724 0.7610 0.0330  0.1066 0.0053  65  SER A N   
438 C  CA  . SER A 67  ? 0.6948 0.7084 0.7722 0.0276  0.1015 -0.0068 65  SER A CA  
439 C  C   . SER A 67  ? 0.7004 0.7094 0.7709 0.0339  0.0979 0.0080  65  SER A C   
440 O  O   . SER A 67  ? 0.7086 0.7331 0.7967 0.0301  0.1000 -0.0020 65  SER A O   
441 C  CB  . SER A 67  ? 0.6834 0.7318 0.7428 0.0292  0.0918 -0.0092 65  SER A CB  
442 O  OG  . SER A 67  ? 0.7250 0.8208 0.7866 0.0310  0.0863 -0.0186 65  SER A OG  
443 N  N   . ILE A 68  ? 0.6970 0.6883 0.7495 0.0428  0.0939 0.0267  66  ILE A N   
444 C  CA  . ILE A 68  ? 0.6946 0.6802 0.7444 0.0489  0.0920 0.0381  66  ILE A CA  
445 C  C   . ILE A 68  ? 0.7217 0.6932 0.7839 0.0530  0.1016 0.0405  66  ILE A C   
446 O  O   . ILE A 68  ? 0.7295 0.7032 0.8003 0.0535  0.1037 0.0431  66  ILE A O   
447 C  CB  . ILE A 68  ? 0.6808 0.6574 0.7236 0.0560  0.0891 0.0463  66  ILE A CB  
448 C  CG1 . ILE A 68  ? 0.6571 0.6457 0.7005 0.0559  0.0892 0.0538  66  ILE A CG1 
449 C  CG2 . ILE A 68  ? 0.6734 0.6462 0.7191 0.0630  0.0887 0.0510  66  ILE A CG2 
450 C  CD1 . ILE A 68  ? 0.6428 0.6197 0.7010 0.0600  0.0944 0.0569  66  ILE A CD1 
451 N  N   . CYS A 69  ? 0.7452 0.7050 0.8114 0.0590  0.1108 0.0436  67  CYS A N   
452 C  CA  . CYS A 69  ? 0.7633 0.7140 0.8469 0.0702  0.1284 0.0562  67  CYS A CA  
453 C  C   . CYS A 69  ? 0.7808 0.7280 0.9038 0.0591  0.1435 0.0467  67  CYS A C   
454 O  O   . CYS A 69  ? 0.7876 0.7283 0.9297 0.0668  0.1576 0.0587  67  CYS A O   
455 C  CB  . CYS A 69  ? 0.7681 0.7151 0.8535 0.0835  0.1407 0.0668  67  CYS A CB  
456 S  SG  . CYS A 69  ? 0.7892 0.7344 0.8967 0.1099  0.1701 0.0979  67  CYS A SG  
457 N  N   . VAL A 70  ? 0.7983 0.7565 0.9398 0.0421  0.1422 0.0212  68  VAL A N   
458 C  CA  . VAL A 70  ? 0.8146 0.7835 1.0073 0.0287  0.1565 -0.0034 68  VAL A CA  
459 C  C   . VAL A 70  ? 0.8335 0.8193 1.0210 0.0272  0.1459 -0.0062 68  VAL A C   
460 O  O   . VAL A 70  ? 0.8420 0.8274 1.0730 0.0227  0.1619 -0.0161 68  VAL A O   
461 C  CB  . VAL A 70  ? 0.8049 0.8031 1.0197 0.0119  0.1538 -0.0418 68  VAL A CB  
462 C  CG1 . VAL A 70  ? 0.7908 0.8242 1.0589 -0.0027 0.1609 -0.0827 68  VAL A CG1 
463 C  CG2 . VAL A 70  ? 0.7922 0.7677 1.0328 0.0113  0.1736 -0.0417 68  VAL A CG2 
464 N  N   . GLU A 71  ? 0.8483 0.8474 0.9897 0.0318  0.1229 0.0038  69  GLU A N   
465 C  CA  . GLU A 71  ? 0.8642 0.8802 0.9991 0.0330  0.1140 0.0060  69  GLU A CA  
466 C  C   . GLU A 71  ? 0.8591 0.8473 0.9886 0.0445  0.1201 0.0309  69  GLU A C   
467 O  O   . GLU A 71  ? 0.8683 0.8607 1.0147 0.0435  0.1242 0.0294  69  GLU A O   
468 C  CB  . GLU A 71  ? 0.8809 0.9255 0.9819 0.0368  0.0953 0.0112  69  GLU A CB  
469 C  CG  . GLU A 71  ? 0.9584 1.0599 1.0713 0.0309  0.0898 -0.0175 69  GLU A CG  
470 C  CD  . GLU A 71  ? 0.9957 1.1352 1.0765 0.0425  0.0781 -0.0038 69  GLU A CD  
471 O  OE1 . GLU A 71  ? 1.0256 1.1360 1.0842 0.0505  0.0781 0.0249  69  GLU A OE1 
472 O  OE2 . GLU A 71  ? 1.0188 1.2261 1.1034 0.0461  0.0720 -0.0233 69  GLU A OE2 
473 N  N   . VAL A 72  ? 0.8430 0.8117 0.9509 0.0569  0.1210 0.0503  70  VAL A N   
474 C  CA  . VAL A 72  ? 0.8263 0.7847 0.9284 0.0734  0.1277 0.0709  70  VAL A CA  
475 C  C   . VAL A 72  ? 0.8571 0.8036 0.9986 0.0787  0.1545 0.0797  70  VAL A C   
476 O  O   . VAL A 72  ? 0.8780 0.8223 1.0257 0.0886  0.1626 0.0939  70  VAL A O   
477 C  CB  . VAL A 72  ? 0.8170 0.7777 0.8939 0.0888  0.1236 0.0806  70  VAL A CB  
478 C  CG1 . VAL A 72  ? 0.8053 0.7753 0.8777 0.1131  0.1334 0.1001  70  VAL A CG1 
479 C  CG2 . VAL A 72  ? 0.7808 0.7496 0.8372 0.0835  0.1046 0.0706  70  VAL A CG2 
480 N  N   . ASP A 73  ? 0.8863 0.8243 1.0619 0.0727  0.1727 0.0720  71  ASP A N   
481 C  CA  . ASP A 73  ? 0.9179 0.8393 1.1504 0.0796  0.2097 0.0839  71  ASP A CA  
482 C  C   . ASP A 73  ? 0.9366 0.8602 1.2236 0.0614  0.2212 0.0586  71  ASP A C   
483 O  O   . ASP A 73  ? 0.9535 0.8611 1.2958 0.0683  0.2555 0.0712  71  ASP A O   
484 C  CB  . ASP A 73  ? 0.9180 0.8277 1.1819 0.0802  0.2319 0.0842  71  ASP A CB  
485 C  CG  . ASP A 73  ? 0.9298 0.8420 1.1554 0.1078  0.2333 0.1179  71  ASP A CG  
486 O  OD1 . ASP A 73  ? 0.9202 0.8473 1.1085 0.1302  0.2251 0.1410  71  ASP A OD1 
487 O  OD2 . ASP A 73  ? 0.9506 0.8578 1.1855 0.1082  0.2421 0.1173  71  ASP A OD2 
488 N  N   . HIS A 74  ? 0.9433 0.8939 1.2204 0.0413  0.1960 0.0234  72  HIS A N   
489 C  CA  . HIS A 74  ? 0.9686 0.9409 1.2953 0.0250  0.2013 -0.0106 72  HIS A CA  
490 C  C   . HIS A 74  ? 0.9710 0.9505 1.2693 0.0308  0.1862 0.0022  72  HIS A C   
491 O  O   . HIS A 74  ? 0.9567 0.9668 1.2794 0.0190  0.1807 -0.0268 72  HIS A O   
492 C  CB  . HIS A 74  ? 0.9716 0.9909 1.3069 0.0062  0.1839 -0.0587 72  HIS A CB  
493 C  CG  . HIS A 74  ? 1.0011 1.0203 1.3990 -0.0061 0.2077 -0.0891 72  HIS A CG  
494 N  ND1 . HIS A 74  ? 1.0080 1.0073 1.3864 -0.0016 0.2100 -0.0748 72  HIS A ND1 
495 C  CD2 . HIS A 74  ? 1.0136 1.0518 1.5030 -0.0236 0.2330 -0.1371 72  HIS A CD2 
496 C  CE1 . HIS A 74  ? 1.0194 1.0219 1.4712 -0.0151 0.2359 -0.1088 72  HIS A CE1 
497 N  NE2 . HIS A 74  ? 1.0267 1.0532 1.5514 -0.0295 0.2515 -0.1497 72  HIS A NE2 
498 N  N   . GLY A 75  ? 0.9892 0.9480 1.2399 0.0499  0.1803 0.0416  73  GLY A N   
499 C  CA  . GLY A 75  ? 1.0214 0.9850 1.2415 0.0570  0.1657 0.0556  73  GLY A CA  
500 C  C   . GLY A 75  ? 1.0361 1.0285 1.2197 0.0495  0.1357 0.0429  73  GLY A C   
501 O  O   . GLY A 75  ? 1.0372 1.0365 1.2060 0.0531  0.1262 0.0509  73  GLY A O   
502 N  N   . LEU A 76  ? 1.0563 1.0677 1.2286 0.0422  0.1246 0.0271  74  LEU A N   
503 C  CA  . LEU A 76  ? 1.0743 1.1222 1.2182 0.0414  0.1034 0.0220  74  LEU A CA  
504 C  C   . LEU A 76  ? 1.1002 1.2000 1.2672 0.0352  0.0986 -0.0047 74  LEU A C   
505 O  O   . LEU A 76  ? 1.1069 1.2180 1.2683 0.0402  0.0934 0.0043  74  LEU A O   
506 C  CB  . LEU A 76  ? 1.0645 1.0977 1.1709 0.0533  0.0935 0.0512  74  LEU A CB  
507 C  CG  . LEU A 76  ? 1.0487 1.0494 1.1366 0.0617  0.0952 0.0677  74  LEU A CG  
508 C  CD1 . LEU A 76  ? 1.0330 1.0309 1.1068 0.0691  0.0890 0.0814  74  LEU A CD1 
509 C  CD2 . LEU A 76  ? 1.0515 1.0502 1.1320 0.0592  0.0942 0.0621  74  LEU A CD2 
510 N  N   . LEU A 77  ? 1.1305 1.2704 1.3269 0.0252  0.1002 -0.0420 75  LEU A N   
511 C  CA  . LEU A 77  ? 1.1512 1.3656 1.3729 0.0217  0.0930 -0.0797 75  LEU A CA  
512 C  C   . LEU A 77  ? 1.1613 1.4459 1.3476 0.0338  0.0748 -0.0826 75  LEU A C   
513 O  O   . LEU A 77  ? 1.1626 1.4576 1.3446 0.0319  0.0739 -0.0934 75  LEU A O   
514 C  CB  . LEU A 77  ? 1.1601 1.3902 1.4581 0.0032  0.1115 -0.1325 75  LEU A CB  
515 C  CG  . LEU A 77  ? 1.1688 1.4754 1.5140 -0.0031 0.1088 -0.1826 75  LEU A CG  
516 C  CD1 . LEU A 77  ? 1.1725 1.4431 1.5977 -0.0185 0.1381 -0.2042 75  LEU A CD1 
517 C  CD2 . LEU A 77  ? 1.1685 1.5738 1.5351 -0.0064 0.0983 -0.2406 75  LEU A CD2 
518 N  N   . PRO A 78  ? 1.1709 1.5064 1.3327 0.0503  0.0629 -0.0677 76  PRO A N   
519 C  CA  . PRO A 78  ? 1.1820 1.5982 1.3118 0.0719  0.0512 -0.0592 76  PRO A CA  
520 C  C   . PRO A 78  ? 1.1891 1.6992 1.3432 0.0698  0.0451 -0.1156 76  PRO A C   
521 O  O   . PRO A 78  ? 1.1915 1.7451 1.3959 0.0560  0.0461 -0.1713 76  PRO A O   
522 C  CB  . PRO A 78  ? 1.1843 1.6436 1.3014 0.0903  0.0460 -0.0382 76  PRO A CB  
523 C  CG  . PRO A 78  ? 1.1758 1.5439 1.2973 0.0795  0.0540 -0.0143 76  PRO A CG  
524 C  CD  . PRO A 78  ? 1.1662 1.4795 1.3251 0.0545  0.0638 -0.0455 76  PRO A CD  
525 N  N   . ASP A 107 ? 1.3357 1.2703 1.7576 0.1012  0.2092 0.1226  105 ASP A N   
526 C  CA  . ASP A 107 ? 1.3392 1.2679 1.8447 0.0982  0.2231 0.1267  105 ASP A CA  
527 C  C   . ASP A 107 ? 1.3357 1.2591 1.7741 0.0997  0.2095 0.1350  105 ASP A C   
528 O  O   . ASP A 107 ? 1.3396 1.2650 1.6959 0.1069  0.2022 0.1684  105 ASP A O   
529 C  CB  . ASP A 107 ? 1.3334 1.2768 1.9464 0.0855  0.2305 0.0614  105 ASP A CB  
530 C  CG  . ASP A 107 ? 1.3441 1.2784 2.1148 0.0831  0.2676 0.0752  105 ASP A CG  
531 O  OD1 . ASP A 107 ? 1.3414 1.2753 2.1436 0.0864  0.2807 0.0944  105 ASP A OD1 
532 O  OD2 . ASP A 107 ? 1.3384 1.2655 2.2119 0.0787  0.2876 0.0690  105 ASP A OD2 
534 C  CA  . ARG A 108 ? 1.3088 1.2280 1.7442 0.0927  0.1974 0.1040  106 ARG A CA  
535 C  C   . ARG A 108 ? 1.2937 1.2212 1.6302 0.0919  0.1728 0.0722  106 ARG A C   
536 O  O   . ARG A 108 ? 1.2944 1.2321 1.6301 0.0888  0.1644 0.0429  106 ARG A O   
537 C  CB  . ARG A 108 ? 1.3093 1.2260 1.8529 0.0870  0.2131 0.0889  106 ARG A CB  
538 C  CG  . ARG A 108 ? 1.3236 1.2315 1.9841 0.0938  0.2482 0.1410  106 ARG A CG  
539 C  CD  . ARG A 108 ? 1.3268 1.2282 2.1228 0.0869  0.2717 0.1195  106 ARG A CD  
540 N  NE  . ARG A 108 ? 1.3433 1.2370 2.2978 0.0924  0.3162 0.1571  106 ARG A NE  
541 C  CZ  . ARG A 108 ? 1.3496 1.2338 2.4695 0.0864  0.3511 0.1408  106 ARG A CZ  
542 N  NH1 . ARG A 108 ? 1.3386 1.2249 2.4785 0.0734  0.3423 0.0808  106 ARG A NH1 
543 N  NH2 . ARG A 108 ? 1.3593 1.2345 2.6379 0.0945  0.3996 0.1856  106 ARG A NH2 
544 N  N   . ILE A 109 ? 1.2727 1.2002 1.5374 0.0969  0.1659 0.0822  107 ILE A N   
545 C  CA  . ILE A 109 ? 1.2502 1.1773 1.4304 0.1010  0.1542 0.0786  107 ILE A CA  
546 C  C   . ILE A 109 ? 1.2402 1.1511 1.3800 0.1007  0.1557 0.1080  107 ILE A C   
547 O  O   . ILE A 109 ? 1.2431 1.1482 1.3319 0.1015  0.1523 0.1047  107 ILE A O   
548 C  CB  . ILE A 109 ? 1.2557 1.1902 1.3968 0.1075  0.1541 0.0790  107 ILE A CB  
549 C  CG1 . ILE A 109 ? 1.2577 1.1782 1.3918 0.1073  0.1625 0.1075  107 ILE A CG1 
550 C  CG2 . ILE A 109 ? 1.2469 1.2245 1.4213 0.1110  0.1504 0.0448  107 ILE A CG2 
551 C  CD1 . ILE A 109 ? 1.2639 1.1902 1.3801 0.1125  0.1653 0.1067  107 ILE A CD1 
552 N  N   . SER A 110 ? 1.2221 1.1381 1.3960 0.1019  0.1647 0.1376  108 SER A N   
553 C  CA  . SER A 110 ? 1.2025 1.1348 1.3488 0.1048  0.1661 0.1632  108 SER A CA  
554 C  C   . SER A 110 ? 1.1693 1.0939 1.3174 0.1011  0.1600 0.1523  108 SER A C   
555 O  O   . SER A 110 ? 1.1674 1.1067 1.2776 0.1010  0.1567 0.1569  108 SER A O   
556 C  CB  . SER A 110 ? 1.2171 1.1803 1.4120 0.1151  0.1814 0.2106  108 SER A CB  
557 O  OG  . SER A 110 ? 1.2402 1.2541 1.3948 0.1229  0.1818 0.2347  108 SER A OG  
558 N  N   . GLU A 111 ? 1.1219 1.0331 1.3201 0.0973  0.1594 0.1308  109 GLU A N   
559 C  CA  . GLU A 111 ? 1.0896 0.9957 1.2882 0.0935  0.1524 0.1124  109 GLU A CA  
560 C  C   . GLU A 111 ? 1.0466 0.9494 1.1801 0.0933  0.1407 0.0885  109 GLU A C   
561 O  O   . GLU A 111 ? 1.0454 0.9442 1.1522 0.0921  0.1363 0.0865  109 GLU A O   
562 C  CB  . GLU A 111 ? 1.1005 1.0086 1.3880 0.0891  0.1587 0.0873  109 GLU A CB  
563 C  CG  . GLU A 111 ? 1.1386 1.0434 1.5012 0.0912  0.1759 0.1191  109 GLU A CG  
564 C  CD  . GLU A 111 ? 1.1586 1.0620 1.6467 0.0904  0.2009 0.1216  109 GLU A CD  
565 O  OE1 . GLU A 111 ? 1.1718 1.0797 1.6834 0.0857  0.2014 0.0907  109 GLU A OE1 
566 O  OE2 . GLU A 111 ? 1.1682 1.0694 1.7429 0.0956  0.2242 0.1566  109 GLU A OE2 
568 C  CA  . GLU A 112 ? 0.9495 0.8620 1.0194 0.1035  0.1383 0.0711  110 GLU A CA  
569 C  C   . GLU A 112 ? 0.9217 0.8135 0.9541 0.1010  0.1451 0.0842  110 GLU A C   
570 O  O   . GLU A 112 ? 0.9320 0.8193 0.9493 0.1041  0.1489 0.0822  110 GLU A O   
571 C  CB  . GLU A 112 ? 0.9515 0.8836 1.0195 0.1120  0.1410 0.0674  110 GLU A CB  
572 C  CG  . GLU A 112 ? 0.9696 0.9314 1.0144 0.1277  0.1443 0.0699  110 GLU A CG  
573 C  CD  . GLU A 112 ? 0.9549 0.9741 1.0154 0.1359  0.1348 0.0467  110 GLU A CD  
574 O  OE1 . GLU A 112 ? 0.9390 0.9811 1.0421 0.1275  0.1264 0.0137  110 GLU A OE1 
575 O  OE2 . GLU A 112 ? 0.9460 0.9957 0.9867 0.1520  0.1396 0.0606  110 GLU A OE2 
577 C  CA  . LEU A 113 ? 0.8507 0.7438 0.8565 0.0909  0.1568 0.0879  111 LEU A CA  
578 C  C   . LEU A 113 ? 0.8324 0.7425 0.8354 0.0857  0.1519 0.0866  111 LEU A C   
579 O  O   . LEU A 113 ? 0.8363 0.7569 0.8300 0.0796  0.1578 0.0683  111 LEU A O   
580 C  CB  . LEU A 113 ? 0.8547 0.7658 0.8552 0.0896  0.1639 0.0883  111 LEU A CB  
581 C  CG  . LEU A 113 ? 0.8683 0.7628 0.8710 0.0947  0.1714 0.0898  111 LEU A CG  
582 C  CD1 . LEU A 113 ? 0.8774 0.7957 0.8781 0.0943  0.1746 0.0945  111 LEU A CD1 
583 C  CD2 . LEU A 113 ? 0.8621 0.7358 0.8699 0.0970  0.1885 0.0798  111 LEU A CD2 
584 N  N   . ASP A 114 ? 0.8000 0.7176 0.8231 0.0883  0.1446 0.1033  112 ASP A N   
585 C  CA  . ASP A 114 ? 0.7854 0.7209 0.8089 0.0866  0.1411 0.1079  112 ASP A CA  
586 C  C   . ASP A 114 ? 0.7627 0.6714 0.7787 0.0830  0.1372 0.0895  112 ASP A C   
587 O  O   . ASP A 114 ? 0.7460 0.6654 0.7574 0.0800  0.1345 0.0873  112 ASP A O   
588 C  CB  . ASP A 114 ? 0.7894 0.7399 0.8557 0.0932  0.1424 0.1392  112 ASP A CB  
589 C  CG  . ASP A 114 ? 0.8179 0.8168 0.8949 0.1027  0.1510 0.1728  112 ASP A CG  
590 O  OD1 . ASP A 114 ? 0.8310 0.8428 0.9629 0.1125  0.1611 0.2110  112 ASP A OD1 
591 O  OD2 . ASP A 114 ? 0.8197 0.8506 0.8610 0.1021  0.1516 0.1621  112 ASP A OD2 
593 C  CA  . LEU A 115 ? 0.7473 0.6253 0.7592 0.0895  0.1369 0.0716  113 LEU A CA  
594 C  C   . LEU A 115 ? 0.7523 0.6220 0.7532 0.0850  0.1460 0.0644  113 LEU A C   
595 O  O   . LEU A 115 ? 0.7613 0.6288 0.7625 0.0848  0.1429 0.0618  113 LEU A O   
596 C  CB  . LEU A 115 ? 0.7446 0.6317 0.7588 0.1016  0.1393 0.0713  113 LEU A CB  
597 C  CG  . LEU A 115 ? 0.7349 0.6485 0.7752 0.1048  0.1286 0.0585  113 LEU A CG  
598 C  CD1 . LEU A 115 ? 0.7308 0.6889 0.7679 0.1211  0.1289 0.0529  113 LEU A CD1 
599 C  CD2 . LEU A 115 ? 0.7196 0.6356 0.7876 0.0980  0.1206 0.0466  113 LEU A CD2 
600 N  N   . GLU A 116 ? 0.7501 0.6186 0.7520 0.0800  0.1597 0.0551  114 GLU A N   
601 C  CA  . GLU A 116 ? 0.7501 0.6160 0.7658 0.0718  0.1744 0.0347  114 GLU A CA  
602 C  C   . GLU A 116 ? 0.7333 0.6290 0.7393 0.0627  0.1627 0.0222  114 GLU A C   
603 O  O   . GLU A 116 ? 0.7431 0.6337 0.7579 0.0587  0.1664 0.0113  114 GLU A O   
604 C  CB  . GLU A 116 ? 0.7650 0.6329 0.8057 0.0654  0.1962 0.0127  114 GLU A CB  
605 C  CG  . GLU A 116 ? 0.7882 0.6601 0.8706 0.0527  0.2179 -0.0243 114 GLU A CG  
606 C  CD  . GLU A 116 ? 0.8242 0.6970 0.9596 0.0447  0.2480 -0.0571 114 GLU A CD  
607 O  OE1 . GLU A 116 ? 0.8308 0.7116 0.9559 0.0471  0.2468 -0.0541 114 GLU A OE1 
608 O  OE2 . GLU A 116 ? 0.8357 0.7016 1.0352 0.0348  0.2765 -0.0898 114 GLU A OE2 
610 C  CA  . ALA A 117 ? 0.6929 0.6771 0.6788 0.0616  0.1425 0.0319  115 ALA A CA  
611 C  C   . ALA A 117 ? 0.6934 0.6544 0.6822 0.0658  0.1325 0.0522  115 ALA A C   
612 O  O   . ALA A 117 ? 0.6833 0.6624 0.6700 0.0623  0.1299 0.0442  115 ALA A O   
613 C  CB  . ALA A 117 ? 0.6725 0.7148 0.6537 0.0696  0.1389 0.0542  115 ALA A CB  
614 N  N   . GLN A 118 ? 0.7022 0.6306 0.7026 0.0724  0.1281 0.0713  116 GLN A N   
615 C  CA  . GLN A 118 ? 0.7247 0.6359 0.7418 0.0749  0.1212 0.0782  116 GLN A CA  
616 C  C   . GLN A 118 ? 0.7295 0.6202 0.7349 0.0727  0.1215 0.0608  116 GLN A C   
617 O  O   . GLN A 118 ? 0.7370 0.6311 0.7439 0.0707  0.1171 0.0597  116 GLN A O   
618 C  CB  . GLN A 118 ? 0.7225 0.6194 0.7697 0.0798  0.1197 0.0829  116 GLN A CB  
619 C  CG  . GLN A 118 ? 0.7462 0.6606 0.8279 0.0838  0.1255 0.1093  116 GLN A CG  
620 C  CD  . GLN A 118 ? 0.7663 0.6681 0.8959 0.0854  0.1290 0.1035  116 GLN A CD  
621 O  OE1 . GLN A 118 ? 0.7648 0.6604 0.9098 0.0837  0.1242 0.0746  116 GLN A OE1 
622 N  NE2 . GLN A 118 ? 0.7819 0.6945 0.9415 0.0897  0.1388 0.1284  116 GLN A NE2 
623 N  N   . PHE A 119 ? 0.7267 0.6010 0.7266 0.0756  0.1306 0.0538  117 PHE A N   
624 C  CA  . PHE A 119 ? 0.7284 0.5905 0.7305 0.0794  0.1395 0.0507  117 PHE A CA  
625 C  C   . PHE A 119 ? 0.7457 0.6106 0.7510 0.0684  0.1444 0.0356  117 PHE A C   
626 O  O   . PHE A 119 ? 0.7594 0.6213 0.7657 0.0687  0.1416 0.0354  117 PHE A O   
627 C  CB  . PHE A 119 ? 0.7316 0.5838 0.7446 0.0878  0.1590 0.0579  117 PHE A CB  
628 C  CG  . PHE A 119 ? 0.7408 0.5842 0.7766 0.0959  0.1798 0.0675  117 PHE A CG  
629 C  CD1 . PHE A 119 ? 0.7465 0.6113 0.7800 0.1146  0.1784 0.0890  117 PHE A CD1 
630 C  CD2 . PHE A 119 ? 0.7596 0.5849 0.8320 0.0866  0.2053 0.0536  117 PHE A CD2 
631 C  CE1 . PHE A 119 ? 0.7522 0.6182 0.8156 0.1283  0.2033 0.1119  117 PHE A CE1 
632 C  CE2 . PHE A 119 ? 0.7739 0.5872 0.8914 0.0959  0.2338 0.0690  117 PHE A CE2 
633 C  CZ  . PHE A 119 ? 0.7598 0.5920 0.8702 0.1189  0.2333 0.1060  117 PHE A CZ  
634 N  N   . HIS A 120 ? 0.7631 0.6455 0.7724 0.0584  0.1517 0.0171  118 HIS A N   
635 C  CA  . HIS A 120 ? 0.7646 0.6728 0.7852 0.0464  0.1575 -0.0119 118 HIS A CA  
636 C  C   . HIS A 120 ? 0.7329 0.6695 0.7352 0.0467  0.1393 -0.0025 118 HIS A C   
637 O  O   . HIS A 120 ? 0.7244 0.6638 0.7338 0.0416  0.1409 -0.0155 118 HIS A O   
638 C  CB  . HIS A 120 ? 0.8042 0.7562 0.8355 0.0366  0.1663 -0.0442 118 HIS A CB  
639 C  CG  . HIS A 120 ? 0.8699 0.8640 0.9307 0.0218  0.1779 -0.0938 118 HIS A CG  
640 N  ND1 . HIS A 120 ? 0.8828 0.9651 0.9284 0.0179  0.1658 -0.1149 118 HIS A ND1 
641 C  CD2 . HIS A 120 ? 0.9034 0.8747 1.0201 0.0112  0.2038 -0.1280 118 HIS A CD2 
642 C  CE1 . HIS A 120 ? 0.9178 1.0355 1.0035 0.0026  0.1801 -0.1713 118 HIS A CE1 
643 N  NE2 . HIS A 120 ? 0.9161 0.9592 1.0522 -0.0034 0.2053 -0.1816 118 HIS A NE2 
644 N  N   . LEU A 121 ? 0.6983 0.6550 0.6883 0.0542  0.1263 0.0242  119 LEU A N   
645 C  CA  . LEU A 121 ? 0.6902 0.6733 0.6798 0.0584  0.1161 0.0434  119 LEU A CA  
646 C  C   . LEU A 121 ? 0.6889 0.6297 0.6839 0.0588  0.1119 0.0446  119 LEU A C   
647 O  O   . LEU A 121 ? 0.6761 0.6312 0.6695 0.0553  0.1097 0.0379  119 LEU A O   
648 C  CB  . LEU A 121 ? 0.6745 0.6752 0.6781 0.0697  0.1132 0.0817  119 LEU A CB  
649 C  CG  . LEU A 121 ? 0.6706 0.6816 0.6998 0.0775  0.1107 0.1115  119 LEU A CG  
650 C  CD1 . LEU A 121 ? 0.6665 0.7458 0.6836 0.0800  0.1094 0.1160  119 LEU A CD1 
651 C  CD2 . LEU A 121 ? 0.6660 0.6847 0.7388 0.0895  0.1188 0.1518  119 LEU A CD2 
652 N  N   . HIS A 122 ? 0.6851 0.5887 0.6872 0.0641  0.1109 0.0499  120 HIS A N   
653 C  CA  . HIS A 122 ? 0.6849 0.5695 0.6918 0.0677  0.1074 0.0464  120 HIS A CA  
654 C  C   . HIS A 122 ? 0.7214 0.5969 0.7223 0.0652  0.1160 0.0356  120 HIS A C   
655 O  O   . HIS A 122 ? 0.7342 0.6126 0.7356 0.0633  0.1114 0.0336  120 HIS A O   
656 C  CB  . HIS A 122 ? 0.6559 0.5352 0.6713 0.0765  0.1063 0.0457  120 HIS A CB  
657 C  CG  . HIS A 122 ? 0.6536 0.5396 0.6980 0.0768  0.1016 0.0487  120 HIS A CG  
658 N  ND1 . HIS A 122 ? 0.6399 0.5306 0.7187 0.0748  0.1000 0.0560  120 HIS A ND1 
659 C  CD2 . HIS A 122 ? 0.6486 0.5377 0.7076 0.0795  0.1033 0.0473  120 HIS A CD2 
660 C  CE1 . HIS A 122 ? 0.6409 0.5341 0.7654 0.0761  0.1047 0.0596  120 HIS A CE1 
661 N  NE2 . HIS A 122 ? 0.6608 0.5535 0.7703 0.0778  0.1048 0.0512  120 HIS A NE2 
662 N  N   . PHE A 123 ? 0.7479 0.6119 0.7553 0.0653  0.1327 0.0305  121 PHE A N   
663 C  CA  . PHE A 123 ? 0.7692 0.6208 0.7968 0.0651  0.1503 0.0257  121 PHE A CA  
664 C  C   . PHE A 123 ? 0.7767 0.6430 0.8118 0.0499  0.1507 0.0002  121 PHE A C   
665 O  O   . PHE A 123 ? 0.7820 0.6415 0.8299 0.0493  0.1562 -0.0020 121 PHE A O   
666 C  CB  . PHE A 123 ? 0.7941 0.6288 0.8542 0.0733  0.1788 0.0353  121 PHE A CB  
667 C  CG  . PHE A 123 ? 0.8135 0.6427 0.9132 0.0581  0.2017 0.0052  121 PHE A CG  
668 C  CD1 . PHE A 123 ? 0.8234 0.6553 0.9633 0.0439  0.2176 -0.0261 121 PHE A CD1 
669 C  CD2 . PHE A 123 ? 0.8487 0.6760 0.9566 0.0576  0.2105 0.0014  121 PHE A CD2 
670 C  CE1 . PHE A 123 ? 0.8597 0.7015 1.0561 0.0270  0.2426 -0.0722 121 PHE A CE1 
671 C  CE2 . PHE A 123 ? 0.8583 0.6901 1.0171 0.0421  0.2353 -0.0387 121 PHE A CE2 
672 C  CZ  . PHE A 123 ? 0.8688 0.7119 1.0768 0.0259  0.2521 -0.0803 121 PHE A CZ  
673 N  N   . CYS A 124 ? 0.7958 0.6968 0.8229 0.0400  0.1445 -0.0182 122 CYS A N   
674 C  CA  . CYS A 124 ? 0.8239 0.7709 0.8561 0.0284  0.1428 -0.0468 122 CYS A CA  
675 C  C   . CYS A 124 ? 0.8142 0.7730 0.8260 0.0333  0.1249 -0.0267 122 CYS A C   
676 O  O   . CYS A 124 ? 0.8130 0.7913 0.8332 0.0266  0.1262 -0.0447 122 CYS A O   
677 C  CB  . CYS A 124 ? 0.8327 0.8486 0.8581 0.0232  0.1395 -0.0672 122 CYS A CB  
678 S  SG  . CYS A 124 ? 0.9287 0.9635 1.0024 0.0074  0.1660 -0.1262 122 CYS A SG  
679 N  N   . SER A 125 ? 0.8056 0.7560 0.8025 0.0441  0.1113 0.0069  123 SER A N   
680 C  CA  . SER A 125 ? 0.8052 0.7666 0.8011 0.0485  0.1004 0.0247  123 SER A CA  
681 C  C   . SER A 125 ? 0.7959 0.7172 0.7961 0.0501  0.0997 0.0232  123 SER A C   
682 O  O   . SER A 125 ? 0.7957 0.7272 0.7970 0.0488  0.0951 0.0239  123 SER A O   
683 C  CB  . SER A 125 ? 0.8021 0.7820 0.8093 0.0590  0.0947 0.0595  123 SER A CB  
684 O  OG  . SER A 125 ? 0.7977 0.7610 0.8111 0.0626  0.0973 0.0676  123 SER A OG  
685 N  N   . LEU A 126 ? 0.7962 0.6855 0.7990 0.0555  0.1056 0.0238  124 LEU A N   
686 C  CA  . LEU A 126 ? 0.7984 0.6728 0.8059 0.0617  0.1098 0.0254  124 LEU A CA  
687 C  C   . LEU A 126 ? 0.8161 0.6891 0.8363 0.0529  0.1225 0.0114  124 LEU A C   
688 O  O   . LEU A 126 ? 0.8334 0.7077 0.8545 0.0530  0.1190 0.0116  124 LEU A O   
689 C  CB  . LEU A 126 ? 0.8004 0.6678 0.8127 0.0748  0.1207 0.0365  124 LEU A CB  
690 C  CG  . LEU A 126 ? 0.8027 0.6887 0.8106 0.0862  0.1089 0.0404  124 LEU A CG  
691 C  CD1 . LEU A 126 ? 0.8032 0.7113 0.8142 0.1059  0.1215 0.0568  124 LEU A CD1 
692 C  CD2 . LEU A 126 ? 0.8047 0.7055 0.8194 0.0859  0.0941 0.0305  124 LEU A CD2 
693 N  N   . HIS A 127 ? 0.8227 0.6962 0.8627 0.0441  0.1395 -0.0070 125 HIS A N   
694 C  CA  . HIS A 127 ? 0.8348 0.7118 0.9120 0.0322  0.1585 -0.0347 125 HIS A CA  
695 C  C   . HIS A 127 ? 0.8229 0.7391 0.8845 0.0229  0.1423 -0.0517 125 HIS A C   
696 O  O   . HIS A 127 ? 0.8366 0.7510 0.9172 0.0185  0.1487 -0.0622 125 HIS A O   
697 C  CB  . HIS A 127 ? 0.8516 0.7369 0.9686 0.0202  0.1806 -0.0680 125 HIS A CB  
698 C  CG  . HIS A 127 ? 0.8761 0.7653 1.0628 0.0053  0.2098 -0.1095 125 HIS A CG  
699 N  ND1 . HIS A 127 ? 0.8874 0.8310 1.0833 -0.0117 0.2042 -0.1571 125 HIS A ND1 
700 C  CD2 . HIS A 127 ? 0.8930 0.7458 1.1588 0.0057  0.2498 -0.1111 125 HIS A CD2 
701 C  CE1 . HIS A 127 ? 0.8896 0.8273 1.1698 -0.0251 0.2380 -0.1979 125 HIS A CE1 
702 N  NE2 . HIS A 127 ? 0.9025 0.7790 1.2329 -0.0147 0.2691 -0.1672 125 HIS A NE2 
703 N  N   . HIS A 128 ? 0.8094 0.7672 0.8416 0.0233  0.1239 -0.0476 126 HIS A N   
704 C  CA  . HIS A 128 ? 0.8128 0.8310 0.8342 0.0201  0.1122 -0.0550 126 HIS A CA  
705 C  C   . HIS A 128 ? 0.7927 0.7882 0.8027 0.0287  0.1002 -0.0252 126 HIS A C   
706 O  O   . HIS A 128 ? 0.7919 0.8135 0.8043 0.0249  0.0974 -0.0343 126 HIS A O   
707 C  CB  . HIS A 128 ? 0.8399 0.9262 0.8438 0.0256  0.1031 -0.0448 126 HIS A CB  
708 C  CG  . HIS A 128 ? 0.8868 1.0683 0.8832 0.0289  0.0950 -0.0453 126 HIS A CG  
709 N  ND1 . HIS A 128 ? 0.9063 1.1733 0.8907 0.0431  0.0897 -0.0172 126 HIS A ND1 
710 C  CD2 . HIS A 128 ? 0.9075 1.1248 0.9091 0.0238  0.0933 -0.0642 126 HIS A CD2 
711 C  CE1 . HIS A 128 ? 0.9215 1.2837 0.9026 0.0491  0.0852 -0.0160 126 HIS A CE1 
712 N  NE2 . HIS A 128 ? 0.9215 1.2523 0.9111 0.0358  0.0858 -0.0480 126 HIS A NE2 
713 N  N   . ILE A 129 ? 0.7652 0.7189 0.7695 0.0393  0.0943 0.0031  127 ILE A N   
714 C  CA  . ILE A 129 ? 0.7466 0.6846 0.7530 0.0457  0.0858 0.0193  127 ILE A CA  
715 C  C   . ILE A 129 ? 0.7614 0.6783 0.7725 0.0433  0.0923 0.0067  127 ILE A C   
716 O  O   . ILE A 129 ? 0.7672 0.6974 0.7792 0.0406  0.0882 0.0043  127 ILE A O   
717 C  CB  . ILE A 129 ? 0.7151 0.6303 0.7315 0.0551  0.0807 0.0346  127 ILE A CB  
718 C  CG1 . ILE A 129 ? 0.6848 0.6228 0.7189 0.0593  0.0793 0.0567  127 ILE A CG1 
719 C  CG2 . ILE A 129 ? 0.6976 0.6021 0.7258 0.0598  0.0757 0.0329  127 ILE A CG2 
720 C  CD1 . ILE A 129 ? 0.6332 0.5517 0.6898 0.0639  0.0810 0.0599  127 ILE A CD1 
721 N  N   . LEU A 130 ? 0.7601 0.6506 0.7803 0.0469  0.1060 0.0052  128 LEU A N   
722 C  CA  . LEU A 130 ? 0.7588 0.6351 0.7962 0.0508  0.1194 0.0074  128 LEU A CA  
723 C  C   . LEU A 130 ? 0.7788 0.6646 0.8403 0.0357  0.1306 -0.0186 128 LEU A C   
724 O  O   . LEU A 130 ? 0.7784 0.6607 0.8507 0.0365  0.1340 -0.0169 128 LEU A O   
725 C  CB  . LEU A 130 ? 0.7456 0.6066 0.8030 0.0637  0.1406 0.0245  128 LEU A CB  
726 C  CG  . LEU A 130 ? 0.7313 0.6052 0.7687 0.0815  0.1310 0.0443  128 LEU A CG  
727 C  CD1 . LEU A 130 ? 0.7155 0.5936 0.7757 0.0997  0.1559 0.0708  128 LEU A CD1 
728 C  CD2 . LEU A 130 ? 0.7194 0.6180 0.7430 0.0911  0.1143 0.0467  128 LEU A CD2 
729 N  N   . THR A 131 ? 0.7894 0.6991 0.8644 0.0217  0.1366 -0.0486 129 THR A N   
730 C  CA  . THR A 131 ? 0.7926 0.7351 0.9014 0.0047  0.1478 -0.0913 129 THR A CA  
731 C  C   . THR A 131 ? 0.7800 0.7655 0.8592 0.0037  0.1260 -0.0908 129 THR A C   
732 O  O   . THR A 131 ? 0.7866 0.7807 0.8865 -0.0031 0.1316 -0.1081 129 THR A O   
733 C  CB  . THR A 131 ? 0.7996 0.7860 0.9313 -0.0093 0.1571 -0.1353 129 THR A CB  
734 O  OG1 . THR A 131 ? 0.8225 0.7671 1.0156 -0.0130 0.1901 -0.1476 129 THR A OG1 
735 C  CG2 . THR A 131 ? 0.8022 0.8702 0.9540 -0.0257 0.1565 -0.1901 129 THR A CG2 
736 N  N   . HIS A 132 ? 0.7615 0.7756 0.8023 0.0123  0.1054 -0.0665 130 HIS A N   
737 C  CA  . HIS A 132 ? 0.7469 0.8036 0.7694 0.0176  0.0896 -0.0497 130 HIS A CA  
738 C  C   . HIS A 132 ? 0.7343 0.7414 0.7570 0.0231  0.0864 -0.0311 130 HIS A C   
739 O  O   . HIS A 132 ? 0.7314 0.7591 0.7595 0.0188  0.0853 -0.0414 130 HIS A O   
740 C  CB  . HIS A 132 ? 0.7452 0.8288 0.7507 0.0311  0.0787 -0.0121 130 HIS A CB  
741 C  CG  . HIS A 132 ? 0.7453 0.8718 0.7501 0.0424  0.0705 0.0206  130 HIS A CG  
742 N  ND1 . HIS A 132 ? 0.7621 0.9822 0.7633 0.0435  0.0683 0.0132  130 HIS A ND1 
743 C  CD2 . HIS A 132 ? 0.7360 0.8335 0.7553 0.0545  0.0678 0.0601  130 HIS A CD2 
744 C  CE1 . HIS A 132 ? 0.7487 0.9919 0.7579 0.0589  0.0652 0.0584  130 HIS A CE1 
745 N  NE2 . HIS A 132 ? 0.7471 0.9102 0.7739 0.0643  0.0668 0.0857  130 HIS A NE2 
746 N  N   . LEU A 133 ? 0.7053 0.6607 0.7243 0.0327  0.0853 -0.0095 131 LEU A N   
747 C  CA  . LEU A 133 ? 0.6994 0.6293 0.7191 0.0405  0.0810 0.0033  131 LEU A CA  
748 C  C   . LEU A 133 ? 0.7306 0.6455 0.7654 0.0380  0.0946 -0.0068 131 LEU A C   
749 O  O   . LEU A 133 ? 0.7439 0.6582 0.7783 0.0413  0.0900 -0.0014 131 LEU A O   
750 C  CB  . LEU A 133 ? 0.6667 0.5756 0.6852 0.0522  0.0773 0.0162  131 LEU A CB  
751 C  CG  . LEU A 133 ? 0.6472 0.5643 0.6746 0.0553  0.0687 0.0270  131 LEU A CG  
752 C  CD1 . LEU A 133 ? 0.6308 0.5392 0.6699 0.0640  0.0667 0.0221  131 LEU A CD1 
753 C  CD2 . LEU A 133 ? 0.6265 0.5611 0.6717 0.0564  0.0637 0.0399  131 LEU A CD2 
754 N  N   . THR A 134 ? 0.7380 0.6409 0.7981 0.0332  0.1154 -0.0192 132 THR A N   
755 C  CA  . THR A 134 ? 0.7476 0.6368 0.8493 0.0305  0.1391 -0.0263 132 THR A CA  
756 C  C   . THR A 134 ? 0.7651 0.6829 0.8763 0.0156  0.1352 -0.0551 132 THR A C   
757 O  O   . THR A 134 ? 0.7818 0.6908 0.9083 0.0178  0.1413 -0.0496 132 THR A O   
758 C  CB  . THR A 134 ? 0.7560 0.6291 0.9119 0.0253  0.1712 -0.0391 132 THR A CB  
759 O  OG1 . THR A 134 ? 0.7337 0.5884 0.8809 0.0441  0.1766 -0.0036 132 THR A OG1 
760 C  CG2 . THR A 134 ? 0.7462 0.6038 0.9756 0.0216  0.2059 -0.0466 132 THR A CG2 
761 N  N   . ARG A 135 ? 0.7774 0.7437 0.8797 0.0031  0.1253 -0.0841 133 ARG A N   
762 C  CA  . ARG A 135 ? 0.7833 0.8054 0.8896 -0.0077 0.1187 -0.1122 133 ARG A CA  
763 C  C   . ARG A 135 ? 0.7608 0.7836 0.8307 0.0041  0.0978 -0.0774 133 ARG A C   
764 O  O   . ARG A 135 ? 0.7548 0.7902 0.8348 0.0000  0.0981 -0.0869 133 ARG A O   
765 C  CB  . ARG A 135 ? 0.7974 0.9054 0.8970 -0.0159 0.1114 -0.1443 133 ARG A CB  
766 C  CG  . ARG A 135 ? 0.8502 1.0426 0.9777 -0.0307 0.1149 -0.1977 133 ARG A CG  
767 C  CD  . ARG A 135 ? 0.8832 1.1872 0.9698 -0.0210 0.0926 -0.1874 133 ARG A CD  
768 N  NE  . ARG A 135 ? 0.9094 1.2481 0.9666 -0.0086 0.0841 -0.1607 133 ARG A NE  
769 C  CZ  . ARG A 135 ? 0.9165 1.3158 0.9408 0.0121  0.0697 -0.1095 133 ARG A CZ  
770 N  NH1 . ARG A 135 ? 0.9159 1.3470 0.9311 0.0232  0.0616 -0.0788 133 ARG A NH1 
771 N  NH2 . ARG A 135 ? 0.9282 1.3557 0.9381 0.0240  0.0674 -0.0827 133 ARG A NH2 
772 N  N   . LYS A 136 ? 0.7417 0.7507 0.7819 0.0176  0.0832 -0.0413 134 LYS A N   
773 C  CA  . LYS A 136 ? 0.7397 0.7514 0.7671 0.0277  0.0692 -0.0131 134 LYS A CA  
774 C  C   . LYS A 136 ? 0.7317 0.6996 0.7643 0.0325  0.0713 -0.0071 134 LYS A C   
775 O  O   . LYS A 136 ? 0.7267 0.7051 0.7606 0.0327  0.0665 -0.0047 134 LYS A O   
776 C  CB  . LYS A 136 ? 0.7366 0.7463 0.7600 0.0390  0.0615 0.0168  134 LYS A CB  
777 C  CG  . LYS A 136 ? 0.7556 0.8147 0.7742 0.0393  0.0622 0.0201  134 LYS A CG  
778 C  CD  . LYS A 136 ? 0.7746 0.8993 0.8002 0.0516  0.0587 0.0544  134 LYS A CD  
779 C  CE  . LYS A 136 ? 0.7948 0.9895 0.8142 0.0485  0.0562 0.0409  134 LYS A CE  
780 N  NZ  . LYS A 136 ? 0.8168 1.0553 0.8523 0.0666  0.0559 0.0898  134 LYS A NZ  
781 N  N   . ALA A 137 ? 0.7216 0.6542 0.7578 0.0390  0.0796 -0.0022 135 ALA A N   
782 C  CA  . ALA A 137 ? 0.7131 0.6295 0.7569 0.0487  0.0865 0.0070  135 ALA A CA  
783 C  C   . ALA A 137 ? 0.7337 0.6513 0.8009 0.0403  0.1000 -0.0045 135 ALA A C   
784 O  O   . ALA A 137 ? 0.7466 0.6652 0.8139 0.0460  0.0977 0.0038  135 ALA A O   
785 C  CB  . ALA A 137 ? 0.7054 0.6108 0.7553 0.0620  0.0995 0.0211  135 ALA A CB  
786 N  N   . GLN A 138 ? 0.7455 0.6690 0.8412 0.0253  0.1155 -0.0301 136 GLN A N   
787 C  CA  . GLN A 138 ? 0.7648 0.6964 0.8999 0.0138  0.1310 -0.0530 136 GLN A CA  
788 C  C   . GLN A 138 ? 0.7520 0.7199 0.8622 0.0089  0.1099 -0.0610 136 GLN A C   
789 O  O   . GLN A 138 ? 0.7558 0.7218 0.8822 0.0077  0.1150 -0.0628 136 GLN A O   
790 C  CB  . GLN A 138 ? 0.7755 0.7219 0.9662 -0.0053 0.1544 -0.0978 136 GLN A CB  
791 C  CG  . GLN A 138 ? 0.8198 0.7262 1.0623 -0.0001 0.1867 -0.0871 136 GLN A CG  
792 C  CD  . GLN A 138 ? 0.8570 0.7827 1.1687 -0.0226 0.2118 -0.1448 136 GLN A CD  
793 O  OE1 . GLN A 138 ? 0.8858 0.7920 1.2925 -0.0302 0.2521 -0.1633 136 GLN A OE1 
794 N  NE2 . GLN A 138 ? 0.8410 0.8136 1.1178 -0.0324 0.1917 -0.1753 136 GLN A NE2 
795 N  N   . GLU A 139 ? 0.7400 0.7455 0.8173 0.0092  0.0899 -0.0588 137 GLU A N   
796 C  CA  . GLU A 139 ? 0.7334 0.7862 0.7942 0.0103  0.0741 -0.0539 137 GLU A CA  
797 C  C   . GLU A 139 ? 0.7116 0.7313 0.7601 0.0232  0.0647 -0.0219 137 GLU A C   
798 O  O   . GLU A 139 ? 0.7122 0.7516 0.7621 0.0230  0.0600 -0.0205 137 GLU A O   
799 C  CB  . GLU A 139 ? 0.7411 0.8570 0.7840 0.0144  0.0631 -0.0450 137 GLU A CB  
800 C  CG  . GLU A 139 ? 0.7858 0.9831 0.8422 0.0010  0.0689 -0.0911 137 GLU A CG  
801 C  CD  . GLU A 139 ? 0.8102 1.0798 0.8482 0.0100  0.0616 -0.0775 137 GLU A CD  
802 O  OE1 . GLU A 139 ? 0.8219 1.0727 0.8449 0.0271  0.0548 -0.0251 137 GLU A OE1 
803 O  OE2 . GLU A 139 ? 0.8148 1.1681 0.8638 0.0004  0.0657 -0.1223 137 GLU A OE2 
805 C  CA  . VAL A 140 ? 0.6555 0.6188 0.6981 0.0448  0.0561 0.0109  138 VAL A CA  
806 C  C   . VAL A 140 ? 0.6659 0.6191 0.7150 0.0462  0.0646 0.0072  138 VAL A C   
807 O  O   . VAL A 140 ? 0.6656 0.6247 0.7157 0.0496  0.0585 0.0111  138 VAL A O   
808 C  CB  . VAL A 140 ? 0.6447 0.5919 0.6885 0.0555  0.0535 0.0164  138 VAL A CB  
809 C  CG1 . VAL A 140 ? 0.6002 0.5525 0.6545 0.0652  0.0483 0.0140  138 VAL A CG1 
810 C  CG2 . VAL A 140 ? 0.6050 0.5578 0.6573 0.0553  0.0493 0.0240  138 VAL A CG2 
811 N  N   . THR A 141 ? 0.6720 0.6108 0.7359 0.0455  0.0827 0.0043  139 THR A N   
812 C  CA  . THR A 141 ? 0.6740 0.6056 0.7618 0.0510  0.1000 0.0121  139 THR A CA  
813 C  C   . THR A 141 ? 0.6820 0.6253 0.7852 0.0363  0.1011 -0.0073 139 THR A C   
814 O  O   . THR A 141 ? 0.6826 0.6278 0.7875 0.0419  0.1003 0.0015  139 THR A O   
815 C  CB  . THR A 141 ? 0.6773 0.5921 0.8046 0.0544  0.1302 0.0202  139 THR A CB  
816 O  OG1 . THR A 141 ? 0.6849 0.6015 0.7944 0.0703  0.1283 0.0402  139 THR A OG1 
817 C  CG2 . THR A 141 ? 0.6718 0.5833 0.8408 0.0659  0.1562 0.0427  139 THR A CG2 
818 N  N   . ARG A 142 ? 0.7000 0.6644 0.8151 0.0185  0.1027 -0.0377 140 ARG A N   
819 C  CA  . ARG A 142 ? 0.7224 0.7245 0.8531 0.0042  0.1018 -0.0662 140 ARG A CA  
820 C  C   . ARG A 142 ? 0.7099 0.7339 0.8048 0.0118  0.0785 -0.0473 140 ARG A C   
821 O  O   . ARG A 142 ? 0.7032 0.7369 0.8078 0.0094  0.0791 -0.0518 140 ARG A O   
822 C  CB  . ARG A 142 ? 0.7524 0.8084 0.8971 -0.0127 0.1036 -0.1086 140 ARG A CB  
823 C  CG  . ARG A 142 ? 0.8219 0.9392 1.0022 -0.0301 0.1099 -0.1571 140 ARG A CG  
824 C  CD  . ARG A 142 ? 0.8863 0.9616 1.1428 -0.0401 0.1436 -0.1787 140 ARG A CD  
825 N  NE  . ARG A 142 ? 0.9288 1.0371 1.2207 -0.0516 0.1496 -0.2093 140 ARG A NE  
826 C  CZ  . ARG A 142 ? 0.9604 1.1132 1.3327 -0.0751 0.1732 -0.2785 140 ARG A CZ  
827 N  NH1 . ARG A 142 ? 0.9704 1.1414 1.3983 -0.0900 0.1935 -0.3268 140 ARG A NH1 
828 N  NH2 . ARG A 142 ? 0.9658 1.1503 1.3726 -0.0851 0.1784 -0.3070 140 ARG A NH2 
829 N  N   . LYS A 143 ? 0.6947 0.7241 0.7612 0.0216  0.0625 -0.0245 141 LYS A N   
830 C  CA  . LYS A 143 ? 0.6932 0.7422 0.7491 0.0302  0.0487 -0.0025 141 LYS A CA  
831 C  C   . LYS A 143 ? 0.6826 0.6982 0.7419 0.0379  0.0479 0.0069  141 LYS A C   
832 O  O   . LYS A 143 ? 0.6783 0.7107 0.7410 0.0382  0.0440 0.0101  141 LYS A O   
833 C  CB  . LYS A 143 ? 0.7018 0.7569 0.7548 0.0402  0.0422 0.0224  141 LYS A CB  
834 C  CG  . LYS A 143 ? 0.7324 0.8044 0.8025 0.0518  0.0381 0.0524  141 LYS A CG  
835 C  CD  . LYS A 143 ? 0.7556 0.9027 0.8317 0.0597  0.0387 0.0797  141 LYS A CD  
836 C  CE  . LYS A 143 ? 0.7683 0.9803 0.8380 0.0584  0.0357 0.0761  141 LYS A CE  
837 N  NZ  . LYS A 143 ? 0.7544 0.9548 0.8453 0.0674  0.0364 0.1001  141 LYS A NZ  
838 N  N   . TYR A 144 ? 0.6789 0.6620 0.7376 0.0461  0.0520 0.0107  142 TYR A N   
839 C  CA  . TYR A 144 ? 0.6816 0.6580 0.7429 0.0571  0.0521 0.0164  142 TYR A CA  
840 C  C   . TYR A 144 ? 0.7022 0.6796 0.7742 0.0535  0.0627 0.0146  142 TYR A C   
841 O  O   . TYR A 144 ? 0.7012 0.6860 0.7739 0.0581  0.0582 0.0183  142 TYR A O   
842 C  CB  . TYR A 144 ? 0.6674 0.6415 0.7259 0.0711  0.0570 0.0212  142 TYR A CB  
843 C  CG  . TYR A 144 ? 0.6658 0.6651 0.7258 0.0870  0.0550 0.0234  142 TYR A CG  
844 C  CD1 . TYR A 144 ? 0.6647 0.6760 0.7300 0.0979  0.0695 0.0406  142 TYR A CD1 
845 C  CD2 . TYR A 144 ? 0.6504 0.6714 0.7194 0.0924  0.0427 0.0060  142 TYR A CD2 
846 C  CE1 . TYR A 144 ? 0.6596 0.7148 0.7233 0.1166  0.0676 0.0448  142 TYR A CE1 
847 C  CE2 . TYR A 144 ? 0.6392 0.7039 0.7134 0.1069  0.0405 -0.0037 142 TYR A CE2 
848 C  CZ  . TYR A 144 ? 0.6572 0.7445 0.7208 0.1204  0.0508 0.0178  142 TYR A CZ  
849 O  OH  . TYR A 144 ? 0.6666 0.8179 0.7325 0.1389  0.0485 0.0104  142 TYR A OH  
850 N  N   . GLN A 145 ? 0.7279 0.6973 0.8207 0.0449  0.0808 0.0062  143 GLN A N   
851 C  CA  . GLN A 145 ? 0.7385 0.7071 0.8652 0.0387  0.0985 -0.0004 143 GLN A CA  
852 C  C   . GLN A 145 ? 0.7374 0.7347 0.8586 0.0262  0.0855 -0.0191 143 GLN A C   
853 O  O   . GLN A 145 ? 0.7252 0.7245 0.8554 0.0282  0.0876 -0.0153 143 GLN A O   
854 C  CB  . GLN A 145 ? 0.7476 0.7038 0.9255 0.0283  0.1274 -0.0159 143 GLN A CB  
855 C  CG  . GLN A 145 ? 0.7531 0.6877 0.9511 0.0479  0.1495 0.0187  143 GLN A CG  
856 C  CD  . GLN A 145 ? 0.7767 0.6932 1.0381 0.0386  0.1822 0.0065  143 GLN A CD  
857 O  OE1 . GLN A 145 ? 0.7656 0.6911 1.0450 0.0153  0.1822 -0.0388 143 GLN A OE1 
858 N  NE2 . GLN A 145 ? 0.7765 0.6803 1.0791 0.0596  0.2132 0.0484  143 GLN A NE2 
859 N  N   . GLU A 146 ? 0.7498 0.7803 0.8560 0.0175  0.0728 -0.0334 144 GLU A N   
860 C  CA  . GLU A 146 ? 0.7776 0.8614 0.8773 0.0120  0.0610 -0.0423 144 GLU A CA  
861 C  C   . GLU A 146 ? 0.7821 0.8570 0.8650 0.0257  0.0481 -0.0122 144 GLU A C   
862 O  O   . GLU A 146 ? 0.7844 0.8713 0.8740 0.0244  0.0476 -0.0145 144 GLU A O   
863 C  CB  . GLU A 146 ? 0.7937 0.9382 0.8812 0.0089  0.0526 -0.0501 144 GLU A CB  
864 C  CG  . GLU A 146 ? 0.8446 1.0418 0.9610 -0.0101 0.0643 -0.1029 144 GLU A CG  
865 C  CD  . GLU A 146 ? 0.8725 1.1404 0.9743 -0.0094 0.0572 -0.1111 144 GLU A CD  
866 O  OE1 . GLU A 146 ? 0.8959 1.1855 0.9680 0.0078  0.0442 -0.0672 144 GLU A OE1 
867 O  OE2 . GLU A 146 ? 0.8860 1.1944 1.0170 -0.0255 0.0684 -0.1627 144 GLU A OE2 
869 C  CA  . MSE A 147 ? 0.7877 0.8331 0.8665 0.0493  0.0339 0.0291  145 MSE A CA  
870 C  C   . MSE A 147 ? 0.7888 0.8181 0.8700 0.0529  0.0357 0.0245  145 MSE A C   
871 O  O   . MSE A 147 ? 0.7815 0.8198 0.8721 0.0571  0.0313 0.0315  145 MSE A O   
872 C  CB  . MSE A 147 ? 0.7908 0.8135 0.8798 0.0580  0.0326 0.0352  145 MSE A CB  
873 C  CG  . MSE A 147 ? 0.8069 0.8463 0.9084 0.0603  0.0331 0.0529  145 MSE A CG  
874 SE SE  . MSE A 147 ? 0.8529 0.8589 0.9753 0.0659  0.0356 0.0446  145 MSE A SE  
875 C  CE  . MSE A 147 ? 0.7665 0.7660 0.9140 0.0726  0.0342 0.0203  145 MSE A CE  
876 N  N   . THR A 148 ? 0.8041 0.8154 0.8830 0.0547  0.0451 0.0189  146 THR A N   
877 C  CA  . THR A 148 ? 0.8254 0.8366 0.9085 0.0645  0.0494 0.0238  146 THR A CA  
878 C  C   . THR A 148 ? 0.8688 0.8791 0.9691 0.0555  0.0638 0.0205  146 THR A C   
879 O  O   . THR A 148 ? 0.8775 0.8853 0.9927 0.0653  0.0781 0.0331  146 THR A O   
880 C  CB  . THR A 148 ? 0.8136 0.8297 0.8935 0.0814  0.0555 0.0315  146 THR A CB  
881 O  OG1 . THR A 148 ? 0.8333 0.8357 0.9217 0.0798  0.0723 0.0391  146 THR A OG1 
882 C  CG2 . THR A 148 ? 0.7963 0.8223 0.8735 0.0868  0.0430 0.0199  146 THR A CG2 
883 N  N   . GLY A 149 ? 0.9087 0.9344 1.0160 0.0386  0.0628 0.0025  147 GLY A N   
884 C  CA  . GLY A 149 ? 0.9590 0.9976 1.0985 0.0248  0.0769 -0.0182 147 GLY A CA  
885 C  C   . GLY A 149 ? 1.0104 1.0233 1.1995 0.0230  0.1077 -0.0206 147 GLY A C   
886 O  O   . GLY A 149 ? 1.0253 1.0382 1.2554 0.0184  0.1248 -0.0266 147 GLY A O   
887 N  N   . GLN A 150 ? 1.0469 1.0391 1.2438 0.0283  0.1192 -0.0115 148 GLN A N   
888 C  CA  . GLN A 150 ? 1.0939 1.0639 1.3599 0.0283  0.1576 -0.0073 148 GLN A CA  
889 C  C   . GLN A 150 ? 1.1201 1.1021 1.4490 0.0001  0.1762 -0.0617 148 GLN A C   
890 O  O   . GLN A 150 ? 1.1404 1.1056 1.5591 -0.0058 0.2159 -0.0704 148 GLN A O   
891 C  CB  . GLN A 150 ? 1.1034 1.0567 1.3625 0.0468  0.1668 0.0249  148 GLN A CB  
892 C  CG  . GLN A 150 ? 1.1148 1.0815 1.3475 0.0787  0.1651 0.0740  148 GLN A CG  
893 C  CD  . GLN A 150 ? 1.1191 1.0955 1.3238 0.0964  0.1607 0.0946  148 GLN A CD  
894 O  OE1 . GLN A 150 ? 1.1401 1.1025 1.3820 0.0988  0.1853 0.1060  148 GLN A OE1 
895 N  NE2 . GLN A 150 ? 1.1063 1.1109 1.2556 0.1082  0.1318 0.0945  148 GLN A NE2 
896 N  N   . VAL A 151 ? 1.1317 1.1541 1.4258 -0.0152 0.1518 -0.0990 149 VAL A N   
897 C  CA  . VAL A 151 ? 1.1556 1.2274 1.5042 -0.0421 0.1632 -0.1661 149 VAL A CA  
898 C  C   . VAL A 151 ? 1.1492 1.2979 1.4532 -0.0486 0.1331 -0.1892 149 VAL A C   
899 O  O   . VAL A 151 ? 1.1463 1.3441 1.3996 -0.0457 0.1096 -0.1893 149 VAL A O   
900 C  CB  . VAL A 151 ? 1.1668 1.2504 1.5321 -0.0521 0.1705 -0.1956 149 VAL A CB  
901 C  CG1 . VAL A 151 ? 1.1856 1.3095 1.6566 -0.0806 0.2027 -0.2750 149 VAL A CG1 
902 C  CG2 . VAL A 151 ? 1.1767 1.1914 1.5417 -0.0342 0.1851 -0.1468 149 VAL A CG2 
# 
